data_7Q9E
#
_entry.id   7Q9E
#
_cell.length_a   63.690
_cell.length_b   82.870
_cell.length_c   84.860
_cell.angle_alpha   95.360
_cell.angle_beta   90.000
_cell.angle_gamma   90.000
#
_symmetry.space_group_name_H-M   'P 1'
#
loop_
_entity.id
_entity.type
_entity.pdbx_description
1 polymer 'Cytochrome P450'
2 non-polymer 'PROTOPORPHYRIN IX CONTAINING FE'
3 non-polymer 'SULFATE ION'
4 non-polymer 'DIMETHYL SULFOXIDE'
5 non-polymer DI(HYDROXYETHYL)ETHER
6 non-polymer 'COBALT (II) ION'
7 non-polymer IMIDAZOLE
8 non-polymer 'HYDROGEN PEROXIDE'
9 water water
#
_entity_poly.entity_id   1
_entity_poly.type   'polypeptide(L)'
_entity_poly.pdbx_seq_one_letter_code
;MNKEVIPVTEIPKFQSRAEEFFPIQWYKEMLNNSPVYFHEETNTWNVFQYEHVKQVLSDYEFFSSDGQRTTIFVGDNSKK
KSTSPITNLTNLDPPDHRKARSLLAAAFTHRSLKNWEPRIKQIAADLVEAIQKNPTINIVDDLSSPFPSLVIADLFGVPV
KDRYQFKKWVDILFQPYDQERLEEIEQEKQRAGAEYFQYLYPIVIEKRSNLSDDIISDLIQAEFDGETFTDEEIVHATML
LLGAGVETTSHAIANMFYSFLYDDKSLYSELRNNRELAPKAVEEMLRYRFHISRRDRTVKQDNELLGVKLKKGDVVIAWM
SACNMDETMFENPFSVDIHRPTNKKHLTFGNGPHFCLGAPLARLEMKIILEAFLEAFSHIEPFEDFELEPHLTASATGQS
LTYLPMTVYRHHHHHH
;
_entity_poly.pdbx_strand_id   A,B,C,D
#
# COMPACT_ATOMS: atom_id res chain seq x y z
N GLU A 4 -11.86 21.35 -32.13
CA GLU A 4 -11.88 22.71 -32.73
C GLU A 4 -10.97 23.64 -31.92
N VAL A 5 -9.84 24.08 -32.51
CA VAL A 5 -8.94 25.08 -31.89
C VAL A 5 -9.63 26.45 -31.89
N ILE A 6 -9.85 27.03 -30.70
CA ILE A 6 -10.45 28.40 -30.51
C ILE A 6 -9.31 29.41 -30.55
N PRO A 7 -9.34 30.40 -31.47
CA PRO A 7 -8.34 31.46 -31.48
C PRO A 7 -8.64 32.49 -30.38
N VAL A 8 -8.09 32.29 -29.19
CA VAL A 8 -8.32 33.15 -27.99
C VAL A 8 -7.80 34.57 -28.26
N THR A 9 -6.92 34.76 -29.25
CA THR A 9 -6.39 36.08 -29.67
C THR A 9 -7.53 37.02 -30.12
N GLU A 10 -8.66 36.47 -30.58
CA GLU A 10 -9.77 37.26 -31.16
C GLU A 10 -10.71 37.82 -30.08
N ILE A 11 -10.56 37.42 -28.81
CA ILE A 11 -11.48 37.91 -27.73
C ILE A 11 -11.11 39.34 -27.35
N PRO A 12 -9.87 39.64 -26.88
CA PRO A 12 -9.52 41.02 -26.63
C PRO A 12 -9.32 41.89 -27.89
N LYS A 13 -9.02 41.31 -29.05
CA LYS A 13 -8.57 42.07 -30.26
C LYS A 13 -7.71 43.28 -29.86
N PHE A 14 -6.48 43.05 -29.41
CA PHE A 14 -5.55 44.12 -28.96
C PHE A 14 -5.11 44.95 -30.18
N GLN A 15 -4.91 46.25 -30.02
CA GLN A 15 -4.51 47.17 -31.12
C GLN A 15 -3.00 47.13 -31.35
N SER A 16 -2.21 46.62 -30.39
CA SER A 16 -0.73 46.68 -30.43
C SER A 16 -0.16 45.41 -29.79
N ARG A 17 1.01 44.98 -30.22
CA ARG A 17 1.78 43.91 -29.51
C ARG A 17 2.01 44.36 -28.06
N ALA A 18 2.34 45.65 -27.83
CA ALA A 18 2.67 46.21 -26.50
C ALA A 18 1.48 45.98 -25.55
N GLU A 19 0.27 46.22 -26.02
CA GLU A 19 -0.93 46.03 -25.16
C GLU A 19 -1.07 44.54 -24.80
N GLU A 20 -0.92 43.65 -25.78
CA GLU A 20 -1.08 42.18 -25.56
C GLU A 20 0.00 41.69 -24.58
N PHE A 21 1.15 42.33 -24.58
CA PHE A 21 2.30 41.98 -23.69
C PHE A 21 1.95 42.30 -22.24
N PHE A 22 1.17 43.36 -21.99
CA PHE A 22 0.81 43.83 -20.63
C PHE A 22 -0.59 44.44 -20.65
N PRO A 23 -1.66 43.64 -20.75
CA PRO A 23 -2.99 44.22 -21.01
C PRO A 23 -3.78 44.66 -19.77
N ILE A 24 -3.17 45.48 -18.92
CA ILE A 24 -3.77 45.88 -17.62
C ILE A 24 -5.01 46.75 -17.86
N GLN A 25 -5.01 47.61 -18.89
CA GLN A 25 -6.20 48.43 -19.24
C GLN A 25 -7.39 47.51 -19.59
N TRP A 26 -7.17 46.47 -20.40
CA TRP A 26 -8.24 45.52 -20.81
C TRP A 26 -8.68 44.71 -19.57
N TYR A 27 -7.75 44.28 -18.69
CA TYR A 27 -8.15 43.54 -17.46
C TYR A 27 -9.08 44.43 -16.63
N LYS A 28 -8.72 45.71 -16.48
CA LYS A 28 -9.48 46.65 -15.62
C LYS A 28 -10.87 46.82 -16.23
N GLU A 29 -10.95 46.95 -17.56
CA GLU A 29 -12.25 47.09 -18.29
C GLU A 29 -13.11 45.85 -18.07
N MET A 30 -12.51 44.66 -18.18
CA MET A 30 -13.31 43.42 -18.09
C MET A 30 -13.77 43.27 -16.63
N LEU A 31 -12.91 43.53 -15.65
CA LEU A 31 -13.24 43.32 -14.21
C LEU A 31 -14.37 44.28 -13.79
N ASN A 32 -14.32 45.53 -14.27
CA ASN A 32 -15.22 46.64 -13.88
C ASN A 32 -16.55 46.56 -14.66
N ASN A 33 -16.55 46.05 -15.89
CA ASN A 33 -17.70 46.26 -16.79
C ASN A 33 -18.26 44.94 -17.33
N SER A 34 -17.47 43.85 -17.29
CA SER A 34 -17.85 42.62 -18.01
C SER A 34 -17.15 41.40 -17.40
N PRO A 35 -17.29 41.13 -16.08
CA PRO A 35 -16.41 40.13 -15.47
C PRO A 35 -16.79 38.70 -15.88
N VAL A 36 -18.05 38.49 -16.30
CA VAL A 36 -18.50 37.18 -16.84
C VAL A 36 -19.11 37.46 -18.20
N TYR A 37 -18.35 37.17 -19.24
CA TYR A 37 -18.46 37.81 -20.58
C TYR A 37 -18.63 36.71 -21.63
N PHE A 38 -19.77 36.76 -22.33
CA PHE A 38 -20.04 35.85 -23.45
C PHE A 38 -19.53 36.49 -24.73
N HIS A 39 -18.63 35.78 -25.41
CA HIS A 39 -18.01 36.24 -26.67
C HIS A 39 -18.63 35.49 -27.83
N GLU A 40 -19.55 36.15 -28.55
CA GLU A 40 -20.43 35.52 -29.56
C GLU A 40 -19.57 34.92 -30.68
N GLU A 41 -18.56 35.64 -31.16
CA GLU A 41 -17.73 35.24 -32.32
C GLU A 41 -17.01 33.90 -32.04
N THR A 42 -16.48 33.68 -30.84
CA THR A 42 -15.76 32.41 -30.51
C THR A 42 -16.70 31.43 -29.81
N ASN A 43 -17.89 31.89 -29.40
CA ASN A 43 -18.88 31.05 -28.67
C ASN A 43 -18.22 30.59 -27.35
N THR A 44 -17.59 31.51 -26.63
CA THR A 44 -16.95 31.26 -25.33
C THR A 44 -17.53 32.17 -24.26
N TRP A 45 -17.59 31.63 -23.06
CA TRP A 45 -17.77 32.39 -21.81
C TRP A 45 -16.38 32.68 -21.26
N ASN A 46 -16.23 33.84 -20.62
CA ASN A 46 -14.93 34.42 -20.22
C ASN A 46 -15.07 34.95 -18.81
N VAL A 47 -14.22 34.47 -17.89
CA VAL A 47 -14.34 34.92 -16.48
C VAL A 47 -13.02 35.51 -16.03
N PHE A 48 -13.13 36.58 -15.25
CA PHE A 48 -11.98 37.45 -14.91
C PHE A 48 -11.80 37.60 -13.41
N GLN A 49 -12.85 37.39 -12.62
CA GLN A 49 -12.79 37.63 -11.16
C GLN A 49 -12.14 36.42 -10.51
N TYR A 50 -11.41 36.68 -9.46
CA TYR A 50 -10.65 35.64 -8.73
C TYR A 50 -11.54 34.45 -8.34
N GLU A 51 -12.72 34.70 -7.77
CA GLU A 51 -13.52 33.57 -7.21
C GLU A 51 -14.09 32.73 -8.37
N HIS A 52 -14.38 33.32 -9.51
CA HIS A 52 -14.90 32.59 -10.71
C HIS A 52 -13.74 31.81 -11.37
N VAL A 53 -12.63 32.48 -11.59
CA VAL A 53 -11.45 31.80 -12.20
C VAL A 53 -11.06 30.60 -11.35
N LYS A 54 -10.98 30.78 -10.04
CA LYS A 54 -10.58 29.66 -9.16
C LYS A 54 -11.59 28.51 -9.27
N GLN A 55 -12.88 28.81 -9.33
CA GLN A 55 -13.92 27.75 -9.43
C GLN A 55 -13.78 27.03 -10.77
N VAL A 56 -13.62 27.73 -11.89
CA VAL A 56 -13.47 27.08 -13.22
C VAL A 56 -12.23 26.18 -13.21
N LEU A 57 -11.13 26.63 -12.64
CA LEU A 57 -9.87 25.84 -12.74
C LEU A 57 -9.98 24.54 -11.97
N SER A 58 -10.69 24.51 -10.84
CA SER A 58 -10.62 23.41 -9.84
C SER A 58 -11.86 22.52 -9.81
N ASP A 59 -13.05 23.03 -10.17
CA ASP A 59 -14.31 22.27 -9.92
C ASP A 59 -14.56 21.35 -11.13
N TYR A 60 -13.83 20.26 -11.24
CA TYR A 60 -13.82 19.46 -12.50
C TYR A 60 -15.14 18.73 -12.68
N GLU A 61 -15.91 18.55 -11.60
CA GLU A 61 -17.28 17.95 -11.67
C GLU A 61 -18.19 18.79 -12.57
N PHE A 62 -17.97 20.11 -12.63
CA PHE A 62 -18.73 21.05 -13.46
C PHE A 62 -17.91 21.59 -14.64
N PHE A 63 -16.58 21.64 -14.54
CA PHE A 63 -15.73 22.30 -15.56
C PHE A 63 -14.64 21.30 -15.90
N SER A 64 -14.84 20.59 -17.00
CA SER A 64 -13.99 19.45 -17.41
C SER A 64 -12.74 19.97 -18.14
N SER A 65 -11.61 19.31 -17.97
CA SER A 65 -10.42 19.57 -18.84
C SER A 65 -10.47 18.76 -20.15
N ASP A 66 -11.46 17.89 -20.39
CA ASP A 66 -11.37 16.90 -21.53
C ASP A 66 -12.47 17.12 -22.58
N GLY A 67 -12.79 18.38 -22.90
CA GLY A 67 -13.84 18.71 -23.90
C GLY A 67 -13.36 18.62 -25.35
N GLN A 68 -14.28 18.84 -26.30
CA GLN A 68 -14.07 18.75 -27.78
C GLN A 68 -13.39 20.00 -28.36
N ARG A 69 -13.48 21.16 -27.68
CA ARG A 69 -12.90 22.46 -28.15
C ARG A 69 -11.82 22.92 -27.16
N THR A 70 -10.77 23.62 -27.65
CA THR A 70 -9.58 24.04 -26.84
C THR A 70 -9.02 25.43 -27.28
N THR A 71 -8.30 26.08 -26.37
CA THR A 71 -7.65 27.41 -26.52
C THR A 71 -6.22 27.27 -27.08
N ILE A 72 -5.59 26.11 -26.89
CA ILE A 72 -4.22 25.80 -27.36
C ILE A 72 -4.19 25.68 -28.89
N ILE A 86 0.59 13.51 -25.43
CA ILE A 86 1.25 12.19 -25.58
C ILE A 86 0.96 11.30 -24.36
N THR A 87 0.67 11.91 -23.20
CA THR A 87 -0.16 11.33 -22.10
C THR A 87 -1.57 11.95 -22.14
N ASN A 88 -1.69 13.18 -22.64
CA ASN A 88 -2.93 14.01 -22.59
C ASN A 88 -3.25 14.35 -21.12
N LEU A 89 -2.26 14.31 -20.22
CA LEU A 89 -2.45 14.49 -18.75
C LEU A 89 -3.30 15.75 -18.48
N THR A 90 -2.96 16.83 -19.17
CA THR A 90 -3.63 18.13 -18.99
CA THR A 90 -3.63 18.13 -19.01
C THR A 90 -5.10 18.00 -19.43
N ASN A 91 -5.43 16.97 -20.24
CA ASN A 91 -6.78 16.80 -20.82
C ASN A 91 -7.56 15.72 -20.04
N LEU A 92 -7.04 15.27 -18.90
CA LEU A 92 -7.73 14.23 -18.07
C LEU A 92 -8.36 14.85 -16.84
N ASP A 93 -9.55 14.39 -16.46
CA ASP A 93 -10.17 14.72 -15.18
C ASP A 93 -9.98 13.50 -14.27
N PRO A 94 -9.97 13.71 -12.95
CA PRO A 94 -10.07 12.59 -12.00
C PRO A 94 -11.34 11.84 -12.39
N PRO A 95 -11.39 10.49 -12.32
CA PRO A 95 -10.30 9.67 -11.75
C PRO A 95 -9.10 9.34 -12.65
N ASP A 96 -9.24 9.47 -13.97
CA ASP A 96 -8.22 9.02 -14.96
C ASP A 96 -6.93 9.85 -14.83
N HIS A 97 -7.02 11.06 -14.29
CA HIS A 97 -5.86 11.97 -14.11
C HIS A 97 -4.91 11.49 -13.00
N ARG A 98 -5.43 10.76 -12.01
CA ARG A 98 -4.66 10.41 -10.80
C ARG A 98 -3.42 9.59 -11.17
N LYS A 99 -3.55 8.56 -11.99
CA LYS A 99 -2.40 7.69 -12.30
C LYS A 99 -1.31 8.51 -13.01
N ALA A 100 -1.67 9.15 -14.11
CA ALA A 100 -0.75 9.95 -14.95
C ALA A 100 -0.03 10.99 -14.07
N ARG A 101 -0.78 11.71 -13.25
CA ARG A 101 -0.22 12.75 -12.35
C ARG A 101 0.76 12.13 -11.37
N SER A 102 0.40 11.03 -10.72
CA SER A 102 1.24 10.34 -9.71
CA SER A 102 1.23 10.32 -9.72
C SER A 102 2.54 9.86 -10.36
N LEU A 103 2.47 9.24 -11.53
CA LEU A 103 3.68 8.70 -12.20
C LEU A 103 4.63 9.86 -12.55
N LEU A 104 4.10 10.97 -13.05
CA LEU A 104 4.96 12.12 -13.42
C LEU A 104 5.48 12.79 -12.13
N ALA A 105 4.65 12.85 -11.10
CA ALA A 105 5.04 13.49 -9.81
C ALA A 105 6.21 12.75 -9.17
N ALA A 106 6.48 11.48 -9.54
CA ALA A 106 7.60 10.71 -8.97
C ALA A 106 8.92 11.42 -9.24
N ALA A 107 9.00 12.24 -10.30
CA ALA A 107 10.20 13.01 -10.70
C ALA A 107 10.27 14.38 -10.01
N PHE A 108 9.25 14.76 -9.27
CA PHE A 108 9.17 16.11 -8.66
C PHE A 108 9.00 16.00 -7.15
N THR A 109 9.85 15.26 -6.46
CA THR A 109 9.74 15.08 -4.98
C THR A 109 10.38 16.27 -4.26
N HIS A 110 10.10 16.40 -2.99
CA HIS A 110 10.77 17.39 -2.11
C HIS A 110 12.28 17.12 -2.11
N ARG A 111 12.68 15.85 -2.11
CA ARG A 111 14.10 15.46 -2.11
C ARG A 111 14.75 15.90 -3.42
N SER A 112 14.10 15.69 -4.58
CA SER A 112 14.69 16.13 -5.86
CA SER A 112 14.71 16.13 -5.86
C SER A 112 14.82 17.66 -5.87
N LEU A 113 13.80 18.38 -5.44
CA LEU A 113 13.86 19.88 -5.46
C LEU A 113 15.02 20.40 -4.58
N LYS A 114 15.25 19.76 -3.47
CA LYS A 114 16.41 20.11 -2.58
C LYS A 114 17.75 19.84 -3.29
N ASN A 115 17.88 18.70 -3.96
CA ASN A 115 19.12 18.24 -4.67
C ASN A 115 19.33 19.07 -5.91
N TRP A 116 18.26 19.56 -6.54
CA TRP A 116 18.38 20.37 -7.78
C TRP A 116 18.96 21.75 -7.51
N GLU A 117 18.72 22.32 -6.34
CA GLU A 117 19.11 23.71 -6.08
C GLU A 117 20.59 23.95 -6.37
N PRO A 118 21.57 23.22 -5.77
CA PRO A 118 22.99 23.48 -6.07
C PRO A 118 23.37 23.26 -7.54
N ARG A 119 22.70 22.32 -8.24
CA ARG A 119 22.94 22.06 -9.68
C ARG A 119 22.48 23.28 -10.48
N ILE A 120 21.31 23.81 -10.16
CA ILE A 120 20.75 24.98 -10.89
C ILE A 120 21.60 26.20 -10.54
N LYS A 121 22.06 26.30 -9.31
CA LYS A 121 22.94 27.43 -8.91
C LYS A 121 24.21 27.45 -9.78
N GLN A 122 24.85 26.30 -9.96
CA GLN A 122 26.07 26.14 -10.79
C GLN A 122 25.77 26.70 -12.17
N ILE A 123 24.63 26.32 -12.77
CA ILE A 123 24.28 26.72 -14.14
C ILE A 123 24.09 28.25 -14.18
N ALA A 124 23.36 28.80 -13.22
CA ALA A 124 23.17 30.26 -13.13
C ALA A 124 24.51 30.97 -12.96
N ALA A 125 25.36 30.49 -12.05
CA ALA A 125 26.70 31.08 -11.82
C ALA A 125 27.50 31.15 -13.13
N ASP A 126 27.51 30.09 -13.94
CA ASP A 126 28.21 30.07 -15.24
C ASP A 126 27.61 31.07 -16.23
N LEU A 127 26.28 31.18 -16.32
CA LEU A 127 25.65 32.14 -17.24
C LEU A 127 26.01 33.57 -16.84
N VAL A 128 25.92 33.88 -15.54
CA VAL A 128 26.18 35.27 -15.08
C VAL A 128 27.68 35.54 -15.21
N GLU A 129 28.52 34.56 -14.90
CA GLU A 129 29.99 34.69 -14.99
C GLU A 129 30.36 35.14 -16.42
N ALA A 130 29.64 34.67 -17.45
CA ALA A 130 29.92 35.01 -18.85
C ALA A 130 29.65 36.50 -19.15
N ILE A 131 28.81 37.17 -18.36
CA ILE A 131 28.39 38.57 -18.64
C ILE A 131 28.86 39.47 -17.50
N GLN A 132 29.68 38.95 -16.60
CA GLN A 132 29.99 39.68 -15.32
C GLN A 132 30.70 41.03 -15.61
N LYS A 133 31.51 41.09 -16.68
CA LYS A 133 32.24 42.33 -17.04
C LYS A 133 31.56 43.11 -18.16
N ASN A 134 30.36 42.73 -18.57
CA ASN A 134 29.65 43.45 -19.65
C ASN A 134 29.20 44.80 -19.14
N PRO A 135 29.34 45.85 -19.97
CA PRO A 135 28.69 47.12 -19.70
C PRO A 135 27.18 47.12 -19.99
N THR A 136 26.76 46.35 -20.99
CA THR A 136 25.36 46.17 -21.41
C THR A 136 25.15 44.69 -21.66
N ILE A 137 23.93 44.24 -21.38
CA ILE A 137 23.54 42.83 -21.62
C ILE A 137 22.22 42.77 -22.37
N ASN A 138 21.91 41.59 -22.87
CA ASN A 138 20.62 41.28 -23.52
C ASN A 138 20.01 40.15 -22.68
N ILE A 139 19.01 40.48 -21.85
CA ILE A 139 18.43 39.45 -20.93
C ILE A 139 18.04 38.21 -21.73
N VAL A 140 17.46 38.41 -22.91
CA VAL A 140 16.88 37.25 -23.63
C VAL A 140 18.01 36.30 -24.02
N ASP A 141 19.00 36.74 -24.78
CA ASP A 141 20.01 35.79 -25.28
C ASP A 141 20.97 35.37 -24.18
N ASP A 142 21.24 36.24 -23.21
CA ASP A 142 22.30 36.01 -22.18
C ASP A 142 21.71 35.17 -21.03
N LEU A 143 20.41 35.30 -20.75
CA LEU A 143 19.87 34.67 -19.53
C LEU A 143 18.54 33.93 -19.77
N SER A 144 17.48 34.63 -20.18
CA SER A 144 16.10 34.09 -20.03
C SER A 144 15.91 32.93 -21.01
N SER A 145 16.44 33.03 -22.21
CA SER A 145 16.27 31.96 -23.24
CA SER A 145 16.28 31.96 -23.23
C SER A 145 17.12 30.74 -22.87
N PRO A 146 18.45 30.85 -22.63
CA PRO A 146 19.23 29.64 -22.36
C PRO A 146 18.94 28.95 -21.03
N PHE A 147 18.75 29.72 -19.97
CA PHE A 147 18.78 29.15 -18.61
C PHE A 147 17.80 28.00 -18.43
N PRO A 148 16.49 28.10 -18.72
CA PRO A 148 15.59 26.99 -18.42
C PRO A 148 15.86 25.74 -19.27
N SER A 149 16.44 25.91 -20.44
CA SER A 149 16.82 24.77 -21.33
C SER A 149 18.05 24.05 -20.75
N LEU A 150 19.06 24.81 -20.35
CA LEU A 150 20.25 24.25 -19.68
C LEU A 150 19.80 23.52 -18.41
N VAL A 151 18.88 24.11 -17.63
CA VAL A 151 18.42 23.46 -16.38
C VAL A 151 17.75 22.11 -16.70
N ILE A 152 16.81 22.10 -17.64
CA ILE A 152 15.94 20.89 -17.79
C ILE A 152 16.83 19.76 -18.37
N ALA A 153 17.80 20.10 -19.19
CA ALA A 153 18.75 19.11 -19.77
C ALA A 153 19.55 18.45 -18.63
N ASP A 154 20.04 19.23 -17.68
CA ASP A 154 20.76 18.71 -16.49
C ASP A 154 19.81 17.85 -15.66
N LEU A 155 18.57 18.31 -15.43
CA LEU A 155 17.66 17.59 -14.54
C LEU A 155 17.23 16.28 -15.23
N PHE A 156 17.15 16.27 -16.55
CA PHE A 156 16.77 15.04 -17.30
C PHE A 156 17.87 13.99 -17.14
N GLY A 157 19.13 14.43 -17.05
CA GLY A 157 20.29 13.53 -17.01
C GLY A 157 20.83 13.28 -18.41
N VAL A 158 20.59 14.19 -19.35
CA VAL A 158 21.11 14.11 -20.76
C VAL A 158 22.63 14.01 -20.69
N PRO A 159 23.34 13.21 -21.53
CA PRO A 159 24.80 13.26 -21.59
C PRO A 159 25.35 14.71 -21.59
N VAL A 160 26.40 14.91 -20.81
CA VAL A 160 27.11 16.22 -20.57
C VAL A 160 27.34 16.96 -21.90
N LYS A 161 27.69 16.25 -22.98
CA LYS A 161 28.01 16.83 -24.32
C LYS A 161 26.78 17.51 -24.96
N ASP A 162 25.57 16.98 -24.74
CA ASP A 162 24.33 17.46 -25.42
C ASP A 162 23.81 18.73 -24.71
N ARG A 163 24.03 18.85 -23.39
CA ARG A 163 23.65 19.99 -22.52
C ARG A 163 23.58 21.28 -23.35
N PHE A 166 20.33 21.82 -27.21
CA PHE A 166 19.08 21.38 -26.53
C PHE A 166 18.02 22.49 -26.57
N LYS A 167 18.44 23.75 -26.38
CA LYS A 167 17.64 24.99 -26.67
C LYS A 167 16.95 24.85 -28.03
N LYS A 168 17.72 24.42 -29.03
CA LYS A 168 17.26 24.19 -30.42
C LYS A 168 15.89 23.50 -30.42
N TRP A 169 15.73 22.46 -29.58
CA TRP A 169 14.58 21.52 -29.58
C TRP A 169 13.25 22.29 -29.44
N VAL A 170 13.10 23.07 -28.36
CA VAL A 170 11.86 23.78 -27.95
C VAL A 170 11.54 24.90 -28.96
N ASP A 171 12.58 25.54 -29.50
CA ASP A 171 12.48 26.53 -30.59
C ASP A 171 11.72 25.87 -31.75
N ILE A 172 12.22 24.71 -32.20
CA ILE A 172 11.66 23.89 -33.32
C ILE A 172 10.36 23.22 -32.85
N LEU A 173 10.29 22.79 -31.59
CA LEU A 173 9.10 22.09 -31.03
C LEU A 173 7.88 23.04 -31.03
N PHE A 174 8.10 24.36 -31.06
CA PHE A 174 7.06 25.36 -31.41
C PHE A 174 6.55 25.07 -32.83
N GLN A 187 3.95 19.63 -41.02
CA GLN A 187 4.16 20.50 -39.83
C GLN A 187 5.65 20.49 -39.47
N GLU A 188 6.20 21.66 -39.12
CA GLU A 188 7.53 21.74 -38.48
C GLU A 188 7.52 20.80 -37.26
N LYS A 189 6.34 20.64 -36.64
CA LYS A 189 6.11 20.01 -35.31
C LYS A 189 6.24 18.48 -35.40
N GLN A 190 5.60 17.84 -36.39
CA GLN A 190 5.74 16.39 -36.69
C GLN A 190 7.23 16.01 -36.81
N ARG A 191 7.98 16.71 -37.67
CA ARG A 191 9.43 16.46 -37.89
C ARG A 191 10.20 16.59 -36.57
N ALA A 192 10.02 17.69 -35.82
CA ALA A 192 10.82 17.99 -34.61
C ALA A 192 10.58 16.91 -33.52
N GLY A 193 9.32 16.52 -33.32
CA GLY A 193 8.94 15.48 -32.34
C GLY A 193 9.56 14.13 -32.69
N ALA A 194 9.54 13.75 -33.97
CA ALA A 194 10.22 12.52 -34.45
C ALA A 194 11.74 12.63 -34.21
N GLU A 195 12.35 13.80 -34.35
CA GLU A 195 13.83 13.91 -34.16
C GLU A 195 14.15 13.81 -32.66
N TYR A 196 13.35 14.44 -31.80
CA TYR A 196 13.57 14.37 -30.34
C TYR A 196 13.44 12.90 -29.92
N PHE A 197 12.41 12.23 -30.44
CA PHE A 197 12.15 10.82 -30.02
C PHE A 197 13.39 9.98 -30.31
N GLN A 198 13.92 10.08 -31.53
CA GLN A 198 15.07 9.23 -31.93
C GLN A 198 16.30 9.52 -31.07
N TYR A 199 16.53 10.80 -30.73
CA TYR A 199 17.58 11.24 -29.78
C TYR A 199 17.35 10.59 -28.39
N LEU A 200 16.16 10.76 -27.80
CA LEU A 200 16.00 10.40 -26.36
C LEU A 200 15.70 8.90 -26.15
N TYR A 201 15.03 8.24 -27.08
CA TYR A 201 14.59 6.85 -26.81
C TYR A 201 15.77 5.99 -26.37
N PRO A 202 16.92 6.00 -27.07
CA PRO A 202 18.05 5.17 -26.64
C PRO A 202 18.66 5.62 -25.29
N ILE A 203 18.48 6.89 -24.90
CA ILE A 203 18.94 7.36 -23.55
C ILE A 203 18.08 6.74 -22.43
N VAL A 204 16.77 6.64 -22.62
CA VAL A 204 15.86 6.00 -21.61
C VAL A 204 16.22 4.52 -21.45
N ILE A 205 16.40 3.80 -22.56
CA ILE A 205 16.74 2.35 -22.50
C ILE A 205 18.03 2.18 -21.69
N GLU A 206 19.07 2.97 -22.02
CA GLU A 206 20.38 3.02 -21.31
C GLU A 206 20.14 3.28 -19.81
N LYS A 207 19.38 4.30 -19.43
CA LYS A 207 19.19 4.62 -17.99
C LYS A 207 18.43 3.51 -17.28
N ARG A 208 17.52 2.78 -17.94
CA ARG A 208 16.78 1.67 -17.29
C ARG A 208 17.78 0.69 -16.67
N SER A 209 18.94 0.49 -17.32
CA SER A 209 20.02 -0.41 -16.82
C SER A 209 21.06 0.36 -16.00
N ASN A 210 20.97 1.69 -15.98
CA ASN A 210 22.03 2.58 -15.42
C ASN A 210 21.35 3.81 -14.77
N LEU A 211 20.70 3.61 -13.63
CA LEU A 211 19.82 4.61 -12.95
C LEU A 211 20.69 5.63 -12.22
N SER A 212 20.35 6.92 -12.31
CA SER A 212 21.06 8.01 -11.59
C SER A 212 20.02 8.95 -10.99
N ASP A 213 20.43 10.00 -10.27
CA ASP A 213 19.47 10.95 -9.64
C ASP A 213 19.07 11.96 -10.72
N ASP A 214 18.16 11.56 -11.59
CA ASP A 214 17.65 12.49 -12.61
C ASP A 214 16.18 12.14 -12.93
N ILE A 215 15.52 13.03 -13.63
CA ILE A 215 14.06 12.90 -13.91
C ILE A 215 13.81 11.61 -14.70
N ILE A 216 14.64 11.29 -15.67
CA ILE A 216 14.36 10.10 -16.55
C ILE A 216 14.38 8.84 -15.67
N SER A 217 15.35 8.73 -14.75
CA SER A 217 15.55 7.60 -13.82
C SER A 217 14.36 7.54 -12.85
N ASP A 218 13.86 8.69 -12.39
CA ASP A 218 12.70 8.69 -11.46
C ASP A 218 11.43 8.29 -12.23
N LEU A 219 11.32 8.64 -13.51
CA LEU A 219 10.12 8.24 -14.29
C LEU A 219 10.18 6.73 -14.60
N ILE A 220 11.37 6.18 -14.79
CA ILE A 220 11.54 4.71 -14.96
C ILE A 220 11.08 3.97 -13.68
N GLN A 221 11.41 4.46 -12.50
CA GLN A 221 11.11 3.77 -11.22
C GLN A 221 9.68 4.06 -10.75
N ALA A 222 8.95 5.00 -11.36
CA ALA A 222 7.61 5.39 -10.90
C ALA A 222 6.62 4.20 -11.00
N GLU A 223 5.70 4.08 -10.06
CA GLU A 223 4.69 2.98 -10.00
C GLU A 223 3.41 3.53 -9.39
N PHE A 224 2.28 3.14 -9.97
CA PHE A 224 0.94 3.47 -9.46
C PHE A 224 0.03 2.25 -9.58
N ASP A 225 -0.39 1.70 -8.44
CA ASP A 225 -1.30 0.54 -8.41
C ASP A 225 -0.76 -0.51 -9.38
N GLY A 226 0.54 -0.75 -9.32
CA GLY A 226 1.27 -1.76 -10.12
C GLY A 226 1.55 -1.35 -11.54
N GLU A 227 1.05 -0.19 -12.01
CA GLU A 227 1.25 0.30 -13.39
C GLU A 227 2.51 1.17 -13.46
N THR A 228 3.25 1.06 -14.56
CA THR A 228 4.54 1.76 -14.81
C THR A 228 4.46 2.34 -16.22
N PHE A 229 5.27 3.35 -16.49
CA PHE A 229 5.51 3.86 -17.86
C PHE A 229 6.36 2.86 -18.65
N THR A 230 6.08 2.72 -19.94
CA THR A 230 7.01 2.14 -20.93
C THR A 230 8.06 3.18 -21.34
N ASP A 231 9.15 2.72 -21.92
CA ASP A 231 10.25 3.59 -22.42
C ASP A 231 9.68 4.65 -23.36
N GLU A 232 8.77 4.28 -24.26
CA GLU A 232 8.17 5.23 -25.20
C GLU A 232 7.37 6.31 -24.45
N GLU A 233 6.62 5.90 -23.42
CA GLU A 233 5.80 6.83 -22.60
C GLU A 233 6.72 7.81 -21.88
N ILE A 234 7.88 7.35 -21.43
CA ILE A 234 8.86 8.21 -20.70
C ILE A 234 9.41 9.26 -21.64
N VAL A 235 9.68 8.89 -22.89
CA VAL A 235 10.12 9.92 -23.88
C VAL A 235 9.02 10.97 -24.04
N HIS A 236 7.77 10.55 -24.23
CA HIS A 236 6.63 11.48 -24.32
C HIS A 236 6.52 12.34 -23.04
N ALA A 237 6.70 11.74 -21.87
CA ALA A 237 6.63 12.48 -20.57
C ALA A 237 7.68 13.61 -20.59
N THR A 238 8.89 13.34 -21.08
CA THR A 238 9.95 14.39 -21.11
C THR A 238 9.50 15.47 -22.09
N MET A 239 8.86 15.13 -23.21
CA MET A 239 8.42 16.15 -24.20
C MET A 239 7.33 17.02 -23.58
N LEU A 240 6.45 16.46 -22.76
CA LEU A 240 5.41 17.23 -22.05
C LEU A 240 6.11 18.20 -21.11
N LEU A 241 7.14 17.73 -20.40
CA LEU A 241 7.85 18.62 -19.43
C LEU A 241 8.56 19.75 -20.20
N LEU A 242 9.19 19.47 -21.35
CA LEU A 242 9.79 20.53 -22.20
C LEU A 242 8.74 21.56 -22.65
N GLY A 243 7.56 21.10 -23.08
CA GLY A 243 6.51 22.02 -23.56
C GLY A 243 5.95 22.82 -22.41
N ALA A 244 5.92 22.25 -21.22
CA ALA A 244 5.33 22.92 -20.03
C ALA A 244 6.30 23.92 -19.39
N GLY A 245 7.59 23.63 -19.38
CA GLY A 245 8.52 24.21 -18.37
C GLY A 245 9.65 25.06 -18.95
N VAL A 246 9.82 25.15 -20.26
CA VAL A 246 10.99 25.86 -20.84
C VAL A 246 10.58 27.28 -21.24
N GLU A 247 9.70 27.40 -22.21
CA GLU A 247 9.30 28.75 -22.76
C GLU A 247 8.53 29.55 -21.72
N THR A 248 7.68 28.90 -20.91
CA THR A 248 6.95 29.55 -19.79
C THR A 248 7.97 30.20 -18.85
N THR A 249 8.97 29.42 -18.40
CA THR A 249 9.95 29.92 -17.44
C THR A 249 10.80 31.03 -18.07
N SER A 250 11.17 30.87 -19.34
CA SER A 250 11.91 31.92 -20.09
CA SER A 250 11.91 31.93 -20.10
C SER A 250 11.11 33.23 -20.07
N HIS A 251 9.82 33.16 -20.42
CA HIS A 251 8.92 34.33 -20.49
C HIS A 251 8.88 35.00 -19.11
N ALA A 252 8.75 34.19 -18.06
CA ALA A 252 8.58 34.67 -16.69
C ALA A 252 9.85 35.41 -16.27
N ILE A 253 11.01 34.83 -16.57
CA ILE A 253 12.31 35.47 -16.25
C ILE A 253 12.45 36.77 -17.05
N ALA A 254 12.21 36.77 -18.36
CA ALA A 254 12.39 37.99 -19.18
C ALA A 254 11.50 39.08 -18.63
N ASN A 255 10.26 38.75 -18.26
CA ASN A 255 9.27 39.77 -17.86
C ASN A 255 9.62 40.29 -16.46
N MET A 256 10.21 39.45 -15.59
CA MET A 256 10.70 39.88 -14.27
C MET A 256 11.76 41.00 -14.49
N PHE A 257 12.74 40.74 -15.34
CA PHE A 257 13.81 41.75 -15.61
C PHE A 257 13.23 42.99 -16.28
N TYR A 258 12.26 42.81 -17.17
CA TYR A 258 11.50 43.94 -17.76
C TYR A 258 10.94 44.82 -16.66
N SER A 259 10.26 44.21 -15.69
CA SER A 259 9.66 44.94 -14.55
C SER A 259 10.69 45.82 -13.82
N PHE A 260 11.90 45.32 -13.59
CA PHE A 260 12.91 46.09 -12.84
C PHE A 260 13.29 47.35 -13.63
N LEU A 261 13.10 47.33 -14.94
CA LEU A 261 13.48 48.49 -15.79
C LEU A 261 12.32 49.45 -15.92
N TYR A 262 11.06 48.98 -15.90
CA TYR A 262 9.90 49.75 -16.45
C TYR A 262 8.75 49.91 -15.48
N ASP A 263 8.67 49.11 -14.42
CA ASP A 263 7.54 49.17 -13.46
C ASP A 263 8.00 49.98 -12.24
N ASP A 264 8.39 49.32 -11.15
CA ASP A 264 8.97 50.00 -9.96
C ASP A 264 10.49 50.02 -10.14
N LYS A 265 11.05 51.15 -10.60
CA LYS A 265 12.51 51.27 -10.89
C LYS A 265 13.33 51.27 -9.58
N SER A 266 12.71 51.32 -8.39
CA SER A 266 13.45 51.28 -7.11
CA SER A 266 13.40 51.28 -7.07
C SER A 266 13.53 49.83 -6.59
N LEU A 267 12.78 48.90 -7.19
CA LEU A 267 12.74 47.52 -6.66
C LEU A 267 14.11 46.86 -6.75
N TYR A 268 14.83 47.02 -7.87
CA TYR A 268 16.15 46.37 -8.00
C TYR A 268 17.06 46.79 -6.81
N SER A 269 17.11 48.06 -6.49
CA SER A 269 17.90 48.60 -5.36
C SER A 269 17.46 47.99 -4.03
N GLU A 270 16.17 47.82 -3.85
CA GLU A 270 15.62 47.20 -2.63
C GLU A 270 16.13 45.78 -2.52
N LEU A 271 16.16 45.04 -3.65
CA LEU A 271 16.69 43.65 -3.63
C LEU A 271 18.20 43.61 -3.38
N ARG A 272 18.96 44.57 -3.88
CA ARG A 272 20.41 44.67 -3.64
C ARG A 272 20.65 44.94 -2.14
N ASN A 273 19.74 45.68 -1.51
CA ASN A 273 19.92 46.16 -0.13
C ASN A 273 19.55 45.07 0.88
N ASN A 274 18.77 44.09 0.47
CA ASN A 274 18.35 42.96 1.31
C ASN A 274 18.29 41.72 0.41
N ARG A 275 19.32 40.90 0.46
CA ARG A 275 19.49 39.79 -0.50
C ARG A 275 18.54 38.62 -0.14
N GLU A 276 17.72 38.69 0.92
CA GLU A 276 16.70 37.68 1.25
C GLU A 276 15.36 37.98 0.54
N LEU A 277 15.21 39.05 -0.21
CA LEU A 277 13.90 39.44 -0.78
C LEU A 277 13.64 38.74 -2.12
N ALA A 278 14.58 37.98 -2.67
CA ALA A 278 14.40 37.40 -4.03
C ALA A 278 13.11 36.61 -4.14
N PRO A 279 12.76 35.66 -3.22
CA PRO A 279 11.54 34.88 -3.37
C PRO A 279 10.30 35.77 -3.41
N LYS A 280 10.24 36.81 -2.57
CA LYS A 280 9.09 37.74 -2.58
C LYS A 280 9.02 38.41 -3.94
N ALA A 281 10.15 38.80 -4.50
CA ALA A 281 10.15 39.45 -5.82
C ALA A 281 9.63 38.47 -6.86
N VAL A 282 10.08 37.22 -6.81
CA VAL A 282 9.64 36.21 -7.82
C VAL A 282 8.13 36.05 -7.74
N GLU A 283 7.55 35.93 -6.55
CA GLU A 283 6.11 35.69 -6.40
C GLU A 283 5.34 36.90 -6.95
N GLU A 284 5.78 38.14 -6.71
CA GLU A 284 5.10 39.37 -7.22
C GLU A 284 5.25 39.46 -8.74
N MET A 285 6.37 39.00 -9.32
CA MET A 285 6.51 39.05 -10.82
C MET A 285 5.67 37.96 -11.47
N LEU A 286 5.40 36.84 -10.78
CA LEU A 286 4.47 35.84 -11.28
C LEU A 286 3.02 36.35 -11.17
N ARG A 287 2.70 37.14 -10.17
CA ARG A 287 1.32 37.72 -10.06
C ARG A 287 1.17 38.84 -11.10
N TYR A 288 2.18 39.68 -11.29
CA TYR A 288 2.06 41.01 -11.92
C TYR A 288 2.52 40.99 -13.40
N ARG A 289 3.54 40.19 -13.77
CA ARG A 289 4.19 40.36 -15.09
C ARG A 289 4.14 39.08 -15.95
N PHE A 290 3.46 38.01 -15.55
CA PHE A 290 3.26 36.86 -16.45
C PHE A 290 1.95 37.04 -17.21
N HIS A 291 2.01 37.41 -18.49
CA HIS A 291 0.80 37.58 -19.34
C HIS A 291 0.98 36.82 -20.65
N ILE A 292 -0.10 36.30 -21.24
CA ILE A 292 -1.42 36.23 -20.65
C ILE A 292 -1.66 34.78 -20.20
N SER A 293 -2.16 34.62 -18.99
CA SER A 293 -2.46 33.30 -18.39
C SER A 293 -3.96 33.06 -18.55
N ARG A 294 -4.33 32.08 -19.35
CA ARG A 294 -5.75 31.71 -19.50
C ARG A 294 -5.81 30.21 -19.83
N ARG A 295 -6.77 29.55 -19.20
CA ARG A 295 -7.02 28.11 -19.40
C ARG A 295 -8.49 27.91 -19.68
N ASP A 296 -8.81 26.96 -20.56
CA ASP A 296 -10.23 26.69 -20.88
C ASP A 296 -10.68 25.41 -20.20
N ARG A 297 -11.99 25.32 -20.01
CA ARG A 297 -12.69 24.13 -19.49
C ARG A 297 -13.98 24.02 -20.31
N THR A 298 -14.53 22.83 -20.34
CA THR A 298 -15.81 22.53 -20.99
C THR A 298 -16.83 22.21 -19.90
N VAL A 299 -17.99 22.84 -19.95
CA VAL A 299 -19.02 22.61 -18.89
C VAL A 299 -19.48 21.15 -18.98
N LYS A 300 -19.45 20.45 -17.86
CA LYS A 300 -19.76 19.00 -17.79
C LYS A 300 -21.23 18.79 -17.42
N GLN A 301 -21.81 19.74 -16.70
CA GLN A 301 -23.20 19.67 -16.19
C GLN A 301 -23.76 21.08 -16.21
N ASP A 302 -25.00 21.24 -16.64
CA ASP A 302 -25.70 22.55 -16.55
C ASP A 302 -25.49 23.13 -15.14
N ASN A 303 -25.31 24.44 -15.04
CA ASN A 303 -25.14 25.07 -13.70
C ASN A 303 -25.18 26.58 -13.81
N GLU A 304 -25.31 27.27 -12.66
CA GLU A 304 -25.21 28.74 -12.65
C GLU A 304 -24.22 29.13 -11.57
N LEU A 305 -23.16 28.32 -11.40
CA LEU A 305 -22.12 28.61 -10.37
C LEU A 305 -21.44 29.97 -10.59
N LEU A 306 -21.33 30.45 -11.84
CA LEU A 306 -20.66 31.72 -12.22
C LEU A 306 -21.69 32.86 -12.32
N GLY A 307 -22.94 32.63 -11.87
CA GLY A 307 -23.98 33.69 -11.86
C GLY A 307 -24.83 33.69 -13.13
N VAL A 308 -24.39 33.02 -14.18
CA VAL A 308 -25.09 32.90 -15.50
C VAL A 308 -25.40 31.43 -15.69
N LYS A 309 -26.52 31.13 -16.34
CA LYS A 309 -26.87 29.73 -16.69
C LYS A 309 -25.92 29.23 -17.79
N LEU A 310 -25.19 28.15 -17.49
CA LEU A 310 -24.34 27.47 -18.48
C LEU A 310 -24.90 26.09 -18.74
N LYS A 311 -24.67 25.60 -19.96
CA LYS A 311 -25.14 24.30 -20.44
C LYS A 311 -23.95 23.42 -20.71
N LYS A 312 -24.15 22.15 -20.43
CA LYS A 312 -23.20 21.08 -20.78
C LYS A 312 -22.71 21.32 -22.22
N GLY A 313 -21.39 21.30 -22.43
CA GLY A 313 -20.75 21.57 -23.71
C GLY A 313 -20.31 23.02 -23.88
N ASP A 314 -20.78 23.97 -23.07
CA ASP A 314 -20.29 25.38 -23.21
C ASP A 314 -18.80 25.41 -22.87
N VAL A 315 -18.05 26.31 -23.47
CA VAL A 315 -16.60 26.48 -23.15
C VAL A 315 -16.44 27.73 -22.30
N VAL A 316 -15.71 27.59 -21.20
CA VAL A 316 -15.38 28.75 -20.33
C VAL A 316 -13.86 28.96 -20.36
N ILE A 317 -13.42 30.18 -20.60
CA ILE A 317 -12.01 30.56 -20.48
C ILE A 317 -11.85 31.33 -19.18
N ALA A 318 -10.93 30.88 -18.33
CA ALA A 318 -10.59 31.49 -17.02
C ALA A 318 -9.30 32.29 -17.23
N TRP A 319 -9.37 33.64 -17.14
CA TRP A 319 -8.25 34.54 -17.44
C TRP A 319 -7.49 34.78 -16.13
N MET A 320 -6.58 33.88 -15.78
CA MET A 320 -5.83 33.99 -14.49
C MET A 320 -5.07 35.30 -14.37
N SER A 321 -4.41 35.80 -15.42
CA SER A 321 -3.59 37.04 -15.34
CA SER A 321 -3.58 37.02 -15.29
C SER A 321 -4.48 38.22 -14.95
N ALA A 322 -5.74 38.21 -15.43
CA ALA A 322 -6.72 39.25 -15.06
C ALA A 322 -7.10 39.13 -13.58
N CYS A 323 -7.35 37.91 -13.08
CA CYS A 323 -7.86 37.69 -11.72
C CYS A 323 -6.72 37.98 -10.74
N ASN A 324 -5.47 37.94 -11.22
CA ASN A 324 -4.29 38.29 -10.37
C ASN A 324 -4.30 39.80 -10.10
N MET A 325 -5.18 40.56 -10.78
CA MET A 325 -5.29 42.03 -10.55
C MET A 325 -6.70 42.40 -10.05
N ASP A 326 -7.36 41.43 -9.44
CA ASP A 326 -8.71 41.61 -8.82
C ASP A 326 -8.48 42.18 -7.42
N GLU A 327 -8.90 43.43 -7.24
CA GLU A 327 -8.71 44.20 -5.98
CA GLU A 327 -8.69 44.19 -5.98
C GLU A 327 -9.40 43.50 -4.80
N THR A 328 -10.39 42.62 -5.02
CA THR A 328 -10.99 41.86 -3.88
C THR A 328 -9.98 40.92 -3.24
N MET A 329 -8.96 40.48 -3.98
CA MET A 329 -7.95 39.56 -3.41
C MET A 329 -6.57 40.24 -3.22
N PHE A 330 -6.25 41.22 -4.06
CA PHE A 330 -4.93 41.88 -4.13
C PHE A 330 -5.11 43.40 -3.95
N GLU A 331 -4.77 43.93 -2.77
CA GLU A 331 -4.82 45.39 -2.51
C GLU A 331 -3.94 46.13 -3.52
N ASN A 332 -4.37 47.28 -4.03
CA ASN A 332 -3.53 48.08 -4.94
C ASN A 332 -2.99 47.20 -6.06
N PRO A 333 -3.88 46.51 -6.81
CA PRO A 333 -3.47 45.37 -7.63
C PRO A 333 -2.64 45.73 -8.86
N PHE A 334 -2.75 46.99 -9.33
CA PHE A 334 -2.08 47.45 -10.55
C PHE A 334 -0.69 48.01 -10.19
N SER A 335 -0.29 47.93 -8.94
CA SER A 335 1.03 48.39 -8.44
C SER A 335 1.89 47.16 -8.13
N VAL A 336 3.20 47.31 -8.29
CA VAL A 336 4.17 46.32 -7.77
C VAL A 336 4.30 46.49 -6.26
N ASP A 337 4.05 45.43 -5.53
CA ASP A 337 4.30 45.42 -4.08
C ASP A 337 4.77 44.04 -3.63
N ILE A 338 6.06 43.86 -3.38
CA ILE A 338 6.54 42.48 -3.07
C ILE A 338 6.17 42.13 -1.63
N HIS A 339 5.67 43.11 -0.85
CA HIS A 339 5.29 42.88 0.57
C HIS A 339 3.79 42.65 0.73
N ARG A 340 3.02 42.67 -0.36
CA ARG A 340 1.56 42.41 -0.27
C ARG A 340 1.36 40.99 0.27
N PRO A 341 0.66 40.80 1.40
CA PRO A 341 0.67 39.48 2.03
C PRO A 341 -0.13 38.42 1.28
N THR A 342 -0.94 38.79 0.29
CA THR A 342 -1.77 37.87 -0.50
C THR A 342 -1.06 37.39 -1.76
N ASN A 343 0.17 37.81 -2.04
CA ASN A 343 0.77 37.55 -3.36
C ASN A 343 0.77 36.04 -3.68
N LYS A 344 0.96 35.19 -2.69
CA LYS A 344 1.08 33.72 -2.86
C LYS A 344 -0.27 33.15 -3.33
N LYS A 345 -1.35 33.94 -3.32
CA LYS A 345 -2.68 33.47 -3.83
C LYS A 345 -2.84 33.67 -5.34
N HIS A 346 -1.85 34.16 -6.09
CA HIS A 346 -2.06 34.33 -7.54
C HIS A 346 -2.32 32.95 -8.15
N LEU A 347 -2.95 32.97 -9.33
CA LEU A 347 -3.42 31.72 -10.00
C LEU A 347 -2.58 31.46 -11.26
N THR A 348 -1.36 32.01 -11.36
CA THR A 348 -0.48 31.84 -12.55
C THR A 348 -0.14 30.36 -12.77
N PHE A 349 -0.18 29.55 -11.73
CA PHE A 349 0.11 28.10 -11.83
C PHE A 349 -1.17 27.27 -11.83
N GLY A 350 -2.33 27.91 -11.86
CA GLY A 350 -3.58 27.16 -11.80
C GLY A 350 -4.03 26.91 -10.38
N ASN A 351 -4.90 25.94 -10.25
CA ASN A 351 -5.57 25.63 -8.96
C ASN A 351 -6.29 24.29 -9.12
N GLY A 352 -6.14 23.39 -8.16
CA GLY A 352 -6.90 22.12 -8.16
C GLY A 352 -6.04 21.02 -8.73
N PRO A 353 -6.65 19.98 -9.33
CA PRO A 353 -5.92 18.79 -9.73
C PRO A 353 -4.77 19.08 -10.70
N HIS A 354 -4.95 20.04 -11.59
CA HIS A 354 -3.94 20.31 -12.66
C HIS A 354 -2.89 21.32 -12.21
N PHE A 355 -2.90 21.73 -10.95
CA PHE A 355 -1.96 22.76 -10.44
C PHE A 355 -0.54 22.37 -10.87
N CYS A 356 0.13 23.33 -11.47
CA CYS A 356 1.44 23.14 -12.14
C CYS A 356 2.33 22.22 -11.31
N LEU A 357 2.73 21.09 -11.90
CA LEU A 357 3.68 20.16 -11.28
C LEU A 357 5.06 20.82 -11.17
N GLY A 358 5.38 21.76 -12.06
CA GLY A 358 6.67 22.46 -12.15
C GLY A 358 6.74 23.68 -11.27
N ALA A 359 5.70 24.03 -10.52
CA ALA A 359 5.67 25.35 -9.83
C ALA A 359 6.87 25.51 -8.88
N PRO A 360 7.19 24.52 -8.03
CA PRO A 360 8.40 24.65 -7.20
C PRO A 360 9.67 24.83 -8.02
N LEU A 361 9.78 24.12 -9.15
CA LEU A 361 11.00 24.23 -9.96
C LEU A 361 11.05 25.61 -10.61
N ALA A 362 9.93 26.07 -11.13
CA ALA A 362 9.87 27.40 -11.79
C ALA A 362 10.28 28.48 -10.80
N ARG A 363 9.75 28.43 -9.58
CA ARG A 363 10.04 29.42 -8.52
C ARG A 363 11.52 29.32 -8.15
N LEU A 364 12.07 28.10 -8.12
CA LEU A 364 13.50 27.89 -7.78
C LEU A 364 14.40 28.48 -8.88
N GLU A 365 14.06 28.24 -10.15
CA GLU A 365 14.86 28.76 -11.27
C GLU A 365 14.86 30.28 -11.23
N MET A 366 13.69 30.90 -11.03
CA MET A 366 13.59 32.36 -11.07
C MET A 366 14.36 32.92 -9.85
N LYS A 367 14.22 32.33 -8.67
CA LYS A 367 14.98 32.78 -7.48
C LYS A 367 16.50 32.70 -7.70
N ILE A 368 16.97 31.57 -8.22
CA ILE A 368 18.42 31.33 -8.34
C ILE A 368 19.01 32.27 -9.39
N ILE A 369 18.37 32.45 -10.56
CA ILE A 369 18.91 33.37 -11.59
C ILE A 369 18.88 34.82 -11.06
N LEU A 370 17.86 35.21 -10.32
CA LEU A 370 17.76 36.58 -9.74
C LEU A 370 18.88 36.78 -8.71
N GLU A 371 19.08 35.79 -7.83
CA GLU A 371 20.12 35.87 -6.77
C GLU A 371 21.51 35.96 -7.43
N ALA A 372 21.82 35.12 -8.43
CA ALA A 372 23.11 35.18 -9.14
C ALA A 372 23.31 36.55 -9.78
N PHE A 373 22.24 37.09 -10.36
CA PHE A 373 22.30 38.40 -11.06
C PHE A 373 22.57 39.51 -10.03
N LEU A 374 21.83 39.52 -8.92
CA LEU A 374 21.99 40.51 -7.85
C LEU A 374 23.43 40.49 -7.34
N GLU A 375 24.07 39.32 -7.29
CA GLU A 375 25.46 39.24 -6.77
C GLU A 375 26.40 39.97 -7.72
N ALA A 376 26.13 39.93 -9.01
CA ALA A 376 27.04 40.45 -10.04
C ALA A 376 26.82 41.94 -10.24
N PHE A 377 25.58 42.41 -10.26
CA PHE A 377 25.27 43.79 -10.77
C PHE A 377 24.67 44.66 -9.69
N SER A 378 25.23 45.85 -9.50
CA SER A 378 24.81 46.75 -8.40
C SER A 378 23.62 47.60 -8.87
N HIS A 379 23.39 47.74 -10.18
CA HIS A 379 22.39 48.69 -10.71
C HIS A 379 22.13 48.34 -12.17
N ILE A 380 20.88 48.49 -12.60
CA ILE A 380 20.49 48.20 -13.98
C ILE A 380 19.65 49.37 -14.48
N GLU A 381 19.74 49.63 -15.76
CA GLU A 381 19.04 50.76 -16.41
C GLU A 381 18.58 50.36 -17.80
N PRO A 382 17.38 50.79 -18.24
CA PRO A 382 16.94 50.53 -19.61
C PRO A 382 17.75 51.41 -20.58
N PHE A 383 17.83 50.97 -21.81
CA PHE A 383 18.27 51.79 -22.97
C PHE A 383 17.18 52.85 -23.23
N GLU A 384 17.52 54.13 -23.24
CA GLU A 384 16.53 55.22 -23.48
C GLU A 384 15.84 54.98 -24.83
N ASP A 385 16.57 54.43 -25.80
CA ASP A 385 16.11 54.24 -27.19
C ASP A 385 15.46 52.87 -27.43
N PHE A 386 15.27 52.02 -26.41
CA PHE A 386 14.62 50.72 -26.64
C PHE A 386 13.15 50.98 -26.97
N GLU A 387 12.69 50.34 -28.05
CA GLU A 387 11.29 50.33 -28.52
C GLU A 387 10.71 48.94 -28.28
N LEU A 388 9.59 48.88 -27.57
CA LEU A 388 8.94 47.61 -27.21
C LEU A 388 8.31 46.96 -28.45
N GLU A 389 7.55 47.72 -29.22
CA GLU A 389 6.71 47.13 -30.31
C GLU A 389 7.57 46.28 -31.25
N PRO A 390 8.74 46.74 -31.76
CA PRO A 390 9.51 45.93 -32.70
C PRO A 390 10.19 44.69 -32.11
N HIS A 391 10.19 44.59 -30.77
CA HIS A 391 10.90 43.53 -30.03
C HIS A 391 9.89 42.64 -29.29
N LEU A 392 8.69 42.51 -29.86
CA LEU A 392 7.69 41.54 -29.35
C LEU A 392 7.35 40.60 -30.53
N THR A 393 7.23 39.30 -30.27
CA THR A 393 6.79 38.29 -31.24
C THR A 393 5.66 37.46 -30.65
N ALA A 394 4.77 36.95 -31.52
CA ALA A 394 3.63 36.13 -31.09
C ALA A 394 4.16 34.87 -30.40
N SER A 395 3.48 34.47 -29.34
CA SER A 395 3.88 33.29 -28.56
C SER A 395 2.61 32.61 -28.06
N ALA A 396 2.73 31.47 -27.42
CA ALA A 396 1.61 30.74 -26.82
C ALA A 396 0.96 31.63 -25.76
N THR A 397 1.71 32.52 -25.08
CA THR A 397 1.15 33.35 -23.99
C THR A 397 0.67 34.70 -24.54
N GLY A 398 0.83 34.98 -25.82
CA GLY A 398 0.40 36.29 -26.37
C GLY A 398 1.55 36.92 -27.13
N GLN A 399 2.35 37.75 -26.46
CA GLN A 399 3.56 38.35 -27.07
C GLN A 399 4.71 38.11 -26.12
N SER A 400 5.88 37.78 -26.67
CA SER A 400 7.11 37.57 -25.88
C SER A 400 8.25 38.47 -26.40
N LEU A 401 9.09 38.95 -25.50
CA LEU A 401 10.29 39.76 -25.85
C LEU A 401 11.23 38.95 -26.74
N THR A 402 11.69 39.57 -27.84
CA THR A 402 12.74 39.01 -28.73
C THR A 402 14.13 39.50 -28.30
N TYR A 403 14.15 40.52 -27.44
CA TYR A 403 15.33 41.31 -27.08
C TYR A 403 14.96 42.12 -25.85
N LEU A 404 15.88 42.21 -24.91
CA LEU A 404 15.66 43.14 -23.76
C LEU A 404 17.02 43.62 -23.29
N PRO A 405 17.47 44.79 -23.82
CA PRO A 405 18.74 45.35 -23.40
C PRO A 405 18.68 46.07 -22.06
N MET A 406 19.81 46.07 -21.39
CA MET A 406 19.99 46.90 -20.18
C MET A 406 21.45 47.25 -20.01
N THR A 407 21.71 48.43 -19.46
CA THR A 407 23.04 48.82 -18.99
C THR A 407 23.17 48.28 -17.57
N VAL A 408 24.31 47.70 -17.25
CA VAL A 408 24.53 47.12 -15.91
C VAL A 408 25.82 47.72 -15.35
N TYR A 409 25.85 47.84 -14.05
CA TYR A 409 27.02 48.35 -13.29
C TYR A 409 27.46 47.34 -12.24
N ARG A 410 28.72 47.45 -11.84
CA ARG A 410 29.31 46.69 -10.72
C ARG A 410 29.67 47.71 -9.64
N HIS A 411 29.62 47.34 -8.35
CA HIS A 411 29.95 48.27 -7.23
C HIS A 411 31.47 48.28 -7.00
N VAL B 5 -3.58 7.02 24.02
CA VAL B 5 -4.70 6.73 23.05
C VAL B 5 -5.11 8.04 22.36
N ILE B 6 -5.12 8.03 21.02
CA ILE B 6 -5.63 9.12 20.14
C ILE B 6 -7.14 8.97 20.00
N PRO B 7 -7.95 10.00 20.36
CA PRO B 7 -9.40 9.93 20.16
C PRO B 7 -9.76 10.13 18.67
N VAL B 8 -9.75 9.06 17.88
CA VAL B 8 -9.89 9.09 16.39
C VAL B 8 -11.26 9.66 15.99
N THR B 9 -12.26 9.52 16.86
CA THR B 9 -13.63 10.08 16.68
C THR B 9 -13.58 11.61 16.53
N GLU B 10 -12.49 12.26 16.95
CA GLU B 10 -12.34 13.74 16.93
C GLU B 10 -11.90 14.25 15.55
N ILE B 11 -11.45 13.38 14.63
CA ILE B 11 -10.89 13.83 13.32
C ILE B 11 -12.03 14.26 12.39
N PRO B 12 -13.06 13.41 12.15
CA PRO B 12 -14.19 13.87 11.34
C PRO B 12 -15.23 14.76 12.04
N LYS B 13 -15.35 14.70 13.37
CA LYS B 13 -16.38 15.41 14.19
C LYS B 13 -17.73 15.38 13.48
N PHE B 14 -18.36 14.20 13.43
CA PHE B 14 -19.65 13.98 12.73
C PHE B 14 -20.76 14.73 13.48
N GLN B 15 -21.77 15.21 12.77
CA GLN B 15 -22.90 15.99 13.34
C GLN B 15 -23.99 15.04 13.86
N SER B 16 -23.90 13.73 13.59
CA SER B 16 -24.98 12.76 13.90
C SER B 16 -24.38 11.36 13.97
N ARG B 17 -25.02 10.46 14.72
CA ARG B 17 -24.64 9.03 14.69
C ARG B 17 -24.86 8.48 13.28
N ALA B 18 -25.94 8.89 12.60
CA ALA B 18 -26.27 8.36 11.26
C ALA B 18 -25.10 8.64 10.31
N GLU B 19 -24.51 9.82 10.40
CA GLU B 19 -23.39 10.18 9.49
C GLU B 19 -22.19 9.28 9.84
N GLU B 20 -21.90 9.07 11.11
CA GLU B 20 -20.76 8.24 11.54
C GLU B 20 -20.98 6.79 11.06
N PHE B 21 -22.24 6.34 11.01
CA PHE B 21 -22.63 4.96 10.59
C PHE B 21 -22.28 4.77 9.11
N PHE B 22 -22.34 5.84 8.31
CA PHE B 22 -22.16 5.70 6.85
C PHE B 22 -21.65 7.02 6.32
N PRO B 23 -20.37 7.35 6.56
CA PRO B 23 -19.85 8.70 6.30
C PRO B 23 -19.36 8.95 4.86
N ILE B 24 -20.18 8.58 3.88
CA ILE B 24 -19.77 8.64 2.45
C ILE B 24 -19.59 10.11 2.03
N GLN B 25 -20.35 11.05 2.61
CA GLN B 25 -20.18 12.49 2.29
C GLN B 25 -18.80 12.97 2.78
N TRP B 26 -18.39 12.62 4.00
CA TRP B 26 -17.05 12.96 4.53
C TRP B 26 -15.95 12.24 3.72
N TYR B 27 -16.13 10.98 3.34
CA TYR B 27 -15.09 10.30 2.53
C TYR B 27 -14.84 11.07 1.22
N LYS B 28 -15.93 11.46 0.56
CA LYS B 28 -15.90 12.15 -0.75
C LYS B 28 -15.20 13.50 -0.53
N GLU B 29 -15.52 14.19 0.56
CA GLU B 29 -14.88 15.50 0.93
C GLU B 29 -13.37 15.28 1.08
N MET B 30 -12.99 14.26 1.83
CA MET B 30 -11.55 14.01 2.13
C MET B 30 -10.85 13.57 0.82
N LEU B 31 -11.41 12.63 0.03
CA LEU B 31 -10.77 12.16 -1.22
C LEU B 31 -10.58 13.32 -2.22
N ASN B 32 -11.56 14.20 -2.34
CA ASN B 32 -11.58 15.29 -3.35
C ASN B 32 -10.76 16.51 -2.86
N ASN B 33 -10.71 16.82 -1.56
CA ASN B 33 -10.18 18.14 -1.12
C ASN B 33 -8.98 17.97 -0.16
N SER B 34 -8.80 16.79 0.42
CA SER B 34 -7.77 16.64 1.47
C SER B 34 -7.35 15.19 1.61
N PRO B 35 -6.80 14.52 0.58
CA PRO B 35 -6.60 13.07 0.68
C PRO B 35 -5.41 12.71 1.57
N VAL B 36 -4.49 13.66 1.78
CA VAL B 36 -3.39 13.50 2.75
C VAL B 36 -3.47 14.69 3.71
N TYR B 37 -3.92 14.44 4.93
CA TYR B 37 -4.53 15.49 5.77
C TYR B 37 -3.87 15.46 7.14
N PHE B 38 -3.26 16.59 7.50
CA PHE B 38 -2.68 16.75 8.84
C PHE B 38 -3.70 17.35 9.79
N HIS B 39 -4.02 16.62 10.86
CA HIS B 39 -5.03 17.03 11.86
C HIS B 39 -4.31 17.57 13.09
N GLU B 40 -4.38 18.88 13.31
CA GLU B 40 -3.55 19.60 14.33
C GLU B 40 -3.88 19.06 15.72
N GLU B 41 -5.16 18.92 16.08
CA GLU B 41 -5.53 18.66 17.50
C GLU B 41 -5.18 17.22 17.90
N THR B 42 -5.18 16.23 16.99
CA THR B 42 -4.75 14.85 17.33
C THR B 42 -3.28 14.62 16.94
N ASN B 43 -2.66 15.57 16.23
CA ASN B 43 -1.27 15.49 15.73
C ASN B 43 -1.14 14.20 14.89
N THR B 44 -2.10 13.98 13.99
CA THR B 44 -2.12 12.80 13.07
C THR B 44 -2.14 13.23 11.60
N TRP B 45 -1.40 12.47 10.79
CA TRP B 45 -1.59 12.42 9.32
C TRP B 45 -2.68 11.40 9.01
N ASN B 46 -3.50 11.72 8.01
CA ASN B 46 -4.68 10.92 7.62
C ASN B 46 -4.65 10.72 6.10
N VAL B 47 -4.74 9.46 5.67
CA VAL B 47 -4.66 9.13 4.23
C VAL B 47 -5.92 8.37 3.82
N PHE B 48 -6.44 8.69 2.64
CA PHE B 48 -7.76 8.25 2.17
C PHE B 48 -7.66 7.54 0.84
N GLN B 49 -6.66 7.84 0.02
CA GLN B 49 -6.56 7.23 -1.32
C GLN B 49 -6.05 5.81 -1.21
N TYR B 50 -6.53 4.97 -2.13
CA TYR B 50 -6.20 3.52 -2.18
C TYR B 50 -4.69 3.27 -2.16
N GLU B 51 -3.93 3.95 -3.03
CA GLU B 51 -2.48 3.61 -3.13
C GLU B 51 -1.76 4.03 -1.84
N HIS B 52 -2.19 5.08 -1.17
CA HIS B 52 -1.57 5.55 0.10
C HIS B 52 -1.97 4.63 1.27
N VAL B 53 -3.25 4.31 1.36
CA VAL B 53 -3.72 3.37 2.41
C VAL B 53 -2.97 2.05 2.28
N LYS B 54 -2.90 1.49 1.09
CA LYS B 54 -2.25 0.19 0.90
C LYS B 54 -0.77 0.28 1.30
N GLN B 55 -0.08 1.35 0.91
CA GLN B 55 1.36 1.58 1.27
CA GLN B 55 1.36 1.49 1.27
C GLN B 55 1.49 1.61 2.80
N VAL B 56 0.64 2.39 3.46
CA VAL B 56 0.70 2.56 4.94
C VAL B 56 0.46 1.20 5.62
N LEU B 57 -0.49 0.41 5.14
CA LEU B 57 -0.84 -0.87 5.81
C LEU B 57 0.28 -1.89 5.67
N SER B 58 1.02 -1.88 4.56
CA SER B 58 1.87 -3.03 4.17
C SER B 58 3.38 -2.73 4.32
N ASP B 59 3.81 -1.47 4.11
CA ASP B 59 5.26 -1.12 3.99
C ASP B 59 5.82 -0.90 5.41
N TYR B 60 5.97 -1.98 6.15
CA TYR B 60 6.30 -1.90 7.58
C TYR B 60 7.71 -1.35 7.79
N GLU B 61 8.61 -1.39 6.80
CA GLU B 61 9.97 -0.78 6.94
C GLU B 61 9.82 0.73 7.18
N PHE B 62 8.75 1.35 6.67
CA PHE B 62 8.47 2.79 6.84
C PHE B 62 7.30 3.07 7.75
N PHE B 63 6.34 2.14 7.92
CA PHE B 63 5.08 2.38 8.64
C PHE B 63 4.89 1.23 9.60
N SER B 64 5.31 1.45 10.83
CA SER B 64 5.44 0.38 11.83
C SER B 64 4.09 0.19 12.54
N SER B 65 3.80 -1.05 12.91
CA SER B 65 2.63 -1.37 13.79
C SER B 65 2.98 -1.20 15.27
N ASP B 66 4.24 -0.93 15.62
CA ASP B 66 4.73 -1.03 17.02
C ASP B 66 4.99 0.35 17.65
N GLY B 67 4.17 1.36 17.36
CA GLY B 67 4.40 2.76 17.81
C GLY B 67 4.02 3.01 19.26
N GLN B 68 4.34 4.21 19.79
CA GLN B 68 4.07 4.67 21.18
C GLN B 68 2.65 5.27 21.31
N ARG B 69 2.02 5.62 20.18
CA ARG B 69 0.62 6.15 20.10
C ARG B 69 -0.22 5.21 19.21
N THR B 70 -1.50 5.00 19.55
CA THR B 70 -2.48 4.26 18.70
C THR B 70 -3.90 4.86 18.84
N THR B 71 -4.80 4.42 17.96
CA THR B 71 -6.21 4.87 17.88
C THR B 71 -7.15 3.84 18.53
N ILE B 72 -6.60 2.69 18.96
CA ILE B 72 -7.37 1.51 19.43
C ILE B 72 -8.15 1.85 20.70
N THR B 87 -1.12 -12.69 23.46
CA THR B 87 -0.10 -12.07 22.56
C THR B 87 -0.43 -10.60 22.31
N ASN B 88 0.44 -9.95 21.50
CA ASN B 88 0.37 -8.54 21.05
C ASN B 88 0.62 -8.52 19.53
N LEU B 89 0.21 -9.58 18.84
CA LEU B 89 0.51 -9.86 17.41
C LEU B 89 0.28 -8.62 16.52
N THR B 90 -0.81 -7.89 16.74
CA THR B 90 -1.16 -6.75 15.85
C THR B 90 -0.16 -5.61 16.03
N ASN B 91 0.65 -5.62 17.09
CA ASN B 91 1.60 -4.55 17.38
C ASN B 91 3.02 -4.97 16.98
N LEU B 92 3.20 -6.12 16.33
CA LEU B 92 4.55 -6.58 15.96
C LEU B 92 4.79 -6.32 14.48
N ASP B 93 6.03 -5.98 14.14
CA ASP B 93 6.49 -5.95 12.74
C ASP B 93 7.29 -7.23 12.51
N PRO B 94 7.43 -7.70 11.26
CA PRO B 94 8.49 -8.66 10.93
C PRO B 94 9.82 -8.04 11.33
N PRO B 95 10.77 -8.82 11.93
CA PRO B 95 10.67 -10.29 11.98
C PRO B 95 9.89 -10.91 13.14
N ASP B 96 9.66 -10.14 14.20
CA ASP B 96 9.06 -10.66 15.46
C ASP B 96 7.62 -11.16 15.17
N HIS B 97 6.95 -10.63 14.17
CA HIS B 97 5.55 -10.98 13.83
C HIS B 97 5.41 -12.43 13.30
N ARG B 98 6.41 -12.90 12.58
CA ARG B 98 6.35 -14.17 11.83
C ARG B 98 5.99 -15.33 12.76
N LYS B 99 6.64 -15.47 13.93
CA LYS B 99 6.40 -16.63 14.81
C LYS B 99 4.96 -16.62 15.32
N ALA B 100 4.54 -15.50 15.88
CA ALA B 100 3.18 -15.33 16.45
C ALA B 100 2.15 -15.63 15.34
N ARG B 101 2.34 -15.06 14.17
CA ARG B 101 1.39 -15.18 13.02
C ARG B 101 1.33 -16.66 12.61
N SER B 102 2.47 -17.34 12.56
CA SER B 102 2.53 -18.75 12.07
CA SER B 102 2.56 -18.76 12.07
C SER B 102 1.83 -19.69 13.06
N LEU B 103 2.09 -19.49 14.35
CA LEU B 103 1.44 -20.33 15.39
C LEU B 103 -0.07 -20.13 15.33
N LEU B 104 -0.56 -18.90 15.29
CA LEU B 104 -2.02 -18.65 15.25
C LEU B 104 -2.58 -19.23 13.94
N ALA B 105 -1.84 -19.13 12.84
CA ALA B 105 -2.32 -19.57 11.50
C ALA B 105 -2.51 -21.09 11.45
N ALA B 106 -1.89 -21.83 12.35
CA ALA B 106 -2.00 -23.31 12.39
C ALA B 106 -3.47 -23.72 12.61
N ALA B 107 -4.29 -22.82 13.18
CA ALA B 107 -5.73 -23.05 13.43
C ALA B 107 -6.60 -22.69 12.21
N PHE B 108 -6.06 -21.97 11.22
CA PHE B 108 -6.86 -21.41 10.09
C PHE B 108 -6.31 -22.02 8.80
N THR B 109 -6.24 -23.32 8.70
CA THR B 109 -5.75 -23.98 7.48
C THR B 109 -6.86 -24.08 6.44
N HIS B 110 -6.49 -24.44 5.22
CA HIS B 110 -7.46 -24.75 4.14
C HIS B 110 -8.34 -25.90 4.60
N ARG B 111 -7.75 -26.95 5.18
CA ARG B 111 -8.49 -28.13 5.64
C ARG B 111 -9.51 -27.71 6.71
N SER B 112 -9.13 -26.89 7.70
CA SER B 112 -10.10 -26.48 8.74
CA SER B 112 -10.09 -26.46 8.75
C SER B 112 -11.26 -25.67 8.12
N LEU B 113 -10.98 -24.74 7.20
CA LEU B 113 -12.05 -23.91 6.55
C LEU B 113 -13.01 -24.82 5.79
N LYS B 114 -12.50 -25.90 5.20
CA LYS B 114 -13.38 -26.83 4.48
C LYS B 114 -14.26 -27.64 5.46
N ASN B 115 -13.70 -28.03 6.58
CA ASN B 115 -14.40 -28.83 7.60
C ASN B 115 -15.39 -27.97 8.38
N TRP B 116 -15.12 -26.67 8.50
CA TRP B 116 -15.99 -25.77 9.30
C TRP B 116 -17.28 -25.48 8.55
N GLU B 117 -17.26 -25.57 7.23
CA GLU B 117 -18.43 -25.10 6.43
C GLU B 117 -19.70 -25.84 6.85
N PRO B 118 -19.74 -27.20 6.85
CA PRO B 118 -20.99 -27.88 7.26
C PRO B 118 -21.39 -27.59 8.72
N ARG B 119 -20.43 -27.34 9.61
CA ARG B 119 -20.70 -27.01 11.03
C ARG B 119 -21.37 -25.63 11.14
N ILE B 120 -20.87 -24.67 10.38
CA ILE B 120 -21.40 -23.29 10.39
C ILE B 120 -22.76 -23.31 9.69
N LYS B 121 -22.92 -24.14 8.67
CA LYS B 121 -24.22 -24.27 7.96
CA LYS B 121 -24.22 -24.28 7.96
C LYS B 121 -25.30 -24.76 8.95
N GLN B 122 -24.96 -25.72 9.79
CA GLN B 122 -25.97 -26.24 10.75
C GLN B 122 -26.36 -25.12 11.73
N ILE B 123 -25.38 -24.31 12.19
CA ILE B 123 -25.69 -23.22 13.15
C ILE B 123 -26.63 -22.24 12.46
N ALA B 124 -26.31 -21.86 11.21
CA ALA B 124 -27.16 -20.89 10.48
C ALA B 124 -28.57 -21.47 10.24
N ALA B 125 -28.66 -22.72 9.79
CA ALA B 125 -29.93 -23.46 9.60
C ALA B 125 -30.79 -23.36 10.87
N ASP B 126 -30.21 -23.58 12.05
CA ASP B 126 -30.97 -23.55 13.34
C ASP B 126 -31.42 -22.12 13.68
N LEU B 127 -30.60 -21.11 13.42
CA LEU B 127 -31.00 -19.70 13.73
C LEU B 127 -32.13 -19.29 12.78
N VAL B 128 -32.02 -19.65 11.49
CA VAL B 128 -33.07 -19.23 10.51
C VAL B 128 -34.33 -20.04 10.78
N GLU B 129 -34.18 -21.30 11.16
CA GLU B 129 -35.34 -22.18 11.43
C GLU B 129 -36.17 -21.56 12.54
N ALA B 130 -35.53 -20.92 13.51
CA ALA B 130 -36.26 -20.29 14.63
C ALA B 130 -37.18 -19.17 14.12
N ILE B 131 -36.82 -18.47 13.02
CA ILE B 131 -37.58 -17.27 12.55
C ILE B 131 -38.31 -17.56 11.24
N GLN B 132 -38.31 -18.81 10.80
CA GLN B 132 -38.82 -19.20 9.49
C GLN B 132 -40.29 -18.79 9.28
N LYS B 133 -41.11 -18.78 10.32
CA LYS B 133 -42.56 -18.44 10.24
C LYS B 133 -42.82 -17.03 10.77
N ASN B 134 -41.80 -16.26 11.07
CA ASN B 134 -41.98 -14.87 11.53
C ASN B 134 -42.50 -14.00 10.41
N PRO B 135 -43.48 -13.10 10.69
CA PRO B 135 -43.83 -12.05 9.75
C PRO B 135 -42.81 -10.91 9.76
N THR B 136 -42.20 -10.65 10.93
CA THR B 136 -41.20 -9.58 11.06
C THR B 136 -40.08 -10.18 11.89
N ILE B 137 -38.86 -9.68 11.65
CA ILE B 137 -37.66 -10.16 12.39
C ILE B 137 -36.86 -8.94 12.82
N ASN B 138 -35.88 -9.19 13.67
CA ASN B 138 -34.93 -8.18 14.16
C ASN B 138 -33.56 -8.76 13.83
N ILE B 139 -32.93 -8.26 12.79
CA ILE B 139 -31.67 -8.89 12.31
C ILE B 139 -30.67 -8.97 13.46
N VAL B 140 -30.61 -7.92 14.29
CA VAL B 140 -29.56 -7.82 15.33
C VAL B 140 -29.78 -8.95 16.33
N ASP B 141 -30.95 -9.05 16.99
CA ASP B 141 -31.15 -10.10 18.02
C ASP B 141 -31.30 -11.50 17.41
N ASP B 142 -31.88 -11.60 16.21
CA ASP B 142 -32.24 -12.93 15.64
C ASP B 142 -31.03 -13.55 14.93
N LEU B 143 -30.11 -12.74 14.40
CA LEU B 143 -29.08 -13.30 13.50
C LEU B 143 -27.70 -12.70 13.75
N SER B 144 -27.52 -11.38 13.59
CA SER B 144 -26.17 -10.80 13.43
C SER B 144 -25.43 -10.85 14.78
N SER B 145 -26.12 -10.57 15.88
CA SER B 145 -25.49 -10.66 17.22
C SER B 145 -25.17 -12.12 17.58
N PRO B 146 -26.11 -13.07 17.60
CA PRO B 146 -25.80 -14.42 18.06
C PRO B 146 -24.87 -15.24 17.15
N PHE B 147 -25.02 -15.11 15.84
CA PHE B 147 -24.38 -16.08 14.91
C PHE B 147 -22.85 -16.13 15.10
N PRO B 148 -22.05 -15.04 15.02
CA PRO B 148 -20.60 -15.16 15.11
C PRO B 148 -20.07 -15.71 16.45
N SER B 149 -20.81 -15.48 17.57
CA SER B 149 -20.52 -16.06 18.90
C SER B 149 -20.79 -17.56 18.90
N LEU B 150 -21.93 -17.99 18.39
CA LEU B 150 -22.22 -19.43 18.27
C LEU B 150 -21.15 -20.10 17.42
N VAL B 151 -20.80 -19.49 16.29
CA VAL B 151 -19.80 -20.09 15.37
C VAL B 151 -18.46 -20.22 16.13
N ILE B 152 -17.99 -19.16 16.78
CA ILE B 152 -16.59 -19.22 17.31
C ILE B 152 -16.56 -20.21 18.50
N ALA B 153 -17.66 -20.33 19.24
CA ALA B 153 -17.73 -21.31 20.34
C ALA B 153 -17.59 -22.73 19.79
N ASP B 154 -18.31 -23.03 18.71
CA ASP B 154 -18.20 -24.35 18.04
C ASP B 154 -16.78 -24.56 17.52
N LEU B 155 -16.19 -23.56 16.88
CA LEU B 155 -14.87 -23.74 16.24
C LEU B 155 -13.83 -23.85 17.35
N PHE B 156 -14.02 -23.18 18.48
CA PHE B 156 -13.04 -23.32 19.61
C PHE B 156 -13.07 -24.75 20.14
N GLY B 157 -14.25 -25.37 20.10
CA GLY B 157 -14.45 -26.73 20.63
C GLY B 157 -14.90 -26.69 22.08
N VAL B 158 -15.51 -25.61 22.53
CA VAL B 158 -15.90 -25.51 23.97
C VAL B 158 -17.09 -26.44 24.17
N PRO B 159 -17.30 -26.99 25.39
CA PRO B 159 -18.41 -27.94 25.61
C PRO B 159 -19.74 -27.38 25.09
N VAL B 160 -20.57 -28.29 24.57
CA VAL B 160 -21.86 -27.99 23.87
C VAL B 160 -22.76 -27.10 24.75
N LYS B 161 -22.76 -27.31 26.08
CA LYS B 161 -23.60 -26.58 27.07
C LYS B 161 -23.35 -25.06 27.02
N ASP B 162 -22.09 -24.62 26.83
CA ASP B 162 -21.68 -23.20 27.05
C ASP B 162 -21.92 -22.34 25.81
N ARG B 163 -22.27 -22.94 24.66
CA ARG B 163 -22.33 -22.31 23.31
C ARG B 163 -23.27 -21.10 23.33
N PHE B 166 -22.03 -17.69 25.95
CA PHE B 166 -20.70 -17.36 25.36
C PHE B 166 -20.71 -15.96 24.69
N LYS B 167 -21.90 -15.48 24.30
CA LYS B 167 -22.14 -14.16 23.66
C LYS B 167 -21.92 -13.04 24.70
N LYS B 168 -22.27 -13.29 25.96
CA LYS B 168 -22.06 -12.37 27.11
C LYS B 168 -20.59 -11.93 27.14
N TRP B 169 -19.67 -12.80 26.72
CA TRP B 169 -18.19 -12.63 26.88
C TRP B 169 -17.71 -11.37 26.14
N VAL B 170 -18.02 -11.24 24.85
CA VAL B 170 -17.57 -10.13 23.97
C VAL B 170 -18.22 -8.81 24.42
N ASP B 171 -19.52 -8.86 24.74
CA ASP B 171 -20.29 -7.71 25.29
C ASP B 171 -19.45 -7.15 26.44
N ILE B 172 -19.18 -8.02 27.42
CA ILE B 172 -18.40 -7.76 28.67
C ILE B 172 -16.93 -7.46 28.30
N LEU B 173 -16.26 -8.35 27.55
CA LEU B 173 -14.82 -8.24 27.19
C LEU B 173 -14.55 -6.90 26.50
N PHE B 174 -15.38 -6.53 25.53
CA PHE B 174 -15.34 -5.20 24.85
C PHE B 174 -16.48 -4.35 25.41
N GLU B 183 -13.39 6.58 30.21
CA GLU B 183 -12.32 5.73 30.80
C GLU B 183 -12.84 5.08 32.09
N GLU B 184 -11.93 4.55 32.93
CA GLU B 184 -12.17 4.01 34.30
C GLU B 184 -13.21 2.88 34.26
N ILE B 185 -13.33 2.20 33.11
CA ILE B 185 -14.18 0.99 32.86
C ILE B 185 -13.25 -0.23 32.75
N GLU B 186 -11.94 0.01 32.63
CA GLU B 186 -10.88 -1.04 32.60
C GLU B 186 -10.93 -1.89 33.89
N GLN B 187 -11.77 -1.52 34.86
CA GLN B 187 -12.19 -2.41 35.97
C GLN B 187 -13.04 -3.54 35.37
N GLU B 188 -14.07 -3.18 34.61
CA GLU B 188 -15.02 -4.13 33.98
C GLU B 188 -14.23 -5.12 33.10
N LYS B 189 -13.28 -4.61 32.31
CA LYS B 189 -12.49 -5.33 31.27
C LYS B 189 -11.36 -6.15 31.91
N GLN B 190 -10.82 -5.67 33.04
CA GLN B 190 -9.89 -6.43 33.92
C GLN B 190 -10.63 -7.65 34.49
N ARG B 191 -11.79 -7.44 35.12
CA ARG B 191 -12.64 -8.48 35.76
C ARG B 191 -13.10 -9.52 34.72
N ALA B 192 -13.56 -9.03 33.57
CA ALA B 192 -14.08 -9.85 32.45
C ALA B 192 -12.98 -10.84 32.00
N GLY B 193 -11.80 -10.26 31.74
CA GLY B 193 -10.59 -10.96 31.30
C GLY B 193 -10.26 -12.10 32.25
N ALA B 194 -10.27 -11.84 33.56
CA ALA B 194 -9.99 -12.84 34.62
C ALA B 194 -11.07 -13.92 34.65
N GLU B 195 -12.35 -13.58 34.41
CA GLU B 195 -13.43 -14.62 34.41
C GLU B 195 -13.26 -15.55 33.19
N TYR B 196 -12.98 -14.97 32.03
CA TYR B 196 -12.80 -15.76 30.78
C TYR B 196 -11.62 -16.71 30.98
N PHE B 197 -10.53 -16.19 31.55
CA PHE B 197 -9.30 -17.01 31.73
C PHE B 197 -9.65 -18.22 32.59
N GLN B 198 -10.34 -17.98 33.72
CA GLN B 198 -10.67 -19.05 34.69
C GLN B 198 -11.58 -20.09 34.03
N TYR B 199 -12.52 -19.62 33.20
CA TYR B 199 -13.37 -20.50 32.34
C TYR B 199 -12.52 -21.33 31.37
N LEU B 200 -11.69 -20.72 30.52
CA LEU B 200 -11.06 -21.51 29.41
C LEU B 200 -9.81 -22.31 29.80
N TYR B 201 -9.00 -21.84 30.75
CA TYR B 201 -7.68 -22.46 31.03
C TYR B 201 -7.85 -23.96 31.27
N PRO B 202 -8.78 -24.42 32.14
CA PRO B 202 -8.98 -25.85 32.31
C PRO B 202 -9.45 -26.58 31.03
N ILE B 203 -10.19 -25.91 30.15
CA ILE B 203 -10.57 -26.52 28.83
C ILE B 203 -9.31 -26.77 27.99
N VAL B 204 -8.36 -25.81 27.96
CA VAL B 204 -7.11 -25.98 27.16
C VAL B 204 -6.32 -27.18 27.71
N ILE B 205 -6.17 -27.29 29.03
CA ILE B 205 -5.39 -28.38 29.70
C ILE B 205 -5.98 -29.74 29.28
N GLU B 206 -7.30 -29.86 29.39
CA GLU B 206 -8.05 -31.10 29.07
C GLU B 206 -7.91 -31.40 27.57
N LYS B 207 -7.98 -30.40 26.68
CA LYS B 207 -7.80 -30.71 25.23
C LYS B 207 -6.37 -31.18 24.95
N ARG B 208 -5.38 -30.68 25.70
CA ARG B 208 -3.98 -31.09 25.45
C ARG B 208 -3.91 -32.63 25.49
N SER B 209 -4.78 -33.28 26.27
CA SER B 209 -4.81 -34.76 26.47
C SER B 209 -5.94 -35.42 25.68
N ASN B 210 -6.81 -34.63 25.04
CA ASN B 210 -8.00 -35.13 24.30
C ASN B 210 -8.24 -34.19 23.11
N LEU B 211 -7.37 -34.31 22.08
CA LEU B 211 -7.29 -33.43 20.88
C LEU B 211 -8.47 -33.76 19.93
N SER B 212 -9.12 -32.73 19.40
CA SER B 212 -10.23 -32.89 18.41
C SER B 212 -9.99 -31.88 17.29
N ASP B 213 -10.86 -31.83 16.29
CA ASP B 213 -10.70 -30.91 15.12
C ASP B 213 -11.32 -29.57 15.52
N ASP B 214 -10.57 -28.81 16.32
CA ASP B 214 -11.03 -27.47 16.72
C ASP B 214 -9.84 -26.52 16.86
N ILE B 215 -10.14 -25.25 17.05
CA ILE B 215 -9.06 -24.22 17.04
C ILE B 215 -8.13 -24.47 18.24
N ILE B 216 -8.69 -24.78 19.41
CA ILE B 216 -7.86 -24.87 20.63
C ILE B 216 -6.86 -26.03 20.44
N SER B 217 -7.30 -27.17 19.87
CA SER B 217 -6.44 -28.35 19.61
C SER B 217 -5.38 -28.02 18.55
N ASP B 218 -5.73 -27.23 17.54
CA ASP B 218 -4.73 -26.83 16.50
C ASP B 218 -3.71 -25.86 17.11
N LEU B 219 -4.12 -24.98 18.02
CA LEU B 219 -3.14 -24.08 18.69
C LEU B 219 -2.22 -24.89 19.61
N ILE B 220 -2.75 -25.88 20.30
CA ILE B 220 -1.88 -26.80 21.11
C ILE B 220 -0.80 -27.43 20.24
N GLN B 221 -1.14 -27.93 19.05
CA GLN B 221 -0.22 -28.69 18.16
C GLN B 221 0.69 -27.73 17.38
N ALA B 222 0.45 -26.43 17.36
CA ALA B 222 1.19 -25.49 16.48
C ALA B 222 2.67 -25.47 16.88
N GLU B 223 3.60 -25.34 15.92
CA GLU B 223 5.05 -25.30 16.20
C GLU B 223 5.72 -24.36 15.19
N PHE B 224 6.70 -23.57 15.65
CA PHE B 224 7.52 -22.67 14.79
C PHE B 224 8.99 -22.69 15.27
N ASP B 225 9.88 -23.24 14.46
CA ASP B 225 11.34 -23.27 14.77
C ASP B 225 11.48 -23.85 16.19
N GLY B 226 10.76 -24.96 16.44
CA GLY B 226 10.70 -25.68 17.73
C GLY B 226 9.87 -24.97 18.79
N GLU B 227 9.43 -23.72 18.59
CA GLU B 227 8.72 -22.91 19.62
C GLU B 227 7.22 -23.24 19.55
N THR B 228 6.57 -23.30 20.73
CA THR B 228 5.15 -23.67 20.86
C THR B 228 4.51 -22.70 21.83
N PHE B 229 3.18 -22.61 21.80
CA PHE B 229 2.40 -21.85 22.80
C PHE B 229 2.32 -22.65 24.10
N THR B 230 2.40 -21.95 25.22
CA THR B 230 1.94 -22.45 26.53
C THR B 230 0.41 -22.40 26.62
N ASP B 231 -0.15 -23.15 27.56
CA ASP B 231 -1.61 -23.17 27.84
C ASP B 231 -2.10 -21.74 28.04
N GLU B 232 -1.34 -20.92 28.75
CA GLU B 232 -1.79 -19.57 29.10
C GLU B 232 -1.77 -18.68 27.85
N GLU B 233 -0.80 -18.89 26.97
CA GLU B 233 -0.72 -18.15 25.68
C GLU B 233 -1.90 -18.58 24.80
N ILE B 234 -2.34 -19.83 24.87
CA ILE B 234 -3.48 -20.34 24.05
C ILE B 234 -4.76 -19.69 24.55
N VAL B 235 -4.93 -19.50 25.85
CA VAL B 235 -6.12 -18.73 26.34
C VAL B 235 -6.09 -17.30 25.79
N HIS B 236 -4.96 -16.60 25.88
CA HIS B 236 -4.86 -15.23 25.35
C HIS B 236 -5.10 -15.23 23.83
N ALA B 237 -4.63 -16.25 23.11
CA ALA B 237 -4.82 -16.35 21.66
C ALA B 237 -6.33 -16.44 21.38
N THR B 238 -7.11 -17.18 22.18
CA THR B 238 -8.55 -17.29 21.92
C THR B 238 -9.17 -15.93 22.21
N MET B 239 -8.68 -15.20 23.21
CA MET B 239 -9.28 -13.89 23.58
C MET B 239 -9.01 -12.90 22.44
N LEU B 240 -7.86 -13.00 21.82
CA LEU B 240 -7.51 -12.17 20.65
C LEU B 240 -8.51 -12.48 19.54
N LEU B 241 -8.78 -13.77 19.27
CA LEU B 241 -9.72 -14.16 18.19
C LEU B 241 -11.14 -13.67 18.52
N LEU B 242 -11.59 -13.75 19.78
CA LEU B 242 -12.91 -13.21 20.17
C LEU B 242 -12.97 -11.71 19.89
N GLY B 243 -11.92 -10.97 20.22
CA GLY B 243 -11.94 -9.51 20.06
C GLY B 243 -11.83 -9.15 18.59
N ALA B 244 -11.19 -9.99 17.79
CA ALA B 244 -10.98 -9.74 16.33
C ALA B 244 -12.21 -10.13 15.51
N GLY B 245 -12.92 -11.16 15.93
CA GLY B 245 -13.72 -12.00 15.02
C GLY B 245 -15.21 -12.01 15.33
N VAL B 246 -15.65 -11.41 16.42
CA VAL B 246 -17.06 -11.60 16.82
C VAL B 246 -17.82 -10.32 16.46
N GLU B 247 -17.51 -9.22 17.15
CA GLU B 247 -18.28 -7.94 16.91
C GLU B 247 -18.08 -7.39 15.48
N THR B 248 -16.88 -7.54 14.92
CA THR B 248 -16.60 -7.15 13.52
C THR B 248 -17.56 -7.92 12.62
N THR B 249 -17.60 -9.24 12.78
CA THR B 249 -18.47 -10.07 11.90
C THR B 249 -19.94 -9.72 12.11
N SER B 250 -20.36 -9.48 13.36
CA SER B 250 -21.76 -9.10 13.69
C SER B 250 -22.10 -7.81 12.93
N HIS B 251 -21.23 -6.82 13.03
CA HIS B 251 -21.41 -5.49 12.40
C HIS B 251 -21.54 -5.67 10.89
N ALA B 252 -20.66 -6.50 10.32
CA ALA B 252 -20.63 -6.73 8.88
C ALA B 252 -21.95 -7.37 8.44
N ILE B 253 -22.43 -8.38 9.16
CA ILE B 253 -23.71 -9.03 8.82
C ILE B 253 -24.86 -8.04 8.96
N ALA B 254 -24.95 -7.31 10.10
CA ALA B 254 -26.07 -6.38 10.30
C ALA B 254 -26.08 -5.35 9.15
N ASN B 255 -24.92 -4.83 8.76
CA ASN B 255 -24.82 -3.77 7.75
C ASN B 255 -25.13 -4.33 6.34
N MET B 256 -24.83 -5.60 6.11
CA MET B 256 -25.21 -6.28 4.83
C MET B 256 -26.73 -6.30 4.71
N PHE B 257 -27.44 -6.75 5.75
CA PHE B 257 -28.92 -6.76 5.70
C PHE B 257 -29.46 -5.34 5.64
N TYR B 258 -28.88 -4.38 6.37
CA TYR B 258 -29.25 -2.94 6.25
C TYR B 258 -29.22 -2.50 4.77
N SER B 259 -28.14 -2.86 4.07
CA SER B 259 -27.95 -2.51 2.65
C SER B 259 -29.13 -3.05 1.81
N PHE B 260 -29.58 -4.28 2.07
CA PHE B 260 -30.68 -4.87 1.28
C PHE B 260 -31.94 -4.06 1.49
N LEU B 261 -32.08 -3.35 2.62
CA LEU B 261 -33.30 -2.56 2.86
C LEU B 261 -33.17 -1.14 2.33
N TYR B 262 -31.97 -0.55 2.30
CA TYR B 262 -31.81 0.94 2.21
C TYR B 262 -30.90 1.38 1.08
N ASP B 263 -30.07 0.52 0.51
CA ASP B 263 -29.15 0.92 -0.59
C ASP B 263 -29.80 0.51 -1.91
N ASP B 264 -29.38 -0.62 -2.48
CA ASP B 264 -30.01 -1.17 -3.71
C ASP B 264 -31.09 -2.14 -3.28
N LYS B 265 -32.34 -1.70 -3.29
CA LYS B 265 -33.48 -2.47 -2.77
C LYS B 265 -33.85 -3.59 -3.76
N SER B 266 -33.18 -3.73 -4.92
CA SER B 266 -33.42 -4.81 -5.90
CA SER B 266 -33.41 -4.80 -5.92
C SER B 266 -32.42 -5.97 -5.70
N LEU B 267 -31.37 -5.73 -4.91
CA LEU B 267 -30.29 -6.73 -4.80
C LEU B 267 -30.83 -8.01 -4.19
N TYR B 268 -31.69 -7.91 -3.18
CA TYR B 268 -32.15 -9.14 -2.49
C TYR B 268 -32.84 -10.06 -3.52
N SER B 269 -33.73 -9.50 -4.34
CA SER B 269 -34.41 -10.19 -5.48
C SER B 269 -33.42 -10.85 -6.42
N GLU B 270 -32.34 -10.17 -6.77
CA GLU B 270 -31.30 -10.73 -7.67
C GLU B 270 -30.64 -11.95 -7.01
N LEU B 271 -30.39 -11.88 -5.70
CA LEU B 271 -29.79 -13.05 -5.01
C LEU B 271 -30.79 -14.21 -4.90
N ARG B 272 -32.08 -13.91 -4.73
CA ARG B 272 -33.14 -14.94 -4.73
C ARG B 272 -33.19 -15.64 -6.10
N ASN B 273 -32.97 -14.89 -7.17
CA ASN B 273 -33.13 -15.37 -8.56
C ASN B 273 -31.90 -16.20 -8.97
N ASN B 274 -30.76 -16.07 -8.28
CA ASN B 274 -29.52 -16.79 -8.59
C ASN B 274 -28.78 -17.05 -7.28
N ARG B 275 -28.94 -18.27 -6.76
CA ARG B 275 -28.50 -18.63 -5.40
C ARG B 275 -26.98 -18.79 -5.36
N GLU B 276 -26.25 -18.67 -6.49
CA GLU B 276 -24.78 -18.69 -6.52
C GLU B 276 -24.17 -17.28 -6.34
N LEU B 277 -24.97 -16.22 -6.20
CA LEU B 277 -24.40 -14.84 -6.16
C LEU B 277 -24.00 -14.45 -4.74
N ALA B 278 -24.29 -15.26 -3.71
CA ALA B 278 -24.06 -14.83 -2.31
C ALA B 278 -22.62 -14.36 -2.08
N PRO B 279 -21.54 -15.08 -2.50
CA PRO B 279 -20.17 -14.66 -2.24
C PRO B 279 -19.90 -13.27 -2.86
N LYS B 280 -20.43 -13.02 -4.04
CA LYS B 280 -20.26 -11.69 -4.71
C LYS B 280 -20.94 -10.61 -3.87
N ALA B 281 -22.13 -10.87 -3.36
CA ALA B 281 -22.82 -9.92 -2.48
C ALA B 281 -21.99 -9.68 -1.22
N VAL B 282 -21.45 -10.71 -0.61
CA VAL B 282 -20.67 -10.55 0.66
C VAL B 282 -19.48 -9.62 0.36
N GLU B 283 -18.75 -9.85 -0.72
CA GLU B 283 -17.55 -9.05 -1.03
C GLU B 283 -17.97 -7.58 -1.20
N GLU B 284 -19.09 -7.33 -1.84
CA GLU B 284 -19.49 -5.93 -2.14
C GLU B 284 -19.95 -5.30 -0.83
N MET B 285 -20.56 -6.05 0.10
CA MET B 285 -20.99 -5.43 1.40
C MET B 285 -19.78 -5.12 2.26
N LEU B 286 -18.72 -5.93 2.15
CA LEU B 286 -17.45 -5.65 2.85
C LEU B 286 -16.78 -4.40 2.24
N ARG B 287 -16.90 -4.19 0.93
CA ARG B 287 -16.34 -2.96 0.31
C ARG B 287 -17.17 -1.75 0.74
N TYR B 288 -18.49 -1.89 0.68
CA TYR B 288 -19.43 -0.75 0.65
C TYR B 288 -19.98 -0.42 2.04
N ARG B 289 -20.23 -1.42 2.87
CA ARG B 289 -21.10 -1.20 4.06
C ARG B 289 -20.38 -1.46 5.37
N PHE B 290 -19.09 -1.75 5.34
CA PHE B 290 -18.36 -1.91 6.62
C PHE B 290 -17.72 -0.57 7.01
N HIS B 291 -18.25 0.13 8.01
CA HIS B 291 -17.70 1.43 8.46
C HIS B 291 -17.51 1.43 9.96
N ILE B 292 -16.53 2.18 10.49
CA ILE B 292 -15.48 2.86 9.75
C ILE B 292 -14.23 2.00 9.92
N SER B 293 -13.53 1.69 8.84
CA SER B 293 -12.31 0.89 8.87
C SER B 293 -11.11 1.85 8.83
N ARG B 294 -10.35 1.90 9.92
CA ARG B 294 -9.12 2.72 9.91
C ARG B 294 -8.10 2.01 10.79
N ARG B 295 -6.84 2.12 10.41
CA ARG B 295 -5.73 1.50 11.16
C ARG B 295 -4.61 2.52 11.23
N ASP B 296 -3.89 2.52 12.37
CA ASP B 296 -2.79 3.51 12.49
C ASP B 296 -1.45 2.80 12.37
N ARG B 297 -0.46 3.56 11.94
CA ARG B 297 0.94 3.14 11.93
C ARG B 297 1.80 4.31 12.42
N THR B 298 2.99 4.00 12.90
CA THR B 298 3.98 5.00 13.33
C THR B 298 5.10 5.05 12.29
N VAL B 299 5.46 6.23 11.85
CA VAL B 299 6.54 6.35 10.84
C VAL B 299 7.87 5.87 11.44
N LYS B 300 8.52 4.93 10.76
CA LYS B 300 9.73 4.25 11.28
C LYS B 300 10.99 4.96 10.79
N GLN B 301 10.92 5.51 9.59
CA GLN B 301 12.05 6.27 8.95
C GLN B 301 11.44 7.50 8.26
N ASP B 302 12.08 8.66 8.38
CA ASP B 302 11.72 9.83 7.54
C ASP B 302 11.50 9.40 6.09
N ASN B 303 10.50 9.96 5.44
CA ASN B 303 10.17 9.60 4.04
C ASN B 303 9.15 10.57 3.45
N GLU B 304 9.00 10.55 2.12
CA GLU B 304 7.93 11.31 1.44
C GLU B 304 7.15 10.35 0.54
N LEU B 305 7.00 9.09 0.98
CA LEU B 305 6.28 8.08 0.14
C LEU B 305 4.81 8.48 -0.15
N LEU B 306 4.18 9.27 0.72
CA LEU B 306 2.77 9.74 0.63
C LEU B 306 2.69 11.16 0.05
N GLY B 307 3.78 11.67 -0.54
CA GLY B 307 3.83 13.00 -1.18
C GLY B 307 4.26 14.10 -0.21
N VAL B 308 4.07 13.90 1.09
CA VAL B 308 4.40 14.88 2.17
C VAL B 308 5.60 14.34 2.93
N LYS B 309 6.43 15.25 3.46
CA LYS B 309 7.59 14.86 4.29
C LYS B 309 7.09 14.42 5.66
N LEU B 310 7.31 13.14 6.00
CA LEU B 310 7.00 12.61 7.33
C LEU B 310 8.30 12.32 8.03
N LYS B 311 8.28 12.49 9.35
CA LYS B 311 9.42 12.25 10.26
C LYS B 311 9.14 11.02 11.10
N LYS B 312 10.21 10.31 11.45
CA LYS B 312 10.20 9.20 12.45
C LYS B 312 9.37 9.62 13.68
N GLY B 313 8.40 8.80 14.10
CA GLY B 313 7.53 9.09 15.24
C GLY B 313 6.18 9.67 14.84
N ASP B 314 6.02 10.22 13.64
CA ASP B 314 4.72 10.74 13.15
C ASP B 314 3.73 9.57 13.08
N VAL B 315 2.47 9.83 13.35
CA VAL B 315 1.39 8.81 13.31
C VAL B 315 0.54 9.05 12.06
N VAL B 316 0.31 7.98 11.30
CA VAL B 316 -0.52 8.02 10.08
C VAL B 316 -1.71 7.09 10.31
N ILE B 317 -2.91 7.59 10.08
CA ILE B 317 -4.16 6.81 10.10
C ILE B 317 -4.57 6.58 8.64
N ALA B 318 -4.70 5.31 8.29
CA ALA B 318 -5.12 4.85 6.96
C ALA B 318 -6.60 4.49 7.03
N TRP B 319 -7.42 5.27 6.33
CA TRP B 319 -8.89 5.15 6.38
C TRP B 319 -9.33 4.17 5.29
N MET B 320 -9.29 2.85 5.57
CA MET B 320 -9.62 1.85 4.53
C MET B 320 -11.04 2.01 3.97
N SER B 321 -12.05 2.37 4.77
CA SER B 321 -13.46 2.47 4.33
CA SER B 321 -13.46 2.44 4.30
C SER B 321 -13.58 3.60 3.31
N ALA B 322 -12.79 4.66 3.48
CA ALA B 322 -12.67 5.77 2.51
C ALA B 322 -12.02 5.25 1.22
N CYS B 323 -10.90 4.52 1.30
CA CYS B 323 -10.15 4.09 0.09
C CYS B 323 -10.97 3.06 -0.69
N ASN B 324 -11.95 2.41 -0.03
CA ASN B 324 -12.83 1.44 -0.71
C ASN B 324 -13.78 2.16 -1.64
N MET B 325 -13.83 3.50 -1.53
CA MET B 325 -14.71 4.32 -2.36
C MET B 325 -13.86 5.27 -3.22
N ASP B 326 -12.60 4.91 -3.42
CA ASP B 326 -11.65 5.62 -4.31
C ASP B 326 -11.95 5.20 -5.75
N GLU B 327 -12.46 6.16 -6.53
CA GLU B 327 -12.90 5.96 -7.94
CA GLU B 327 -12.91 5.90 -7.92
C GLU B 327 -11.73 5.47 -8.81
N THR B 328 -10.47 5.68 -8.42
CA THR B 328 -9.33 5.18 -9.22
C THR B 328 -9.22 3.66 -9.17
N MET B 329 -9.80 2.99 -8.17
CA MET B 329 -9.74 1.51 -8.04
CA MET B 329 -9.73 1.51 -8.04
C MET B 329 -11.13 0.88 -8.21
N PHE B 330 -12.19 1.60 -7.88
CA PHE B 330 -13.59 1.10 -7.83
C PHE B 330 -14.48 2.01 -8.68
N GLU B 331 -14.85 1.54 -9.85
CA GLU B 331 -15.79 2.28 -10.75
C GLU B 331 -17.12 2.55 -10.02
N ASN B 332 -17.69 3.74 -10.19
CA ASN B 332 -19.02 4.07 -9.59
C ASN B 332 -18.98 3.72 -8.11
N PRO B 333 -17.98 4.24 -7.36
CA PRO B 333 -17.66 3.68 -6.04
C PRO B 333 -18.77 3.88 -5.02
N PHE B 334 -19.62 4.90 -5.19
CA PHE B 334 -20.66 5.26 -4.20
C PHE B 334 -21.93 4.43 -4.45
N SER B 335 -21.89 3.52 -5.40
CA SER B 335 -23.01 2.64 -5.82
C SER B 335 -22.73 1.22 -5.40
N VAL B 336 -23.77 0.45 -5.10
CA VAL B 336 -23.66 -1.02 -4.91
C VAL B 336 -23.57 -1.68 -6.28
N ASP B 337 -22.55 -2.49 -6.51
CA ASP B 337 -22.46 -3.28 -7.76
C ASP B 337 -21.74 -4.60 -7.45
N ILE B 338 -22.49 -5.69 -7.24
CA ILE B 338 -21.82 -6.95 -6.86
C ILE B 338 -21.04 -7.51 -8.06
N HIS B 339 -21.25 -6.98 -9.27
CA HIS B 339 -20.54 -7.49 -10.48
C HIS B 339 -19.27 -6.68 -10.79
N ARG B 340 -18.95 -5.62 -10.03
CA ARG B 340 -17.72 -4.81 -10.22
C ARG B 340 -16.51 -5.73 -10.13
N PRO B 341 -15.67 -5.85 -11.19
CA PRO B 341 -14.60 -6.85 -11.19
C PRO B 341 -13.48 -6.60 -10.17
N THR B 342 -13.37 -5.38 -9.64
CA THR B 342 -12.31 -5.02 -8.64
C THR B 342 -12.78 -5.13 -7.19
N ASN B 343 -13.96 -5.65 -6.91
CA ASN B 343 -14.45 -5.65 -5.50
C ASN B 343 -13.48 -6.37 -4.58
N LYS B 344 -12.88 -7.47 -5.01
CA LYS B 344 -11.96 -8.26 -4.17
C LYS B 344 -10.70 -7.44 -3.83
N LYS B 345 -10.52 -6.23 -4.40
CA LYS B 345 -9.35 -5.40 -4.05
C LYS B 345 -9.66 -4.49 -2.84
N HIS B 346 -10.83 -4.62 -2.22
CA HIS B 346 -11.11 -3.77 -1.04
C HIS B 346 -10.11 -4.07 0.10
N LEU B 347 -9.90 -3.09 0.99
CA LEU B 347 -8.86 -3.20 2.05
C LEU B 347 -9.52 -3.33 3.41
N THR B 348 -10.76 -3.82 3.46
CA THR B 348 -11.52 -3.96 4.73
C THR B 348 -10.79 -4.94 5.66
N PHE B 349 -10.04 -5.90 5.12
CA PHE B 349 -9.24 -6.87 5.90
C PHE B 349 -7.77 -6.48 6.02
N GLY B 350 -7.42 -5.27 5.56
CA GLY B 350 -6.03 -4.84 5.59
C GLY B 350 -5.27 -5.34 4.39
N ASN B 351 -3.96 -5.37 4.51
CA ASN B 351 -3.03 -5.64 3.39
C ASN B 351 -1.63 -5.83 3.98
N GLY B 352 -0.92 -6.85 3.55
CA GLY B 352 0.47 -7.08 3.99
C GLY B 352 0.52 -8.07 5.16
N PRO B 353 1.58 -8.02 6.00
CA PRO B 353 1.80 -9.04 7.01
C PRO B 353 0.64 -9.23 7.98
N HIS B 354 -0.08 -8.16 8.31
CA HIS B 354 -1.20 -8.21 9.28
C HIS B 354 -2.54 -8.50 8.61
N PHE B 355 -2.56 -8.84 7.34
CA PHE B 355 -3.84 -9.10 6.64
C PHE B 355 -4.67 -10.06 7.47
N CYS B 356 -5.94 -9.74 7.65
CA CYS B 356 -6.84 -10.47 8.57
C CYS B 356 -6.65 -11.99 8.47
N LEU B 357 -6.25 -12.63 9.56
CA LEU B 357 -6.17 -14.12 9.62
C LEU B 357 -7.57 -14.75 9.48
N GLY B 358 -8.58 -14.02 9.91
CA GLY B 358 -9.97 -14.50 9.91
C GLY B 358 -10.70 -14.25 8.61
N ALA B 359 -10.07 -13.65 7.59
CA ALA B 359 -10.87 -13.19 6.44
C ALA B 359 -11.62 -14.37 5.80
N PRO B 360 -10.99 -15.52 5.52
CA PRO B 360 -11.75 -16.63 4.94
C PRO B 360 -12.92 -17.05 5.84
N LEU B 361 -12.73 -17.04 7.14
CA LEU B 361 -13.84 -17.41 8.05
C LEU B 361 -14.92 -16.34 8.01
N ALA B 362 -14.57 -15.06 8.09
CA ALA B 362 -15.57 -13.97 8.02
C ALA B 362 -16.41 -14.10 6.75
N ARG B 363 -15.76 -14.27 5.60
CA ARG B 363 -16.45 -14.43 4.29
CA ARG B 363 -16.45 -14.43 4.29
C ARG B 363 -17.35 -15.67 4.30
N LEU B 364 -16.87 -16.77 4.86
CA LEU B 364 -17.66 -18.02 5.00
C LEU B 364 -18.91 -17.80 5.87
N GLU B 365 -18.76 -17.16 7.02
CA GLU B 365 -19.89 -16.92 7.92
C GLU B 365 -20.92 -16.08 7.20
N MET B 366 -20.48 -14.99 6.56
CA MET B 366 -21.39 -14.07 5.86
C MET B 366 -22.08 -14.82 4.72
N LYS B 367 -21.38 -15.61 3.92
CA LYS B 367 -22.04 -16.38 2.83
C LYS B 367 -23.06 -17.37 3.40
N ILE B 368 -22.67 -18.14 4.40
CA ILE B 368 -23.57 -19.19 4.96
C ILE B 368 -24.86 -18.56 5.53
N ILE B 369 -24.75 -17.52 6.33
CA ILE B 369 -25.95 -16.88 6.92
C ILE B 369 -26.79 -16.25 5.82
N LEU B 370 -26.19 -15.68 4.79
CA LEU B 370 -26.97 -15.12 3.66
C LEU B 370 -27.67 -16.24 2.89
N GLU B 371 -26.97 -17.34 2.60
CA GLU B 371 -27.54 -18.48 1.84
C GLU B 371 -28.72 -19.06 2.64
N ALA B 372 -28.58 -19.27 3.95
CA ALA B 372 -29.66 -19.82 4.82
C ALA B 372 -30.87 -18.88 4.76
N PHE B 373 -30.61 -17.57 4.86
CA PHE B 373 -31.67 -16.56 4.84
C PHE B 373 -32.41 -16.59 3.51
N LEU B 374 -31.67 -16.60 2.41
CA LEU B 374 -32.24 -16.59 1.05
C LEU B 374 -33.13 -17.80 0.86
N GLU B 375 -32.78 -18.93 1.49
CA GLU B 375 -33.59 -20.17 1.33
C GLU B 375 -34.92 -20.04 2.07
N ALA B 376 -34.97 -19.24 3.12
CA ALA B 376 -36.16 -19.13 3.97
C ALA B 376 -37.06 -18.02 3.46
N PHE B 377 -36.52 -16.92 2.98
CA PHE B 377 -37.34 -15.69 2.76
C PHE B 377 -37.29 -15.20 1.32
N SER B 378 -38.45 -14.98 0.73
CA SER B 378 -38.62 -14.66 -0.70
C SER B 378 -38.38 -13.18 -0.88
N HIS B 379 -38.62 -12.36 0.15
CA HIS B 379 -38.70 -10.89 0.01
C HIS B 379 -38.57 -10.26 1.40
N ILE B 380 -37.91 -9.13 1.46
CA ILE B 380 -37.74 -8.40 2.74
C ILE B 380 -38.06 -6.93 2.49
N GLU B 381 -38.51 -6.24 3.52
CA GLU B 381 -38.92 -4.84 3.42
C GLU B 381 -38.59 -4.15 4.74
N PRO B 382 -38.16 -2.88 4.68
CA PRO B 382 -37.96 -2.08 5.89
C PRO B 382 -39.28 -1.71 6.55
N PHE B 383 -39.22 -1.42 7.82
CA PHE B 383 -40.34 -0.76 8.54
C PHE B 383 -40.35 0.73 8.15
N GLU B 384 -41.49 1.24 7.69
CA GLU B 384 -41.60 2.66 7.27
C GLU B 384 -41.25 3.57 8.45
N ASP B 385 -41.56 3.18 9.69
CA ASP B 385 -41.37 4.06 10.87
C ASP B 385 -40.00 3.86 11.55
N PHE B 386 -39.09 3.05 11.00
CA PHE B 386 -37.80 2.79 11.66
C PHE B 386 -36.99 4.09 11.58
N GLU B 387 -36.51 4.59 12.71
CA GLU B 387 -35.58 5.74 12.72
C GLU B 387 -34.18 5.21 13.01
N LEU B 388 -33.23 5.63 12.20
CA LEU B 388 -31.82 5.20 12.38
C LEU B 388 -31.21 5.81 13.66
N GLU B 389 -31.33 7.11 13.88
CA GLU B 389 -30.53 7.81 14.93
C GLU B 389 -30.72 7.17 16.30
N PRO B 390 -31.94 6.85 16.79
CA PRO B 390 -32.05 6.30 18.14
C PRO B 390 -31.61 4.86 18.26
N HIS B 391 -31.33 4.20 17.12
CA HIS B 391 -30.95 2.77 17.09
C HIS B 391 -29.50 2.61 16.62
N LEU B 392 -28.66 3.62 16.89
CA LEU B 392 -27.20 3.49 16.73
C LEU B 392 -26.57 3.71 18.12
N THR B 393 -25.55 2.93 18.42
CA THR B 393 -24.74 3.05 19.65
C THR B 393 -23.26 3.13 19.27
N ALA B 394 -22.46 3.82 20.09
CA ALA B 394 -21.00 3.89 19.88
C ALA B 394 -20.42 2.48 19.90
N SER B 395 -19.51 2.20 18.99
CA SER B 395 -18.78 0.91 18.96
C SER B 395 -17.32 1.21 18.60
N ALA B 396 -16.49 0.19 18.58
CA ALA B 396 -15.09 0.32 18.15
C ALA B 396 -15.03 0.79 16.68
N THR B 397 -16.05 0.51 15.86
CA THR B 397 -16.05 0.87 14.41
C THR B 397 -16.71 2.25 14.19
N GLY B 398 -17.20 2.92 15.22
CA GLY B 398 -17.90 4.21 15.07
C GLY B 398 -19.29 4.10 15.67
N GLN B 399 -20.30 3.76 14.86
CA GLN B 399 -21.68 3.49 15.36
C GLN B 399 -22.11 2.10 14.88
N SER B 400 -22.82 1.37 15.72
CA SER B 400 -23.39 0.05 15.35
C SER B 400 -24.90 0.03 15.62
N LEU B 401 -25.60 -0.72 14.78
CA LEU B 401 -27.08 -0.86 14.91
C LEU B 401 -27.39 -1.56 16.23
N THR B 402 -28.33 -1.03 17.03
CA THR B 402 -28.89 -1.73 18.21
C THR B 402 -30.12 -2.56 17.89
N TYR B 403 -30.68 -2.36 16.72
CA TYR B 403 -31.99 -2.88 16.28
C TYR B 403 -32.03 -2.74 14.77
N LEU B 404 -32.55 -3.73 14.07
CA LEU B 404 -32.79 -3.60 12.62
C LEU B 404 -33.98 -4.44 12.26
N PRO B 405 -35.19 -3.85 12.27
CA PRO B 405 -36.38 -4.59 11.91
C PRO B 405 -36.55 -4.74 10.40
N MET B 406 -37.19 -5.82 10.02
CA MET B 406 -37.67 -6.02 8.64
C MET B 406 -38.93 -6.88 8.61
N THR B 407 -39.82 -6.61 7.66
CA THR B 407 -40.93 -7.51 7.31
C THR B 407 -40.36 -8.54 6.32
N VAL B 408 -40.70 -9.81 6.55
CA VAL B 408 -40.21 -10.90 5.69
C VAL B 408 -41.40 -11.67 5.15
N TYR B 409 -41.25 -12.20 3.94
CA TYR B 409 -42.27 -13.06 3.29
C TYR B 409 -41.66 -14.40 2.91
N ARG B 410 -42.53 -15.40 2.71
CA ARG B 410 -42.13 -16.75 2.25
C ARG B 410 -42.87 -17.07 0.95
N HIS B 411 -42.34 -18.00 0.15
CA HIS B 411 -43.07 -18.68 -0.95
C HIS B 411 -44.10 -19.63 -0.34
N GLU C 4 37.95 42.87 25.77
CA GLU C 4 37.67 43.23 24.33
C GLU C 4 37.42 41.96 23.52
N VAL C 5 38.14 40.86 23.80
CA VAL C 5 38.07 39.59 23.02
C VAL C 5 36.98 38.70 23.63
N ILE C 6 35.99 38.30 22.82
CA ILE C 6 34.75 37.58 23.25
C ILE C 6 34.94 36.09 23.08
N PRO C 7 34.76 35.27 24.14
CA PRO C 7 34.75 33.82 24.00
C PRO C 7 33.42 33.39 23.36
N VAL C 8 33.54 32.51 22.37
CA VAL C 8 32.44 32.07 21.45
C VAL C 8 32.00 30.66 21.82
N THR C 9 32.64 30.01 22.80
CA THR C 9 32.45 28.56 23.04
C THR C 9 31.03 28.31 23.57
N GLU C 10 30.38 29.29 24.21
CA GLU C 10 28.96 29.16 24.64
C GLU C 10 27.99 29.42 23.47
N ILE C 11 28.45 29.67 22.23
CA ILE C 11 27.50 29.68 21.07
C ILE C 11 27.19 28.21 20.74
N PRO C 12 28.17 27.36 20.30
CA PRO C 12 27.87 25.97 20.00
C PRO C 12 27.61 25.04 21.20
N LYS C 13 28.17 25.35 22.38
CA LYS C 13 28.08 24.50 23.60
C LYS C 13 28.38 23.04 23.25
N PHE C 14 29.51 22.80 22.57
CA PHE C 14 29.91 21.43 22.18
C PHE C 14 30.01 20.52 23.42
N GLN C 15 29.59 19.27 23.26
CA GLN C 15 29.57 18.27 24.32
C GLN C 15 30.95 17.68 24.59
N SER C 16 31.81 17.54 23.57
CA SER C 16 33.09 16.81 23.66
C SER C 16 34.09 17.47 22.70
N ARG C 17 35.34 17.10 22.86
CA ARG C 17 36.45 17.48 21.93
C ARG C 17 36.13 16.88 20.56
N ALA C 18 35.74 15.60 20.51
CA ALA C 18 35.31 14.91 19.28
C ALA C 18 34.24 15.70 18.53
N GLU C 19 33.18 16.20 19.20
CA GLU C 19 32.12 16.98 18.54
C GLU C 19 32.70 18.27 17.94
N GLU C 20 33.51 19.00 18.68
CA GLU C 20 34.13 20.27 18.23
C GLU C 20 35.10 20.01 17.07
N PHE C 21 35.72 18.85 17.01
CA PHE C 21 36.64 18.46 15.91
C PHE C 21 35.89 18.27 14.58
N PHE C 22 34.59 17.90 14.62
CA PHE C 22 33.78 17.59 13.42
C PHE C 22 32.31 17.84 13.75
N PRO C 23 31.93 19.12 13.86
CA PRO C 23 30.64 19.50 14.43
C PRO C 23 29.48 19.53 13.42
N ILE C 24 29.36 18.51 12.59
CA ILE C 24 28.39 18.49 11.48
C ILE C 24 26.95 18.50 12.01
N GLN C 25 26.68 17.93 13.19
CA GLN C 25 25.29 17.94 13.73
C GLN C 25 24.93 19.37 14.12
N TRP C 26 25.85 20.07 14.79
CA TRP C 26 25.65 21.50 15.11
C TRP C 26 25.44 22.29 13.83
N TYR C 27 26.26 22.05 12.79
CA TYR C 27 26.12 22.82 11.54
C TYR C 27 24.70 22.62 10.96
N LYS C 28 24.22 21.39 10.97
CA LYS C 28 22.88 21.05 10.42
C LYS C 28 21.79 21.78 11.26
N GLU C 29 21.91 21.80 12.59
CA GLU C 29 20.96 22.51 13.49
C GLU C 29 20.91 23.95 13.02
N MET C 30 22.10 24.58 12.92
CA MET C 30 22.20 26.03 12.70
C MET C 30 21.68 26.36 11.29
N LEU C 31 22.08 25.64 10.25
CA LEU C 31 21.68 25.95 8.86
C LEU C 31 20.17 25.73 8.70
N ASN C 32 19.64 24.69 9.34
CA ASN C 32 18.23 24.26 9.17
C ASN C 32 17.31 25.08 10.09
N ASN C 33 17.77 25.54 11.27
CA ASN C 33 16.87 26.09 12.33
C ASN C 33 17.19 27.56 12.64
N SER C 34 18.42 28.03 12.40
CA SER C 34 18.92 29.29 12.97
C SER C 34 20.06 29.83 12.12
N PRO C 35 19.91 29.99 10.78
CA PRO C 35 21.07 30.30 9.94
C PRO C 35 21.57 31.74 10.13
N VAL C 36 20.74 32.62 10.67
CA VAL C 36 21.16 33.98 11.13
C VAL C 36 20.71 34.10 12.57
N TYR C 37 21.65 34.14 13.48
CA TYR C 37 21.33 33.85 14.90
C TYR C 37 21.96 34.95 15.74
N PHE C 38 21.15 35.69 16.51
CA PHE C 38 21.67 36.64 17.51
C PHE C 38 21.83 35.93 18.87
N HIS C 39 23.05 35.89 19.38
CA HIS C 39 23.40 35.17 20.62
C HIS C 39 23.44 36.20 21.76
N GLU C 40 22.45 36.13 22.66
CA GLU C 40 22.17 37.16 23.68
C GLU C 40 23.41 37.30 24.58
N GLU C 41 24.04 36.21 25.06
CA GLU C 41 25.07 36.33 26.13
C GLU C 41 26.42 36.81 25.57
N THR C 42 26.72 36.64 24.27
CA THR C 42 27.95 37.20 23.67
C THR C 42 27.64 38.52 22.97
N ASN C 43 26.37 38.81 22.68
CA ASN C 43 25.98 40.03 21.91
C ASN C 43 26.63 39.95 20.50
N THR C 44 26.49 38.81 19.86
CA THR C 44 27.05 38.55 18.51
C THR C 44 25.94 38.03 17.60
N TRP C 45 26.04 38.46 16.35
CA TRP C 45 25.24 37.93 15.21
C TRP C 45 26.07 36.85 14.55
N ASN C 46 25.46 35.71 14.23
CA ASN C 46 26.17 34.50 13.75
C ASN C 46 25.57 34.12 12.39
N VAL C 47 26.41 33.90 11.37
CA VAL C 47 25.90 33.58 10.01
C VAL C 47 26.56 32.30 9.55
N PHE C 48 25.77 31.44 8.91
CA PHE C 48 26.16 30.04 8.62
C PHE C 48 26.03 29.73 7.13
N GLN C 49 25.16 30.42 6.41
CA GLN C 49 24.85 30.06 5.01
C GLN C 49 25.98 30.56 4.13
N TYR C 50 26.29 29.81 3.07
CA TYR C 50 27.39 30.19 2.13
C TYR C 50 27.30 31.66 1.70
N GLU C 51 26.19 32.16 1.13
CA GLU C 51 26.21 33.50 0.51
C GLU C 51 26.36 34.54 1.63
N HIS C 52 25.78 34.32 2.80
CA HIS C 52 25.89 35.32 3.89
C HIS C 52 27.31 35.36 4.40
N VAL C 53 27.95 34.21 4.56
CA VAL C 53 29.36 34.18 5.02
C VAL C 53 30.20 34.91 3.99
N LYS C 54 29.98 34.61 2.72
CA LYS C 54 30.83 35.20 1.68
C LYS C 54 30.67 36.72 1.69
N GLN C 55 29.45 37.19 1.85
CA GLN C 55 29.17 38.65 1.90
C GLN C 55 29.89 39.27 3.11
N VAL C 56 29.76 38.64 4.27
CA VAL C 56 30.41 39.17 5.52
C VAL C 56 31.92 39.21 5.32
N LEU C 57 32.51 38.17 4.74
CA LEU C 57 34.01 38.12 4.66
C LEU C 57 34.54 39.18 3.71
N SER C 58 33.77 39.51 2.67
CA SER C 58 34.22 40.21 1.44
CA SER C 58 34.33 40.24 1.51
C SER C 58 33.89 41.71 1.48
N ASP C 59 32.70 42.03 1.97
CA ASP C 59 32.09 43.35 1.75
C ASP C 59 32.57 44.33 2.81
N TYR C 60 33.79 44.85 2.64
CA TYR C 60 34.49 45.58 3.73
C TYR C 60 33.87 46.98 3.91
N GLU C 61 33.11 47.48 2.94
CA GLU C 61 32.35 48.77 3.08
C GLU C 61 31.32 48.62 4.23
N PHE C 62 30.76 47.42 4.44
CA PHE C 62 29.71 47.19 5.46
C PHE C 62 30.20 46.36 6.65
N PHE C 63 31.22 45.53 6.44
CA PHE C 63 31.74 44.61 7.46
C PHE C 63 33.24 44.80 7.58
N SER C 64 33.66 45.50 8.64
CA SER C 64 35.06 45.92 8.83
C SER C 64 35.89 44.81 9.50
N SER C 65 37.17 44.69 9.15
CA SER C 65 38.12 43.84 9.90
C SER C 65 38.69 44.56 11.13
N ASP C 66 38.39 45.84 11.33
CA ASP C 66 38.87 46.63 12.51
C ASP C 66 37.84 46.42 13.64
N GLY C 67 37.60 47.42 14.48
CA GLY C 67 36.62 47.29 15.59
C GLY C 67 37.25 46.74 16.85
N GLN C 68 36.80 47.26 18.00
CA GLN C 68 37.37 47.09 19.37
C GLN C 68 36.97 45.74 20.00
N ARG C 69 36.13 44.97 19.29
CA ARG C 69 35.65 43.62 19.71
C ARG C 69 36.09 42.62 18.63
N THR C 70 36.58 41.44 19.05
CA THR C 70 36.89 40.28 18.18
C THR C 70 36.54 39.06 19.06
N THR C 71 36.44 37.88 18.46
CA THR C 71 35.86 36.68 19.12
C THR C 71 36.92 35.57 19.04
N ILE C 72 36.78 34.55 19.88
CA ILE C 72 37.72 33.39 19.92
C ILE C 72 37.00 32.10 20.36
N PHE C 73 37.58 30.96 19.96
CA PHE C 73 37.29 29.59 20.45
C PHE C 73 38.24 29.12 21.55
N VAL C 74 39.44 29.69 21.60
CA VAL C 74 40.61 29.12 22.35
C VAL C 74 40.94 30.06 23.51
N ASN C 88 48.58 43.32 12.35
CA ASN C 88 48.19 44.64 11.78
C ASN C 88 47.41 44.46 10.47
N LEU C 89 47.98 43.70 9.53
CA LEU C 89 47.45 43.45 8.15
C LEU C 89 45.99 42.93 8.21
N THR C 90 45.73 41.99 9.11
CA THR C 90 44.44 41.27 9.19
C THR C 90 43.38 42.22 9.77
N ASN C 91 43.83 43.31 10.39
CA ASN C 91 42.98 44.25 11.19
C ASN C 91 42.82 45.59 10.48
N LEU C 92 43.20 45.67 9.19
CA LEU C 92 43.06 46.89 8.35
C LEU C 92 42.08 46.62 7.22
N ASP C 93 41.28 47.61 6.84
CA ASP C 93 40.44 47.56 5.61
C ASP C 93 41.16 48.33 4.52
N PRO C 94 40.87 48.06 3.23
CA PRO C 94 41.27 48.98 2.16
C PRO C 94 40.77 50.38 2.53
N PRO C 95 41.51 51.48 2.22
CA PRO C 95 42.72 51.44 1.40
C PRO C 95 44.05 51.28 2.15
N ASP C 96 44.03 51.24 3.49
CA ASP C 96 45.23 51.08 4.37
C ASP C 96 45.80 49.65 4.27
N HIS C 97 44.95 48.63 4.21
CA HIS C 97 45.32 47.19 4.04
C HIS C 97 46.30 46.95 2.88
N ARG C 98 46.09 47.61 1.74
CA ARG C 98 46.84 47.38 0.48
C ARG C 98 48.36 47.48 0.72
N LYS C 99 48.83 48.46 1.51
CA LYS C 99 50.30 48.63 1.74
C LYS C 99 50.92 47.39 2.39
N ALA C 100 50.39 47.02 3.56
CA ALA C 100 50.86 45.90 4.39
C ALA C 100 50.76 44.61 3.57
N ARG C 101 49.64 44.43 2.86
CA ARG C 101 49.40 43.21 2.05
C ARG C 101 50.44 43.17 0.91
N SER C 102 50.66 44.28 0.18
CA SER C 102 51.60 44.33 -0.97
C SER C 102 53.02 43.92 -0.54
N LEU C 103 53.48 44.43 0.59
CA LEU C 103 54.87 44.22 1.04
C LEU C 103 55.07 42.72 1.31
N LEU C 104 54.12 42.05 1.97
CA LEU C 104 54.23 40.58 2.23
C LEU C 104 53.98 39.79 0.94
N ALA C 105 53.08 40.25 0.06
CA ALA C 105 52.65 39.51 -1.13
C ALA C 105 53.82 39.43 -2.12
N ALA C 106 54.78 40.33 -1.99
CA ALA C 106 56.02 40.34 -2.82
C ALA C 106 56.74 39.00 -2.67
N ALA C 107 56.51 38.27 -1.57
CA ALA C 107 57.22 36.99 -1.33
C ALA C 107 56.39 35.81 -1.83
N PHE C 108 55.14 36.04 -2.24
CA PHE C 108 54.20 34.93 -2.55
C PHE C 108 53.69 35.04 -3.97
N THR C 109 54.54 35.46 -4.90
CA THR C 109 54.11 35.59 -6.31
C THR C 109 53.86 34.18 -6.87
N HIS C 110 53.04 34.08 -7.92
CA HIS C 110 52.76 32.79 -8.61
C HIS C 110 54.07 32.22 -9.16
N ARG C 111 54.92 33.06 -9.74
CA ARG C 111 56.24 32.60 -10.25
C ARG C 111 57.03 31.91 -9.14
N SER C 112 57.12 32.50 -7.95
CA SER C 112 57.83 31.94 -6.80
C SER C 112 57.21 30.60 -6.41
N LEU C 113 55.87 30.52 -6.33
CA LEU C 113 55.18 29.25 -6.02
C LEU C 113 55.61 28.15 -7.01
N LYS C 114 55.63 28.42 -8.30
CA LYS C 114 55.93 27.35 -9.31
C LYS C 114 57.41 26.99 -9.20
N ASN C 115 58.26 27.91 -8.74
CA ASN C 115 59.69 27.62 -8.53
C ASN C 115 59.86 26.73 -7.29
N TRP C 116 59.05 26.97 -6.23
CA TRP C 116 59.13 26.22 -4.95
C TRP C 116 58.76 24.76 -5.15
N GLU C 117 57.85 24.49 -6.07
CA GLU C 117 57.18 23.18 -6.22
C GLU C 117 58.24 22.07 -6.25
N PRO C 118 59.24 22.09 -7.14
CA PRO C 118 60.23 21.01 -7.19
C PRO C 118 60.98 20.77 -5.89
N ARG C 119 61.33 21.83 -5.19
CA ARG C 119 62.03 21.79 -3.89
C ARG C 119 61.10 21.17 -2.85
N ILE C 120 59.84 21.60 -2.85
CA ILE C 120 58.86 21.06 -1.87
C ILE C 120 58.67 19.57 -2.14
N LYS C 121 58.60 19.15 -3.41
CA LYS C 121 58.53 17.72 -3.78
C LYS C 121 59.74 16.97 -3.19
N GLN C 122 60.95 17.52 -3.31
CA GLN C 122 62.14 16.78 -2.81
C GLN C 122 62.05 16.67 -1.28
N ILE C 123 61.65 17.73 -0.59
CA ILE C 123 61.46 17.67 0.88
C ILE C 123 60.43 16.59 1.23
N ALA C 124 59.28 16.55 0.53
CA ALA C 124 58.23 15.53 0.81
C ALA C 124 58.77 14.11 0.54
N ALA C 125 59.49 13.91 -0.56
CA ALA C 125 60.12 12.60 -0.92
C ALA C 125 61.07 12.15 0.18
N ASP C 126 61.89 13.05 0.69
CA ASP C 126 62.93 12.71 1.70
C ASP C 126 62.24 12.38 3.04
N LEU C 127 61.19 13.13 3.39
CA LEU C 127 60.43 12.95 4.67
C LEU C 127 59.74 11.58 4.66
N VAL C 128 59.06 11.23 3.57
CA VAL C 128 58.32 9.94 3.45
C VAL C 128 59.37 8.81 3.34
N GLU C 129 60.44 9.01 2.59
CA GLU C 129 61.53 8.02 2.42
C GLU C 129 62.06 7.60 3.80
N ALA C 130 62.18 8.53 4.74
CA ALA C 130 62.77 8.27 6.07
C ALA C 130 61.84 7.40 6.92
N ILE C 131 60.54 7.30 6.61
CA ILE C 131 59.59 6.50 7.44
C ILE C 131 59.04 5.28 6.71
N GLN C 132 59.28 5.14 5.42
CA GLN C 132 58.56 4.15 4.58
C GLN C 132 58.95 2.71 4.94
N LYS C 133 60.05 2.48 5.65
CA LYS C 133 60.43 1.11 6.13
C LYS C 133 59.60 0.72 7.36
N ASN C 134 58.82 1.64 7.96
CA ASN C 134 58.11 1.38 9.23
C ASN C 134 56.75 0.76 8.93
N PRO C 135 56.33 -0.27 9.70
CA PRO C 135 55.03 -0.89 9.47
C PRO C 135 53.90 0.06 9.91
N THR C 136 54.20 0.96 10.84
CA THR C 136 53.19 1.95 11.31
C THR C 136 53.83 3.34 11.38
N ILE C 137 52.97 4.35 11.34
CA ILE C 137 53.42 5.76 11.40
C ILE C 137 52.44 6.53 12.27
N ASN C 138 52.92 7.65 12.78
CA ASN C 138 52.10 8.62 13.51
C ASN C 138 52.02 9.82 12.59
N ILE C 139 50.89 10.04 11.98
CA ILE C 139 50.76 11.15 10.97
C ILE C 139 51.24 12.46 11.61
N VAL C 140 50.87 12.72 12.85
CA VAL C 140 51.14 14.05 13.47
C VAL C 140 52.65 14.24 13.63
N ASP C 141 53.38 13.34 14.26
CA ASP C 141 54.82 13.61 14.55
C ASP C 141 55.70 13.31 13.33
N ASP C 142 55.29 12.39 12.45
CA ASP C 142 56.05 11.97 11.25
C ASP C 142 55.79 12.82 10.00
N LEU C 143 54.61 13.44 9.83
CA LEU C 143 54.28 14.11 8.54
C LEU C 143 53.62 15.48 8.76
N SER C 144 52.46 15.54 9.42
CA SER C 144 51.64 16.78 9.43
C SER C 144 52.36 17.88 10.21
N SER C 145 52.97 17.54 11.36
CA SER C 145 53.69 18.55 12.17
C SER C 145 54.97 19.01 11.46
N PRO C 146 55.87 18.11 11.03
CA PRO C 146 57.15 18.56 10.50
C PRO C 146 57.12 19.17 9.11
N PHE C 147 56.24 18.73 8.22
CA PHE C 147 56.40 19.06 6.81
C PHE C 147 56.31 20.57 6.63
N PRO C 148 55.27 21.26 7.14
CA PRO C 148 55.16 22.73 6.91
C PRO C 148 56.37 23.51 7.46
N SER C 149 56.99 23.03 8.54
CA SER C 149 58.15 23.71 9.15
C SER C 149 59.42 23.42 8.35
N LEU C 150 59.62 22.18 7.88
CA LEU C 150 60.73 21.87 6.96
C LEU C 150 60.63 22.71 5.69
N VAL C 151 59.43 22.85 5.12
CA VAL C 151 59.27 23.57 3.84
C VAL C 151 59.61 25.04 4.08
N ILE C 152 58.99 25.65 5.08
CA ILE C 152 59.13 27.13 5.28
C ILE C 152 60.60 27.47 5.60
N ALA C 153 61.35 26.58 6.28
CA ALA C 153 62.82 26.76 6.50
C ALA C 153 63.55 26.87 5.15
N ASP C 154 63.23 25.98 4.22
CA ASP C 154 63.82 26.03 2.88
C ASP C 154 63.39 27.35 2.21
N LEU C 155 62.11 27.67 2.23
CA LEU C 155 61.59 28.82 1.43
C LEU C 155 62.18 30.14 1.95
N PHE C 156 62.35 30.25 3.28
CA PHE C 156 62.95 31.45 3.93
C PHE C 156 64.37 31.66 3.42
N GLY C 157 65.07 30.56 3.08
CA GLY C 157 66.48 30.55 2.66
C GLY C 157 67.41 30.29 3.82
N VAL C 158 66.91 29.57 4.82
CA VAL C 158 67.74 29.17 5.97
C VAL C 158 68.83 28.27 5.42
N PRO C 159 70.13 28.52 5.72
CA PRO C 159 71.19 27.60 5.32
C PRO C 159 70.85 26.13 5.59
N VAL C 160 71.45 25.26 4.78
CA VAL C 160 71.09 23.83 4.69
C VAL C 160 71.27 23.17 6.05
N LYS C 161 70.27 22.40 6.49
CA LYS C 161 70.32 21.40 7.60
C LYS C 161 70.40 22.09 8.97
N ASP C 162 70.03 23.37 9.06
CA ASP C 162 69.60 23.96 10.36
C ASP C 162 68.10 23.69 10.53
N ARG C 163 67.47 23.14 9.50
CA ARG C 163 66.00 22.97 9.46
C ARG C 163 65.51 22.34 10.75
N TYR C 164 66.15 21.28 11.23
CA TYR C 164 65.75 20.62 12.49
C TYR C 164 66.08 21.62 13.63
N GLN C 165 67.17 22.40 13.53
CA GLN C 165 67.47 23.50 14.52
C GLN C 165 66.46 24.63 14.29
N PHE C 166 66.54 25.33 13.15
CA PHE C 166 65.47 26.27 12.75
C PHE C 166 64.10 25.61 12.96
N LYS C 167 63.88 24.38 12.48
CA LYS C 167 62.55 23.73 12.67
C LYS C 167 62.26 23.50 14.15
N LYS C 168 63.27 23.14 14.95
CA LYS C 168 63.06 22.86 16.39
C LYS C 168 62.53 24.16 17.06
N TRP C 169 63.07 25.33 16.69
CA TRP C 169 62.50 26.64 17.17
C TRP C 169 61.06 26.74 16.66
N VAL C 170 60.84 26.53 15.36
CA VAL C 170 59.44 26.60 14.82
C VAL C 170 58.62 25.59 15.60
N ASP C 171 59.16 24.35 15.71
CA ASP C 171 58.46 23.24 16.41
C ASP C 171 58.16 23.71 17.84
N ILE C 172 59.12 24.36 18.51
CA ILE C 172 58.86 24.85 19.92
C ILE C 172 57.85 26.00 19.88
N LEU C 173 58.06 26.98 19.01
CA LEU C 173 57.26 28.24 19.04
C LEU C 173 55.79 27.95 18.72
N PHE C 174 55.52 26.95 17.87
CA PHE C 174 54.15 26.61 17.40
C PHE C 174 53.76 25.20 17.85
N GLN C 175 54.36 24.72 18.97
CA GLN C 175 54.02 23.38 19.53
C GLN C 175 52.54 23.34 19.93
N PRO C 176 51.94 22.13 19.98
CA PRO C 176 50.56 21.99 20.47
C PRO C 176 50.36 22.61 21.86
N TYR C 177 49.20 23.24 22.07
CA TYR C 177 48.66 23.61 23.40
C TYR C 177 48.65 22.36 24.29
N ASP C 178 48.98 22.55 25.57
CA ASP C 178 48.94 21.49 26.61
C ASP C 178 48.53 22.17 27.93
N GLN C 179 47.32 21.86 28.41
CA GLN C 179 46.71 22.37 29.66
C GLN C 179 47.58 22.01 30.88
N GLU C 180 48.34 20.91 30.80
CA GLU C 180 49.14 20.32 31.89
C GLU C 180 50.48 21.06 32.07
N ARG C 181 51.04 21.57 30.98
CA ARG C 181 52.41 22.17 30.93
C ARG C 181 52.32 23.65 30.51
N LEU C 182 51.27 24.36 30.97
CA LEU C 182 50.82 25.68 30.46
C LEU C 182 51.15 26.81 31.43
N GLU C 183 51.44 28.00 30.90
CA GLU C 183 51.84 29.25 31.61
C GLU C 183 53.30 29.17 32.07
N GLU C 184 53.89 27.98 31.99
CA GLU C 184 55.36 27.73 32.13
C GLU C 184 56.01 27.82 30.76
N ILE C 185 55.33 27.37 29.69
CA ILE C 185 55.92 27.37 28.31
C ILE C 185 55.50 28.66 27.59
N GLU C 186 54.92 29.62 28.33
CA GLU C 186 55.00 31.06 28.01
C GLU C 186 56.49 31.46 27.97
N GLN C 187 57.29 30.89 28.88
CA GLN C 187 58.75 31.16 29.01
C GLN C 187 59.54 30.36 27.97
N GLU C 188 59.28 29.04 27.87
CA GLU C 188 59.85 28.13 26.84
C GLU C 188 59.68 28.75 25.43
N LYS C 189 58.58 29.49 25.21
CA LYS C 189 58.25 30.23 23.96
C LYS C 189 59.13 31.48 23.88
N GLN C 190 59.03 32.34 24.90
CA GLN C 190 59.82 33.61 24.96
C GLN C 190 61.28 33.28 24.63
N ARG C 191 61.79 32.17 25.15
CA ARG C 191 63.17 31.68 24.90
C ARG C 191 63.38 31.27 23.44
N ALA C 192 62.49 30.48 22.84
CA ALA C 192 62.67 30.03 21.44
C ALA C 192 62.63 31.26 20.51
N GLY C 193 61.79 32.24 20.84
CA GLY C 193 61.60 33.52 20.12
C GLY C 193 62.85 34.37 20.15
N ALA C 194 63.53 34.41 21.29
CA ALA C 194 64.81 35.14 21.43
C ALA C 194 65.90 34.41 20.64
N GLU C 195 65.95 33.06 20.70
CA GLU C 195 66.98 32.30 19.95
C GLU C 195 66.74 32.43 18.45
N TYR C 196 65.46 32.41 18.06
CA TYR C 196 65.00 32.55 16.66
C TYR C 196 65.49 33.90 16.12
N PHE C 197 65.27 34.97 16.90
CA PHE C 197 65.68 36.33 16.47
C PHE C 197 67.21 36.39 16.32
N GLN C 198 67.92 35.91 17.33
CA GLN C 198 69.40 36.02 17.36
C GLN C 198 69.98 35.26 16.16
N TYR C 199 69.34 34.16 15.78
CA TYR C 199 69.72 33.35 14.60
C TYR C 199 69.39 34.09 13.29
N LEU C 200 68.15 34.55 13.14
CA LEU C 200 67.68 35.00 11.80
C LEU C 200 68.10 36.44 11.51
N TYR C 201 68.31 37.28 12.53
CA TYR C 201 68.60 38.71 12.29
C TYR C 201 69.88 38.84 11.47
N PRO C 202 70.99 38.16 11.82
CA PRO C 202 72.20 38.25 11.00
C PRO C 202 72.08 37.59 9.62
N ILE C 203 71.22 36.59 9.46
CA ILE C 203 70.95 35.99 8.12
C ILE C 203 70.29 37.04 7.23
N VAL C 204 69.35 37.82 7.77
CA VAL C 204 68.67 38.90 7.01
C VAL C 204 69.73 39.93 6.59
N ILE C 205 70.62 40.32 7.50
CA ILE C 205 71.67 41.34 7.17
C ILE C 205 72.53 40.81 6.03
N GLU C 206 72.99 39.57 6.16
CA GLU C 206 73.86 38.90 5.13
C GLU C 206 73.14 38.92 3.78
N LYS C 207 71.85 38.57 3.78
CA LYS C 207 71.12 38.38 2.50
C LYS C 207 71.00 39.71 1.77
N ARG C 208 71.00 40.84 2.47
CA ARG C 208 70.95 42.19 1.86
C ARG C 208 72.10 42.34 0.84
N SER C 209 73.25 41.71 1.11
CA SER C 209 74.53 41.76 0.35
C SER C 209 74.72 40.53 -0.55
N ASN C 210 73.78 39.58 -0.52
CA ASN C 210 73.87 38.28 -1.22
C ASN C 210 72.46 37.86 -1.65
N LEU C 211 71.77 38.75 -2.38
CA LEU C 211 70.32 38.54 -2.66
C LEU C 211 70.09 37.32 -3.54
N SER C 212 69.09 36.54 -3.18
CA SER C 212 68.70 35.36 -3.97
C SER C 212 67.20 35.41 -4.25
N ASP C 213 66.56 34.24 -4.32
CA ASP C 213 65.13 34.18 -4.69
C ASP C 213 64.36 33.56 -3.54
N ASP C 214 64.89 33.68 -2.33
CA ASP C 214 64.18 33.13 -1.13
C ASP C 214 63.21 34.18 -0.57
N ILE C 215 62.38 33.78 0.39
CA ILE C 215 61.36 34.72 0.93
C ILE C 215 62.04 35.93 1.60
N ILE C 216 63.14 35.73 2.30
CA ILE C 216 63.85 36.87 2.96
C ILE C 216 64.38 37.84 1.89
N SER C 217 65.03 37.34 0.82
CA SER C 217 65.42 38.22 -0.31
C SER C 217 64.22 39.00 -0.86
N ASP C 218 63.09 38.32 -1.02
CA ASP C 218 61.89 39.00 -1.60
C ASP C 218 61.42 40.08 -0.62
N LEU C 219 61.44 39.82 0.69
CA LEU C 219 60.99 40.81 1.71
C LEU C 219 61.98 41.97 1.80
N ILE C 220 63.28 41.71 1.67
CA ILE C 220 64.30 42.81 1.55
C ILE C 220 63.94 43.73 0.38
N GLN C 221 63.62 43.20 -0.79
CA GLN C 221 63.49 44.03 -2.01
C GLN C 221 62.08 44.60 -2.12
N ALA C 222 61.16 44.21 -1.25
CA ALA C 222 59.76 44.68 -1.30
C ALA C 222 59.71 46.21 -1.11
N GLU C 223 58.89 46.90 -1.91
CA GLU C 223 58.72 48.37 -1.77
C GLU C 223 57.26 48.71 -2.07
N PHE C 224 56.70 49.63 -1.31
CA PHE C 224 55.35 50.19 -1.56
C PHE C 224 55.34 51.70 -1.27
N ASP C 225 55.08 52.50 -2.30
CA ASP C 225 55.03 53.99 -2.20
C ASP C 225 56.16 54.46 -1.26
N GLY C 226 57.40 54.02 -1.56
CA GLY C 226 58.64 54.47 -0.90
C GLY C 226 58.96 53.70 0.37
N GLU C 227 58.02 52.89 0.86
CA GLU C 227 58.14 52.22 2.19
C GLU C 227 58.69 50.81 1.99
N THR C 228 59.57 50.42 2.91
CA THR C 228 60.39 49.17 2.83
C THR C 228 60.51 48.63 4.25
N PHE C 229 60.91 47.35 4.38
CA PHE C 229 61.11 46.72 5.71
C PHE C 229 62.54 46.94 6.17
N THR C 230 62.72 47.16 7.46
CA THR C 230 64.04 47.08 8.12
C THR C 230 64.36 45.60 8.42
N ASP C 231 65.60 45.29 8.75
CA ASP C 231 66.05 43.91 9.09
C ASP C 231 65.20 43.35 10.23
N GLU C 232 65.00 44.12 11.28
CA GLU C 232 64.14 43.71 12.42
C GLU C 232 62.70 43.40 11.95
N GLU C 233 62.10 44.27 11.13
CA GLU C 233 60.74 44.08 10.58
C GLU C 233 60.72 42.78 9.77
N ILE C 234 61.77 42.47 9.04
CA ILE C 234 61.76 41.24 8.18
C ILE C 234 61.75 40.01 9.07
N VAL C 235 62.54 40.02 10.15
CA VAL C 235 62.47 38.89 11.11
C VAL C 235 61.04 38.75 11.63
N HIS C 236 60.43 39.84 12.09
CA HIS C 236 59.03 39.84 12.59
C HIS C 236 58.06 39.35 11.51
N ALA C 237 58.22 39.78 10.25
CA ALA C 237 57.39 39.34 9.11
C ALA C 237 57.50 37.82 9.02
N THR C 238 58.69 37.23 9.19
CA THR C 238 58.82 35.74 9.08
C THR C 238 58.01 35.10 10.20
N MET C 239 58.03 35.68 11.41
CA MET C 239 57.27 35.11 12.55
CA MET C 239 57.28 35.10 12.56
C MET C 239 55.77 35.25 12.33
N LEU C 240 55.34 36.34 11.69
CA LEU C 240 53.91 36.50 11.31
C LEU C 240 53.52 35.39 10.32
N LEU C 241 54.30 35.13 9.30
CA LEU C 241 54.04 34.05 8.32
C LEU C 241 54.00 32.68 9.01
N LEU C 242 54.96 32.37 9.91
CA LEU C 242 54.91 31.10 10.67
C LEU C 242 53.60 31.00 11.45
N GLY C 243 53.22 32.08 12.15
CA GLY C 243 52.00 32.16 12.96
C GLY C 243 50.74 31.91 12.14
N ALA C 244 50.74 32.35 10.89
CA ALA C 244 49.59 32.26 9.99
C ALA C 244 49.54 30.87 9.37
N GLY C 245 50.69 30.21 9.19
CA GLY C 245 50.74 29.11 8.21
C GLY C 245 51.03 27.75 8.78
N VAL C 246 51.84 27.63 9.81
CA VAL C 246 52.40 26.29 10.15
C VAL C 246 51.30 25.46 10.85
N GLU C 247 50.62 25.99 11.87
CA GLU C 247 49.66 25.15 12.65
C GLU C 247 48.43 24.83 11.79
N THR C 248 47.92 25.81 11.04
CA THR C 248 46.75 25.63 10.16
C THR C 248 47.05 24.59 9.10
N THR C 249 48.25 24.64 8.48
CA THR C 249 48.55 23.68 7.38
C THR C 249 48.75 22.28 7.98
N SER C 250 49.32 22.21 9.17
CA SER C 250 49.52 20.91 9.89
C SER C 250 48.16 20.32 10.19
N HIS C 251 47.23 21.15 10.74
CA HIS C 251 45.83 20.72 11.03
C HIS C 251 45.17 20.16 9.77
N ALA C 252 45.35 20.85 8.63
CA ALA C 252 44.67 20.49 7.36
C ALA C 252 45.23 19.14 6.88
N ILE C 253 46.55 18.94 6.99
CA ILE C 253 47.20 17.68 6.52
C ILE C 253 46.79 16.51 7.42
N ALA C 254 46.82 16.70 8.73
CA ALA C 254 46.43 15.63 9.69
C ALA C 254 44.98 15.22 9.40
N ASN C 255 44.10 16.20 9.19
CA ASN C 255 42.65 15.92 9.03
C ASN C 255 42.41 15.21 7.69
N MET C 256 43.18 15.54 6.65
CA MET C 256 43.13 14.81 5.36
C MET C 256 43.41 13.33 5.60
N PHE C 257 44.49 13.01 6.27
CA PHE C 257 44.88 11.60 6.55
C PHE C 257 43.84 10.97 7.46
N TYR C 258 43.31 11.71 8.42
CA TYR C 258 42.21 11.20 9.26
C TYR C 258 41.01 10.77 8.38
N SER C 259 40.64 11.59 7.39
CA SER C 259 39.49 11.31 6.48
C SER C 259 39.73 9.97 5.78
N PHE C 260 40.97 9.74 5.32
CA PHE C 260 41.26 8.52 4.51
C PHE C 260 41.02 7.28 5.37
N LEU C 261 41.19 7.39 6.68
CA LEU C 261 40.96 6.25 7.60
C LEU C 261 39.49 6.11 7.98
N TYR C 262 38.76 7.20 8.21
CA TYR C 262 37.48 7.16 8.96
C TYR C 262 36.27 7.66 8.17
N ASP C 263 36.42 8.36 7.04
CA ASP C 263 35.25 8.91 6.30
C ASP C 263 34.97 7.92 5.17
N ASP C 264 35.33 8.28 3.94
CA ASP C 264 35.21 7.37 2.77
C ASP C 264 36.48 6.51 2.71
N LYS C 265 36.40 5.25 3.17
CA LYS C 265 37.57 4.33 3.25
C LYS C 265 38.04 3.86 1.87
N SER C 266 37.24 4.06 0.82
CA SER C 266 37.54 3.67 -0.58
C SER C 266 38.43 4.72 -1.25
N LEU C 267 38.45 5.95 -0.72
CA LEU C 267 39.09 7.10 -1.41
C LEU C 267 40.59 6.84 -1.61
N TYR C 268 41.28 6.34 -0.58
CA TYR C 268 42.77 6.15 -0.68
C TYR C 268 43.12 5.36 -1.95
N SER C 269 42.49 4.21 -2.16
CA SER C 269 42.78 3.34 -3.33
C SER C 269 42.36 4.01 -4.64
N GLU C 270 41.29 4.83 -4.65
CA GLU C 270 40.94 5.60 -5.86
C GLU C 270 42.11 6.52 -6.21
N LEU C 271 42.69 7.20 -5.20
CA LEU C 271 43.77 8.18 -5.44
C LEU C 271 45.06 7.43 -5.82
N ARG C 272 45.36 6.30 -5.19
CA ARG C 272 46.56 5.47 -5.48
C ARG C 272 46.50 5.07 -6.98
N ASN C 273 45.31 4.83 -7.52
CA ASN C 273 45.17 4.35 -8.93
C ASN C 273 45.05 5.48 -9.94
N ASN C 274 44.79 6.71 -9.50
CA ASN C 274 44.82 7.87 -10.41
C ASN C 274 45.39 9.06 -9.64
N ARG C 275 46.70 9.25 -9.71
CA ARG C 275 47.42 10.26 -8.89
C ARG C 275 46.95 11.66 -9.30
N GLU C 276 46.38 11.83 -10.49
CA GLU C 276 45.94 13.16 -11.00
C GLU C 276 44.78 13.68 -10.15
N LEU C 277 44.14 12.82 -9.37
CA LEU C 277 42.97 13.23 -8.52
C LEU C 277 43.48 13.95 -7.27
N ALA C 278 44.79 13.99 -7.01
CA ALA C 278 45.29 14.55 -5.73
C ALA C 278 44.78 15.97 -5.47
N PRO C 279 44.83 16.92 -6.43
CA PRO C 279 44.34 18.28 -6.18
C PRO C 279 42.84 18.27 -5.79
N LYS C 280 42.06 17.41 -6.43
CA LYS C 280 40.62 17.27 -6.11
C LYS C 280 40.40 16.76 -4.69
N ALA C 281 41.19 15.79 -4.25
CA ALA C 281 41.15 15.28 -2.86
C ALA C 281 41.49 16.39 -1.87
N VAL C 282 42.50 17.21 -2.19
CA VAL C 282 42.90 18.37 -1.30
C VAL C 282 41.74 19.35 -1.13
N GLU C 283 41.09 19.74 -2.23
CA GLU C 283 39.94 20.68 -2.15
C GLU C 283 38.83 20.06 -1.31
N GLU C 284 38.56 18.77 -1.49
CA GLU C 284 37.45 18.15 -0.73
C GLU C 284 37.82 18.01 0.74
N MET C 285 39.10 17.86 1.06
CA MET C 285 39.49 17.76 2.47
C MET C 285 39.41 19.13 3.13
N LEU C 286 39.69 20.19 2.40
CA LEU C 286 39.53 21.57 2.92
C LEU C 286 38.04 21.91 3.08
N ARG C 287 37.16 21.45 2.18
CA ARG C 287 35.70 21.67 2.33
C ARG C 287 35.17 20.83 3.52
N TYR C 288 35.58 19.57 3.64
CA TYR C 288 34.91 18.54 4.45
C TYR C 288 35.52 18.44 5.84
N ARG C 289 36.85 18.64 5.97
CA ARG C 289 37.57 18.15 7.16
C ARG C 289 38.34 19.27 7.85
N PHE C 290 38.23 20.52 7.41
CA PHE C 290 38.92 21.62 8.12
C PHE C 290 37.92 22.34 9.01
N HIS C 291 37.99 22.06 10.29
CA HIS C 291 37.04 22.62 11.31
C HIS C 291 37.84 23.15 12.47
N ILE C 292 37.40 24.23 13.12
CA ILE C 292 36.30 25.10 12.76
C ILE C 292 36.90 26.38 12.16
N SER C 293 36.40 26.81 11.01
CA SER C 293 36.78 28.06 10.35
C SER C 293 35.73 29.11 10.70
N ARG C 294 36.14 30.17 11.39
CA ARG C 294 35.22 31.30 11.62
C ARG C 294 36.04 32.55 11.82
N ARG C 295 35.51 33.63 11.30
CA ARG C 295 36.15 34.95 11.39
C ARG C 295 35.05 35.93 11.73
N ASP C 296 35.37 36.98 12.47
CA ASP C 296 34.38 38.03 12.70
C ASP C 296 34.73 39.34 12.00
N ARG C 297 33.70 40.15 11.92
CA ARG C 297 33.71 41.52 11.37
C ARG C 297 32.87 42.39 12.29
N THR C 298 33.11 43.66 12.25
CA THR C 298 32.29 44.70 12.92
C THR C 298 31.56 45.48 11.84
N VAL C 299 30.24 45.61 11.98
CA VAL C 299 29.43 46.40 11.02
C VAL C 299 29.88 47.85 10.99
N LYS C 300 30.23 48.33 9.81
CA LYS C 300 30.76 49.69 9.54
C LYS C 300 29.60 50.64 9.24
N GLN C 301 28.54 50.11 8.67
CA GLN C 301 27.42 50.93 8.15
C GLN C 301 26.12 50.13 8.38
N ASP C 302 25.05 50.77 8.86
CA ASP C 302 23.74 50.11 9.03
C ASP C 302 23.35 49.45 7.69
N ASN C 303 22.83 48.24 7.72
CA ASN C 303 22.47 47.57 6.46
C ASN C 303 21.51 46.42 6.76
N GLU C 304 20.80 45.96 5.72
CA GLU C 304 19.92 44.77 5.81
C GLU C 304 20.37 43.70 4.79
N LEU C 305 21.63 43.72 4.38
CA LEU C 305 22.13 42.79 3.32
C LEU C 305 21.83 41.34 3.65
N LEU C 306 21.90 40.96 4.92
CA LEU C 306 21.72 39.54 5.35
C LEU C 306 20.26 39.24 5.72
N GLY C 307 19.33 40.19 5.47
CA GLY C 307 17.88 40.03 5.73
C GLY C 307 17.51 40.36 7.17
N VAL C 308 18.47 40.82 7.95
CA VAL C 308 18.25 41.36 9.34
C VAL C 308 18.85 42.74 9.37
N LYS C 309 18.25 43.63 10.16
CA LYS C 309 18.79 45.00 10.29
C LYS C 309 20.02 44.92 11.20
N LEU C 310 21.17 45.25 10.64
CA LEU C 310 22.41 45.43 11.44
C LEU C 310 22.72 46.91 11.52
N LYS C 311 23.35 47.30 12.62
CA LYS C 311 23.71 48.70 12.90
C LYS C 311 25.22 48.78 13.11
N LYS C 312 25.80 49.91 12.72
CA LYS C 312 27.20 50.28 12.99
C LYS C 312 27.59 49.77 14.39
N GLY C 313 28.70 49.01 14.49
CA GLY C 313 29.24 48.47 15.75
C GLY C 313 28.80 47.07 16.12
N ASP C 314 27.77 46.50 15.46
CA ASP C 314 27.37 45.11 15.68
C ASP C 314 28.52 44.19 15.28
N VAL C 315 28.68 43.10 15.99
CA VAL C 315 29.72 42.09 15.69
C VAL C 315 29.05 40.92 14.98
N VAL C 316 29.61 40.52 13.83
CA VAL C 316 29.08 39.38 13.03
C VAL C 316 30.18 38.33 12.94
N ILE C 317 29.86 37.10 13.35
CA ILE C 317 30.74 35.89 13.24
C ILE C 317 30.28 35.08 12.02
N ALA C 318 31.19 34.90 11.07
CA ALA C 318 30.93 34.16 9.82
C ALA C 318 31.54 32.77 10.01
N TRP C 319 30.73 31.72 10.06
CA TRP C 319 31.17 30.34 10.36
C TRP C 319 31.46 29.60 9.05
N MET C 320 32.61 29.87 8.44
CA MET C 320 32.93 29.34 7.09
C MET C 320 32.84 27.81 7.07
N SER C 321 33.24 27.12 8.09
CA SER C 321 33.25 25.64 7.96
C SER C 321 31.79 25.13 7.96
N ALA C 322 30.86 25.82 8.60
CA ALA C 322 29.42 25.50 8.46
C ALA C 322 29.00 25.75 7.01
N CYS C 323 29.39 26.90 6.43
CA CYS C 323 28.87 27.33 5.13
C CYS C 323 29.40 26.38 4.05
N ASN C 324 30.49 25.69 4.35
CA ASN C 324 31.06 24.68 3.43
C ASN C 324 30.14 23.46 3.32
N MET C 325 29.17 23.34 4.23
CA MET C 325 28.23 22.21 4.26
C MET C 325 26.80 22.67 3.98
N ASP C 326 26.65 23.82 3.36
CA ASP C 326 25.34 24.38 2.97
C ASP C 326 24.90 23.66 1.69
N GLU C 327 23.81 22.88 1.80
CA GLU C 327 23.28 22.03 0.71
C GLU C 327 22.71 22.88 -0.42
N THR C 328 22.46 24.14 -0.23
CA THR C 328 22.01 25.01 -1.35
C THR C 328 23.15 25.30 -2.32
N MET C 329 24.40 25.15 -1.88
CA MET C 329 25.62 25.41 -2.69
C MET C 329 26.34 24.10 -3.01
N PHE C 330 26.49 23.22 -2.02
CA PHE C 330 27.28 21.97 -2.11
C PHE C 330 26.34 20.79 -2.04
N GLU C 331 26.15 20.11 -3.15
CA GLU C 331 25.15 18.98 -3.13
CA GLU C 331 25.18 18.97 -3.16
C GLU C 331 25.66 17.84 -2.25
N ASN C 332 24.75 17.22 -1.52
CA ASN C 332 25.10 16.07 -0.64
CA ASN C 332 25.05 16.10 -0.59
C ASN C 332 26.24 16.53 0.25
N PRO C 333 26.11 17.64 1.00
CA PRO C 333 27.26 18.28 1.64
C PRO C 333 27.93 17.47 2.74
N PHE C 334 27.16 16.57 3.38
CA PHE C 334 27.68 15.85 4.56
C PHE C 334 28.37 14.58 4.08
N SER C 335 28.53 14.42 2.77
CA SER C 335 29.28 13.29 2.18
C SER C 335 30.60 13.75 1.57
N VAL C 336 31.62 12.89 1.65
CA VAL C 336 32.86 13.06 0.86
C VAL C 336 32.59 12.82 -0.62
N ASP C 337 32.94 13.77 -1.45
CA ASP C 337 32.79 13.57 -2.90
C ASP C 337 33.84 14.41 -3.60
N ILE C 338 34.97 13.81 -3.94
CA ILE C 338 36.05 14.60 -4.59
C ILE C 338 35.64 15.03 -5.99
N HIS C 339 34.55 14.46 -6.56
CA HIS C 339 34.10 14.78 -7.93
C HIS C 339 33.02 15.86 -7.94
N ARG C 340 32.64 16.39 -6.78
CA ARG C 340 31.64 17.48 -6.69
C ARG C 340 32.20 18.71 -7.35
N PRO C 341 31.53 19.24 -8.39
CA PRO C 341 32.15 20.28 -9.21
C PRO C 341 32.33 21.65 -8.54
N THR C 342 31.76 21.86 -7.36
CA THR C 342 31.77 23.15 -6.62
C THR C 342 32.81 23.14 -5.49
N ASN C 343 33.57 22.06 -5.31
CA ASN C 343 34.45 21.96 -4.11
C ASN C 343 35.41 23.13 -4.01
N LYS C 344 35.96 23.62 -5.12
CA LYS C 344 36.97 24.70 -5.06
C LYS C 344 36.35 26.00 -4.53
N LYS C 345 35.02 26.09 -4.42
CA LYS C 345 34.35 27.34 -3.97
C LYS C 345 34.24 27.38 -2.44
N HIS C 346 34.78 26.40 -1.70
CA HIS C 346 34.77 26.44 -0.21
C HIS C 346 35.41 27.74 0.28
N LEU C 347 35.07 28.15 1.50
CA LEU C 347 35.53 29.45 2.05
C LEU C 347 36.53 29.25 3.18
N THR C 348 37.23 28.12 3.19
CA THR C 348 38.25 27.81 4.23
C THR C 348 39.30 28.93 4.29
N PHE C 349 39.65 29.52 3.16
CA PHE C 349 40.72 30.53 3.08
C PHE C 349 40.13 31.93 3.15
N GLY C 350 38.82 32.09 3.42
CA GLY C 350 38.19 33.43 3.30
C GLY C 350 37.80 33.79 1.88
N ASN C 351 37.58 35.09 1.68
CA ASN C 351 37.05 35.63 0.42
C ASN C 351 37.22 37.15 0.48
N GLY C 352 37.68 37.73 -0.61
CA GLY C 352 37.88 39.18 -0.72
C GLY C 352 39.29 39.63 -0.32
N PRO C 353 39.44 40.88 0.13
CA PRO C 353 40.76 41.47 0.27
C PRO C 353 41.70 40.73 1.21
N HIS C 354 41.17 40.08 2.26
CA HIS C 354 41.96 39.36 3.28
C HIS C 354 42.13 37.89 2.88
N PHE C 355 41.70 37.50 1.70
CA PHE C 355 41.82 36.09 1.24
C PHE C 355 43.22 35.58 1.57
N CYS C 356 43.34 34.38 2.14
CA CYS C 356 44.62 33.87 2.70
C CYS C 356 45.77 34.08 1.72
N LEU C 357 46.83 34.75 2.18
CA LEU C 357 48.06 34.99 1.36
C LEU C 357 48.78 33.65 1.15
N GLY C 358 48.58 32.72 2.08
CA GLY C 358 49.26 31.43 2.00
C GLY C 358 48.44 30.38 1.28
N ALA C 359 47.26 30.69 0.71
CA ALA C 359 46.37 29.62 0.23
C ALA C 359 47.08 28.79 -0.85
N PRO C 360 47.76 29.41 -1.85
CA PRO C 360 48.41 28.57 -2.87
C PRO C 360 49.52 27.70 -2.29
N LEU C 361 50.30 28.20 -1.33
CA LEU C 361 51.35 27.39 -0.68
C LEU C 361 50.70 26.23 0.09
N ALA C 362 49.68 26.52 0.91
CA ALA C 362 48.99 25.49 1.71
C ALA C 362 48.49 24.41 0.75
N ARG C 363 47.82 24.79 -0.33
CA ARG C 363 47.22 23.82 -1.32
C ARG C 363 48.35 22.98 -1.93
N LEU C 364 49.45 23.63 -2.29
CA LEU C 364 50.62 22.91 -2.90
C LEU C 364 51.23 21.92 -1.90
N GLU C 365 51.43 22.33 -0.65
CA GLU C 365 51.97 21.44 0.39
C GLU C 365 51.05 20.25 0.61
N MET C 366 49.73 20.48 0.69
CA MET C 366 48.77 19.36 0.84
C MET C 366 48.88 18.45 -0.38
N LYS C 367 48.89 19.00 -1.59
CA LYS C 367 48.98 18.14 -2.81
C LYS C 367 50.27 17.33 -2.81
N ILE C 368 51.39 17.99 -2.56
CA ILE C 368 52.72 17.33 -2.69
C ILE C 368 52.90 16.24 -1.62
N ILE C 369 52.50 16.49 -0.37
CA ILE C 369 52.68 15.47 0.69
C ILE C 369 51.73 14.31 0.38
N LEU C 370 50.53 14.59 -0.10
CA LEU C 370 49.62 13.49 -0.51
C LEU C 370 50.30 12.67 -1.63
N GLU C 371 50.85 13.32 -2.63
CA GLU C 371 51.45 12.62 -3.80
C GLU C 371 52.64 11.79 -3.31
N ALA C 372 53.44 12.31 -2.39
CA ALA C 372 54.64 11.58 -1.93
C ALA C 372 54.18 10.37 -1.12
N PHE C 373 53.10 10.54 -0.35
CA PHE C 373 52.56 9.47 0.52
C PHE C 373 52.01 8.34 -0.39
N LEU C 374 51.23 8.71 -1.39
CA LEU C 374 50.62 7.74 -2.36
C LEU C 374 51.75 6.99 -3.06
N GLU C 375 52.85 7.68 -3.38
CA GLU C 375 53.95 6.99 -4.10
C GLU C 375 54.52 5.90 -3.18
N ALA C 376 54.64 6.15 -1.87
CA ALA C 376 55.33 5.21 -0.94
C ALA C 376 54.41 4.08 -0.50
N PHE C 377 53.16 4.42 -0.16
CA PHE C 377 52.24 3.51 0.57
C PHE C 377 51.05 3.11 -0.32
N SER C 378 50.96 1.79 -0.60
CA SER C 378 49.92 1.21 -1.48
C SER C 378 48.58 1.16 -0.74
N HIS C 379 48.61 0.91 0.57
CA HIS C 379 47.38 0.74 1.39
C HIS C 379 47.60 1.28 2.79
N ILE C 380 46.51 1.57 3.50
CA ILE C 380 46.57 2.09 4.90
C ILE C 380 45.45 1.39 5.67
N GLU C 381 45.59 1.39 6.98
CA GLU C 381 44.58 0.82 7.89
C GLU C 381 44.67 1.56 9.22
N PRO C 382 43.54 1.86 9.85
CA PRO C 382 43.53 2.48 11.17
C PRO C 382 43.94 1.48 12.27
N PHE C 383 44.43 2.02 13.39
CA PHE C 383 44.66 1.21 14.61
C PHE C 383 43.30 0.86 15.18
N GLU C 384 43.15 -0.41 15.53
CA GLU C 384 41.92 -0.98 16.11
C GLU C 384 41.54 -0.19 17.36
N ASP C 385 42.55 0.18 18.15
CA ASP C 385 42.38 0.66 19.54
C ASP C 385 42.25 2.20 19.58
N PHE C 386 42.26 2.91 18.46
CA PHE C 386 42.42 4.41 18.48
C PHE C 386 41.13 5.02 19.03
N GLU C 387 41.28 5.93 19.99
CA GLU C 387 40.18 6.72 20.58
C GLU C 387 40.47 8.19 20.27
N LEU C 388 39.48 8.86 19.76
CA LEU C 388 39.66 10.26 19.28
C LEU C 388 39.82 11.21 20.48
N GLU C 389 38.99 11.08 21.52
CA GLU C 389 38.90 12.10 22.58
C GLU C 389 40.25 12.34 23.26
N PRO C 390 41.03 11.31 23.65
CA PRO C 390 42.30 11.56 24.34
C PRO C 390 43.39 12.18 23.47
N HIS C 391 43.15 12.21 22.15
CA HIS C 391 44.18 12.60 21.18
C HIS C 391 43.76 13.90 20.49
N LEU C 392 42.93 14.69 21.16
CA LEU C 392 42.57 16.06 20.71
C LEU C 392 43.04 17.07 21.76
N THR C 393 43.51 18.23 21.32
CA THR C 393 43.91 19.35 22.21
C THR C 393 43.26 20.62 21.68
N ALA C 394 43.00 21.57 22.55
CA ALA C 394 42.48 22.89 22.16
C ALA C 394 43.46 23.56 21.19
N SER C 395 42.91 24.22 20.18
CA SER C 395 43.73 24.95 19.19
C SER C 395 42.94 26.19 18.79
N ALA C 396 43.52 27.04 17.96
CA ALA C 396 42.81 28.23 17.42
C ALA C 396 41.60 27.77 16.58
N THR C 397 41.62 26.57 16.00
CA THR C 397 40.51 26.05 15.16
C THR C 397 39.50 25.27 16.00
N GLY C 398 39.66 25.23 17.31
CA GLY C 398 38.75 24.45 18.18
C GLY C 398 39.50 23.29 18.75
N GLN C 399 39.56 22.14 18.05
CA GLN C 399 40.38 21.01 18.57
C GLN C 399 41.26 20.47 17.43
N SER C 400 42.46 19.98 17.75
CA SER C 400 43.43 19.49 16.74
C SER C 400 43.97 18.15 17.25
N LEU C 401 44.25 17.25 16.33
CA LEU C 401 44.84 15.93 16.61
C LEU C 401 46.26 16.12 17.17
N THR C 402 46.57 15.42 18.26
CA THR C 402 47.91 15.38 18.84
C THR C 402 48.62 14.08 18.46
N TYR C 403 47.88 13.16 17.88
CA TYR C 403 48.34 11.78 17.59
C TYR C 403 47.39 11.15 16.60
N LEU C 404 47.91 10.50 15.57
CA LEU C 404 47.08 9.81 14.58
C LEU C 404 47.86 8.63 14.04
N PRO C 405 47.70 7.44 14.65
CA PRO C 405 48.42 6.26 14.21
C PRO C 405 47.77 5.61 12.98
N MET C 406 48.61 4.99 12.17
CA MET C 406 48.17 4.30 10.94
C MET C 406 49.08 3.11 10.71
N THR C 407 48.53 1.95 10.36
CA THR C 407 49.33 0.88 9.74
C THR C 407 49.45 1.17 8.25
N VAL C 408 50.67 1.14 7.73
CA VAL C 408 50.95 1.42 6.29
C VAL C 408 51.47 0.14 5.62
N TYR C 409 51.11 -0.03 4.35
CA TYR C 409 51.49 -1.25 3.59
C TYR C 409 52.27 -0.81 2.34
N ARG C 410 53.45 -1.39 2.17
CA ARG C 410 54.17 -1.32 0.89
C ARG C 410 54.99 -2.61 0.81
N HIS C 411 55.31 -3.02 -0.38
CA HIS C 411 56.31 -4.10 -0.61
C HIS C 411 57.70 -3.49 -0.48
N HIS C 412 58.48 -3.92 0.51
CA HIS C 412 59.82 -3.36 0.85
C HIS C 412 60.85 -3.83 -0.20
N HIS C 413 61.59 -2.89 -0.79
CA HIS C 413 62.48 -3.06 -1.97
C HIS C 413 63.93 -3.29 -1.51
N GLU D 4 -40.02 -40.63 -25.14
CA GLU D 4 -38.52 -40.61 -25.35
C GLU D 4 -37.84 -40.64 -23.98
N VAL D 5 -37.46 -41.84 -23.50
CA VAL D 5 -36.63 -41.94 -22.26
C VAL D 5 -35.16 -42.00 -22.67
N ILE D 6 -34.33 -41.16 -22.05
CA ILE D 6 -32.89 -41.00 -22.37
C ILE D 6 -32.06 -41.89 -21.45
N PRO D 7 -31.18 -42.75 -22.01
CA PRO D 7 -30.24 -43.51 -21.22
C PRO D 7 -29.08 -42.60 -20.81
N VAL D 8 -28.70 -42.66 -19.55
CA VAL D 8 -27.68 -41.76 -18.92
C VAL D 8 -26.36 -42.49 -18.74
N THR D 9 -26.27 -43.78 -19.07
CA THR D 9 -25.17 -44.63 -18.60
C THR D 9 -23.85 -44.04 -19.12
N GLU D 10 -23.83 -43.32 -20.25
CA GLU D 10 -22.57 -42.77 -20.81
C GLU D 10 -22.28 -41.37 -20.23
N ILE D 11 -22.99 -40.95 -19.17
CA ILE D 11 -22.59 -39.78 -18.34
C ILE D 11 -21.46 -40.25 -17.43
N PRO D 12 -21.69 -41.22 -16.50
CA PRO D 12 -20.62 -41.69 -15.61
C PRO D 12 -19.54 -42.59 -16.23
N LYS D 13 -19.86 -43.31 -17.30
CA LYS D 13 -18.88 -44.21 -17.97
C LYS D 13 -18.27 -45.20 -16.97
N PHE D 14 -19.13 -45.88 -16.19
CA PHE D 14 -18.67 -46.90 -15.22
C PHE D 14 -17.93 -48.02 -15.94
N GLN D 15 -16.83 -48.53 -15.34
CA GLN D 15 -16.00 -49.60 -15.92
C GLN D 15 -16.58 -50.95 -15.59
N SER D 16 -17.39 -51.06 -14.53
CA SER D 16 -17.75 -52.36 -13.96
C SER D 16 -19.08 -52.20 -13.21
N ARG D 17 -19.75 -53.32 -12.95
CA ARG D 17 -20.97 -53.33 -12.10
C ARG D 17 -20.59 -52.87 -10.69
N ALA D 18 -19.43 -53.33 -10.19
CA ALA D 18 -18.94 -52.97 -8.84
C ALA D 18 -18.81 -51.45 -8.72
N GLU D 19 -18.27 -50.75 -9.73
CA GLU D 19 -18.14 -49.29 -9.68
C GLU D 19 -19.52 -48.60 -9.66
N GLU D 20 -20.48 -49.10 -10.43
CA GLU D 20 -21.84 -48.52 -10.50
C GLU D 20 -22.56 -48.77 -9.17
N PHE D 21 -22.24 -49.86 -8.51
CA PHE D 21 -22.86 -50.21 -7.21
C PHE D 21 -22.43 -49.21 -6.12
N PHE D 22 -21.25 -48.59 -6.22
CA PHE D 22 -20.71 -47.65 -5.19
C PHE D 22 -19.80 -46.62 -5.81
N PRO D 23 -20.35 -45.68 -6.59
CA PRO D 23 -19.59 -44.82 -7.50
C PRO D 23 -19.01 -43.55 -6.85
N ILE D 24 -18.38 -43.73 -5.71
CA ILE D 24 -17.93 -42.55 -4.90
C ILE D 24 -16.83 -41.78 -5.65
N GLN D 25 -15.99 -42.46 -6.43
CA GLN D 25 -14.92 -41.76 -7.19
C GLN D 25 -15.53 -40.83 -8.24
N TRP D 26 -16.55 -41.33 -8.96
CA TRP D 26 -17.30 -40.50 -9.91
C TRP D 26 -17.94 -39.33 -9.15
N TYR D 27 -18.59 -39.59 -8.01
CA TYR D 27 -19.22 -38.48 -7.25
C TYR D 27 -18.18 -37.40 -6.92
N LYS D 28 -16.97 -37.83 -6.48
CA LYS D 28 -15.90 -36.90 -6.05
C LYS D 28 -15.49 -36.04 -7.26
N GLU D 29 -15.37 -36.66 -8.43
CA GLU D 29 -14.97 -36.00 -9.70
C GLU D 29 -16.03 -34.95 -10.07
N MET D 30 -17.31 -35.32 -10.02
CA MET D 30 -18.39 -34.39 -10.47
C MET D 30 -18.52 -33.24 -9.45
N LEU D 31 -18.49 -33.55 -8.16
CA LEU D 31 -18.63 -32.54 -7.08
C LEU D 31 -17.47 -31.54 -7.15
N ASN D 32 -16.26 -32.03 -7.38
CA ASN D 32 -15.00 -31.20 -7.35
C ASN D 32 -14.83 -30.44 -8.68
N ASN D 33 -15.12 -31.06 -9.84
CA ASN D 33 -14.71 -30.52 -11.17
C ASN D 33 -15.91 -30.05 -12.01
N SER D 34 -17.11 -30.56 -11.75
CA SER D 34 -18.24 -30.44 -12.71
C SER D 34 -19.58 -30.50 -11.97
N PRO D 35 -19.78 -29.79 -10.81
CA PRO D 35 -20.99 -29.97 -10.00
C PRO D 35 -22.30 -29.54 -10.67
N VAL D 36 -22.25 -28.63 -11.66
CA VAL D 36 -23.39 -28.36 -12.60
C VAL D 36 -22.93 -28.63 -14.03
N TYR D 37 -23.31 -29.77 -14.58
CA TYR D 37 -22.65 -30.34 -15.78
C TYR D 37 -23.67 -30.47 -16.91
N PHE D 38 -23.42 -29.81 -18.06
CA PHE D 38 -24.20 -30.03 -19.28
C PHE D 38 -23.55 -31.17 -20.08
N HIS D 39 -24.31 -32.23 -20.32
CA HIS D 39 -23.86 -33.44 -21.06
C HIS D 39 -24.40 -33.35 -22.49
N GLU D 40 -23.55 -32.98 -23.46
CA GLU D 40 -24.00 -32.76 -24.86
C GLU D 40 -24.75 -33.95 -25.46
N GLU D 41 -24.23 -35.18 -25.33
CA GLU D 41 -24.76 -36.37 -26.07
C GLU D 41 -26.20 -36.66 -25.64
N THR D 42 -26.54 -36.45 -24.35
CA THR D 42 -27.91 -36.73 -23.85
C THR D 42 -28.72 -35.45 -23.84
N ASN D 43 -28.07 -34.29 -24.04
CA ASN D 43 -28.72 -32.96 -23.91
C ASN D 43 -29.36 -32.82 -22.50
N THR D 44 -28.60 -33.11 -21.47
CA THR D 44 -29.09 -33.07 -20.06
C THR D 44 -28.18 -32.17 -19.23
N TRP D 45 -28.79 -31.50 -18.24
CA TRP D 45 -28.11 -30.78 -17.15
C TRP D 45 -28.11 -31.69 -15.93
N ASN D 46 -26.97 -31.77 -15.25
CA ASN D 46 -26.69 -32.77 -14.21
C ASN D 46 -26.27 -31.97 -12.97
N VAL D 47 -27.05 -32.06 -11.91
CA VAL D 47 -26.66 -31.37 -10.66
C VAL D 47 -26.32 -32.39 -9.59
N PHE D 48 -25.28 -32.09 -8.82
CA PHE D 48 -24.70 -33.01 -7.83
C PHE D 48 -24.70 -32.39 -6.41
N GLN D 49 -24.69 -31.06 -6.32
CA GLN D 49 -24.54 -30.39 -4.99
C GLN D 49 -25.88 -30.48 -4.24
N TYR D 50 -25.80 -30.60 -2.92
CA TYR D 50 -26.97 -30.75 -2.05
C TYR D 50 -27.98 -29.64 -2.30
N GLU D 51 -27.58 -28.35 -2.19
CA GLU D 51 -28.60 -27.26 -2.27
C GLU D 51 -29.26 -27.24 -3.66
N HIS D 52 -28.50 -27.47 -4.73
CA HIS D 52 -29.05 -27.56 -6.11
C HIS D 52 -29.99 -28.75 -6.27
N VAL D 53 -29.60 -29.94 -5.83
CA VAL D 53 -30.50 -31.11 -5.91
C VAL D 53 -31.79 -30.83 -5.16
N LYS D 54 -31.70 -30.22 -3.98
CA LYS D 54 -32.88 -29.94 -3.16
C LYS D 54 -33.79 -28.96 -3.92
N GLN D 55 -33.22 -27.96 -4.56
CA GLN D 55 -34.03 -26.94 -5.28
C GLN D 55 -34.75 -27.63 -6.45
N VAL D 56 -34.02 -28.46 -7.21
CA VAL D 56 -34.57 -29.12 -8.42
C VAL D 56 -35.70 -30.06 -7.98
N LEU D 57 -35.49 -30.85 -6.93
CA LEU D 57 -36.55 -31.81 -6.51
C LEU D 57 -37.84 -31.14 -6.02
N SER D 58 -37.75 -29.99 -5.34
CA SER D 58 -38.84 -29.39 -4.55
C SER D 58 -39.52 -28.20 -5.26
N ASP D 59 -38.77 -27.46 -6.07
CA ASP D 59 -39.28 -26.15 -6.58
C ASP D 59 -40.08 -26.43 -7.87
N TYR D 60 -41.29 -26.97 -7.73
CA TYR D 60 -42.10 -27.48 -8.87
C TYR D 60 -42.58 -26.33 -9.78
N GLU D 61 -42.58 -25.10 -9.27
CA GLU D 61 -42.94 -23.88 -10.06
C GLU D 61 -41.89 -23.71 -11.19
N PHE D 62 -40.64 -24.17 -11.01
CA PHE D 62 -39.54 -24.02 -11.99
C PHE D 62 -39.07 -25.36 -12.54
N PHE D 63 -39.33 -26.47 -11.84
CA PHE D 63 -38.79 -27.80 -12.23
C PHE D 63 -39.93 -28.78 -12.16
N SER D 64 -40.50 -29.10 -13.32
CA SER D 64 -41.78 -29.85 -13.37
C SER D 64 -41.48 -31.36 -13.33
N SER D 65 -42.33 -32.15 -12.69
CA SER D 65 -42.24 -33.63 -12.79
C SER D 65 -42.88 -34.14 -14.09
N ASP D 66 -43.54 -33.29 -14.89
CA ASP D 66 -44.30 -33.69 -16.11
C ASP D 66 -43.61 -33.16 -17.38
N GLY D 67 -42.52 -33.78 -17.84
CA GLY D 67 -41.97 -33.52 -19.20
C GLY D 67 -42.12 -34.70 -20.14
N GLN D 68 -42.08 -34.47 -21.46
CA GLN D 68 -42.12 -35.55 -22.49
C GLN D 68 -40.75 -36.26 -22.60
N ARG D 69 -39.79 -35.92 -21.74
CA ARG D 69 -38.44 -36.54 -21.63
C ARG D 69 -38.15 -36.91 -20.16
N THR D 70 -37.97 -38.20 -19.85
CA THR D 70 -37.34 -38.67 -18.58
C THR D 70 -36.09 -39.47 -18.96
N THR D 71 -35.26 -39.79 -17.97
CA THR D 71 -33.93 -40.46 -18.19
C THR D 71 -33.95 -41.80 -17.45
N ILE D 72 -33.00 -42.68 -17.76
CA ILE D 72 -32.86 -44.00 -17.12
C ILE D 72 -31.38 -44.36 -17.05
N PHE D 73 -30.99 -45.23 -16.09
CA PHE D 73 -29.66 -45.89 -16.08
C PHE D 73 -29.87 -47.41 -16.05
N VAL D 74 -31.01 -47.87 -16.61
CA VAL D 74 -31.45 -49.30 -16.60
C VAL D 74 -31.97 -49.68 -17.99
N ASN D 88 -49.35 -41.68 -13.32
CA ASN D 88 -50.15 -40.50 -12.91
C ASN D 88 -49.40 -39.70 -11.83
N LEU D 89 -49.26 -40.28 -10.63
CA LEU D 89 -48.92 -39.59 -9.36
C LEU D 89 -47.55 -38.89 -9.42
N THR D 90 -46.54 -39.65 -9.82
CA THR D 90 -45.13 -39.20 -9.88
C THR D 90 -44.95 -38.19 -11.01
N ASN D 91 -45.90 -38.12 -11.94
CA ASN D 91 -45.80 -37.33 -13.20
C ASN D 91 -46.70 -36.10 -13.12
N LEU D 92 -47.34 -35.85 -11.98
CA LEU D 92 -48.24 -34.68 -11.76
C LEU D 92 -47.53 -33.64 -10.89
N ASP D 93 -47.71 -32.35 -11.19
CA ASP D 93 -47.31 -31.24 -10.29
C ASP D 93 -48.56 -30.80 -9.52
N PRO D 94 -48.41 -30.11 -8.37
CA PRO D 94 -49.52 -29.36 -7.78
C PRO D 94 -50.06 -28.31 -8.75
N PRO D 95 -51.38 -28.01 -8.76
CA PRO D 95 -52.33 -28.55 -7.79
C PRO D 95 -53.00 -29.90 -8.13
N ASP D 96 -52.76 -30.46 -9.32
CA ASP D 96 -53.35 -31.74 -9.78
C ASP D 96 -52.77 -32.95 -9.00
N HIS D 97 -51.57 -32.79 -8.45
CA HIS D 97 -50.85 -33.83 -7.67
C HIS D 97 -51.56 -34.15 -6.34
N ARG D 98 -52.05 -33.12 -5.65
CA ARG D 98 -52.67 -33.20 -4.30
C ARG D 98 -53.76 -34.28 -4.29
N LYS D 99 -54.65 -34.37 -5.31
CA LYS D 99 -55.73 -35.40 -5.27
C LYS D 99 -55.18 -36.83 -5.24
N ALA D 100 -54.33 -37.14 -6.21
CA ALA D 100 -53.77 -38.51 -6.39
C ALA D 100 -52.97 -38.88 -5.15
N ARG D 101 -52.19 -37.94 -4.64
CA ARG D 101 -51.38 -38.14 -3.44
C ARG D 101 -52.29 -38.38 -2.24
N SER D 102 -53.34 -37.59 -2.07
CA SER D 102 -54.23 -37.67 -0.87
C SER D 102 -54.92 -39.04 -0.82
N LEU D 103 -55.38 -39.58 -1.95
CA LEU D 103 -56.09 -40.89 -1.99
C LEU D 103 -55.14 -42.00 -1.53
N LEU D 104 -53.89 -42.01 -2.02
CA LEU D 104 -52.93 -43.04 -1.57
C LEU D 104 -52.49 -42.74 -0.14
N ALA D 105 -52.30 -41.47 0.23
CA ALA D 105 -51.79 -41.07 1.57
C ALA D 105 -52.76 -41.51 2.68
N ALA D 106 -54.04 -41.68 2.34
CA ALA D 106 -55.07 -42.17 3.29
C ALA D 106 -54.63 -43.50 3.90
N ALA D 107 -53.77 -44.23 3.21
CA ALA D 107 -53.33 -45.58 3.63
C ALA D 107 -52.03 -45.53 4.42
N PHE D 108 -51.37 -44.38 4.45
CA PHE D 108 -50.03 -44.21 5.05
C PHE D 108 -50.02 -43.15 6.14
N THR D 109 -51.07 -43.05 6.94
CA THR D 109 -51.09 -42.09 8.08
C THR D 109 -50.06 -42.51 9.13
N HIS D 110 -49.62 -41.56 9.94
CA HIS D 110 -48.69 -41.79 11.07
C HIS D 110 -49.34 -42.79 12.07
N ARG D 111 -50.63 -42.63 12.29
CA ARG D 111 -51.44 -43.56 13.15
CA ARG D 111 -51.35 -43.56 13.20
C ARG D 111 -51.27 -45.00 12.65
N SER D 112 -51.46 -45.20 11.36
CA SER D 112 -51.35 -46.56 10.78
C SER D 112 -49.94 -47.07 10.95
N LEU D 113 -48.96 -46.23 10.66
CA LEU D 113 -47.53 -46.64 10.74
C LEU D 113 -47.24 -47.16 12.14
N LYS D 114 -47.71 -46.45 13.17
CA LYS D 114 -47.42 -46.82 14.57
C LYS D 114 -48.16 -48.10 14.91
N ASN D 115 -49.30 -48.31 14.28
CA ASN D 115 -50.06 -49.55 14.51
C ASN D 115 -49.34 -50.72 13.83
N TRP D 116 -48.74 -50.50 12.64
CA TRP D 116 -48.04 -51.57 11.88
C TRP D 116 -46.82 -52.08 12.63
N GLU D 117 -46.16 -51.22 13.37
CA GLU D 117 -44.82 -51.49 13.95
C GLU D 117 -44.82 -52.84 14.67
N PRO D 118 -45.71 -53.11 15.63
CA PRO D 118 -45.70 -54.39 16.33
C PRO D 118 -45.79 -55.61 15.40
N ARG D 119 -46.64 -55.54 14.39
CA ARG D 119 -46.81 -56.66 13.43
C ARG D 119 -45.54 -56.84 12.62
N ILE D 120 -44.97 -55.73 12.18
CA ILE D 120 -43.73 -55.83 11.37
C ILE D 120 -42.63 -56.46 12.24
N LYS D 121 -42.54 -56.09 13.53
CA LYS D 121 -41.58 -56.69 14.49
C LYS D 121 -41.81 -58.21 14.54
N GLN D 122 -43.05 -58.68 14.54
CA GLN D 122 -43.29 -60.14 14.70
C GLN D 122 -42.90 -60.86 13.41
N ILE D 123 -43.15 -60.26 12.26
CA ILE D 123 -42.70 -60.83 10.95
C ILE D 123 -41.18 -60.94 10.94
N ALA D 124 -40.48 -59.87 11.36
CA ALA D 124 -38.99 -59.85 11.33
C ALA D 124 -38.46 -60.90 12.31
N ALA D 125 -39.11 -61.05 13.47
CA ALA D 125 -38.71 -62.03 14.50
C ALA D 125 -38.84 -63.42 13.92
N ASP D 126 -39.92 -63.69 13.18
CA ASP D 126 -40.19 -65.04 12.64
C ASP D 126 -39.22 -65.35 11.50
N LEU D 127 -38.92 -64.35 10.67
CA LEU D 127 -38.02 -64.54 9.50
C LEU D 127 -36.61 -64.84 10.01
N VAL D 128 -36.13 -64.12 11.02
CA VAL D 128 -34.75 -64.29 11.54
C VAL D 128 -34.69 -65.60 12.32
N GLU D 129 -35.73 -65.89 13.11
CA GLU D 129 -35.79 -67.16 13.89
C GLU D 129 -35.65 -68.39 12.96
N ALA D 130 -36.16 -68.33 11.72
CA ALA D 130 -36.13 -69.44 10.73
C ALA D 130 -34.70 -69.72 10.24
N ILE D 131 -33.79 -68.75 10.32
CA ILE D 131 -32.41 -68.92 9.77
C ILE D 131 -31.36 -68.91 10.88
N GLN D 132 -31.70 -68.56 12.12
CA GLN D 132 -30.69 -68.29 13.17
C GLN D 132 -29.94 -69.56 13.60
N LYS D 133 -30.40 -70.76 13.25
CA LYS D 133 -29.63 -72.01 13.50
C LYS D 133 -28.52 -72.21 12.46
N ASN D 134 -28.51 -71.45 11.36
CA ASN D 134 -27.57 -71.69 10.24
C ASN D 134 -26.24 -71.01 10.54
N PRO D 135 -25.11 -71.64 10.21
CA PRO D 135 -23.81 -71.02 10.42
C PRO D 135 -23.55 -69.89 9.41
N THR D 136 -24.18 -69.98 8.23
CA THR D 136 -24.03 -68.97 7.16
C THR D 136 -25.43 -68.62 6.63
N ILE D 137 -25.54 -67.43 6.09
CA ILE D 137 -26.81 -66.98 5.49
C ILE D 137 -26.51 -66.26 4.21
N ASN D 138 -27.54 -66.11 3.41
CA ASN D 138 -27.49 -65.30 2.20
C ASN D 138 -28.47 -64.15 2.47
N ILE D 139 -27.93 -62.98 2.68
CA ILE D 139 -28.78 -61.82 3.07
C ILE D 139 -29.87 -61.64 2.01
N VAL D 140 -29.55 -61.80 0.73
CA VAL D 140 -30.56 -61.48 -0.34
C VAL D 140 -31.72 -62.46 -0.25
N ASP D 141 -31.45 -63.76 -0.33
CA ASP D 141 -32.58 -64.73 -0.41
C ASP D 141 -33.22 -64.90 0.96
N ASP D 142 -32.46 -64.74 2.05
CA ASP D 142 -33.00 -65.07 3.39
C ASP D 142 -33.67 -63.86 4.04
N LEU D 143 -33.28 -62.62 3.70
CA LEU D 143 -33.75 -61.44 4.46
C LEU D 143 -34.19 -60.28 3.57
N SER D 144 -33.30 -59.74 2.76
CA SER D 144 -33.56 -58.45 2.07
C SER D 144 -34.66 -58.65 1.02
N SER D 145 -34.66 -59.76 0.30
CA SER D 145 -35.69 -59.98 -0.76
CA SER D 145 -35.68 -60.03 -0.75
C SER D 145 -37.02 -60.33 -0.10
N PRO D 146 -37.13 -61.32 0.82
CA PRO D 146 -38.45 -61.68 1.33
C PRO D 146 -39.11 -60.67 2.28
N PHE D 147 -38.36 -59.93 3.09
CA PHE D 147 -38.97 -59.19 4.22
C PHE D 147 -39.97 -58.14 3.71
N PRO D 148 -39.64 -57.26 2.75
CA PRO D 148 -40.61 -56.24 2.33
C PRO D 148 -41.90 -56.83 1.74
N SER D 149 -41.78 -57.97 1.05
CA SER D 149 -42.91 -58.68 0.41
C SER D 149 -43.77 -59.37 1.48
N LEU D 150 -43.13 -59.96 2.51
CA LEU D 150 -43.89 -60.57 3.63
C LEU D 150 -44.66 -59.45 4.38
N VAL D 151 -44.02 -58.29 4.56
CA VAL D 151 -44.62 -57.18 5.34
C VAL D 151 -45.80 -56.64 4.54
N ILE D 152 -45.59 -56.34 3.27
CA ILE D 152 -46.68 -55.68 2.45
C ILE D 152 -47.89 -56.62 2.32
N ALA D 153 -47.70 -57.95 2.29
CA ALA D 153 -48.82 -58.92 2.23
C ALA D 153 -49.70 -58.73 3.47
N ASP D 154 -49.09 -58.68 4.65
CA ASP D 154 -49.76 -58.41 5.94
C ASP D 154 -50.44 -57.05 5.91
N LEU D 155 -49.74 -55.99 5.50
CA LEU D 155 -50.28 -54.61 5.60
C LEU D 155 -51.48 -54.45 4.67
N PHE D 156 -51.46 -55.13 3.53
CA PHE D 156 -52.62 -55.09 2.59
C PHE D 156 -53.82 -55.80 3.19
N GLY D 157 -53.60 -56.76 4.09
CA GLY D 157 -54.65 -57.57 4.75
C GLY D 157 -54.95 -58.84 3.98
N VAL D 158 -53.97 -59.37 3.24
CA VAL D 158 -54.07 -60.72 2.61
C VAL D 158 -54.39 -61.72 3.73
N PRO D 159 -55.47 -62.54 3.62
CA PRO D 159 -55.75 -63.54 4.63
C PRO D 159 -54.47 -64.34 4.92
N VAL D 160 -54.34 -64.85 6.14
CA VAL D 160 -53.12 -65.59 6.62
C VAL D 160 -52.90 -66.80 5.72
N LYS D 161 -53.94 -67.61 5.52
CA LYS D 161 -53.92 -68.85 4.68
C LYS D 161 -53.40 -68.55 3.25
N ASP D 162 -53.53 -67.32 2.74
CA ASP D 162 -53.16 -66.98 1.34
C ASP D 162 -51.80 -66.29 1.28
N ARG D 163 -51.18 -65.95 2.41
CA ARG D 163 -50.04 -64.97 2.44
C ARG D 163 -48.81 -65.56 1.74
N TYR D 164 -48.70 -66.89 1.71
CA TYR D 164 -47.55 -67.61 1.07
C TYR D 164 -47.65 -67.48 -0.46
N GLN D 165 -48.83 -67.76 -1.03
CA GLN D 165 -49.06 -67.65 -2.49
C GLN D 165 -48.91 -66.17 -2.87
N PHE D 166 -49.37 -65.26 -2.01
CA PHE D 166 -49.36 -63.82 -2.37
C PHE D 166 -47.90 -63.36 -2.54
N LYS D 167 -47.11 -63.62 -1.50
CA LYS D 167 -45.65 -63.36 -1.50
C LYS D 167 -45.04 -63.87 -2.81
N LYS D 168 -45.41 -65.09 -3.23
CA LYS D 168 -44.78 -65.75 -4.39
C LYS D 168 -45.08 -64.97 -5.70
N TRP D 169 -46.31 -64.46 -5.90
CA TRP D 169 -46.60 -63.56 -7.06
C TRP D 169 -45.71 -62.33 -6.94
N VAL D 170 -45.64 -61.73 -5.75
CA VAL D 170 -44.82 -60.50 -5.61
C VAL D 170 -43.37 -60.89 -5.97
N ASP D 171 -42.90 -62.00 -5.40
CA ASP D 171 -41.49 -62.41 -5.64
C ASP D 171 -41.32 -62.65 -7.15
N ILE D 172 -42.35 -63.16 -7.86
CA ILE D 172 -42.22 -63.34 -9.34
C ILE D 172 -42.28 -61.98 -10.04
N LEU D 173 -43.20 -61.10 -9.63
CA LEU D 173 -43.48 -59.84 -10.38
C LEU D 173 -42.32 -58.86 -10.22
N PHE D 174 -41.61 -58.94 -9.10
CA PHE D 174 -40.52 -58.01 -8.71
C PHE D 174 -39.20 -58.77 -8.59
N GLN D 175 -39.08 -59.91 -9.30
CA GLN D 175 -37.83 -60.72 -9.29
C GLN D 175 -36.71 -59.91 -9.96
N PRO D 176 -35.43 -60.20 -9.61
CA PRO D 176 -34.30 -59.47 -10.19
C PRO D 176 -34.21 -59.65 -11.72
N TYR D 177 -33.74 -58.59 -12.37
CA TYR D 177 -33.37 -58.60 -13.79
C TYR D 177 -32.37 -59.73 -14.04
N ASP D 178 -32.56 -60.46 -15.13
CA ASP D 178 -31.65 -61.55 -15.57
C ASP D 178 -31.61 -61.48 -17.09
N GLN D 179 -30.56 -60.85 -17.63
CA GLN D 179 -30.31 -60.65 -19.10
C GLN D 179 -30.30 -62.01 -19.82
N GLU D 180 -30.02 -63.11 -19.10
CA GLU D 180 -29.96 -64.49 -19.64
C GLU D 180 -31.37 -65.05 -19.88
N ARG D 181 -32.37 -64.56 -19.13
CA ARG D 181 -33.70 -65.20 -19.00
C ARG D 181 -34.84 -64.19 -19.21
N LEU D 182 -34.69 -63.24 -20.14
CA LEU D 182 -35.62 -62.07 -20.32
C LEU D 182 -37.01 -62.55 -20.82
N GLU D 183 -37.01 -63.42 -21.83
CA GLU D 183 -38.20 -64.11 -22.41
C GLU D 183 -38.96 -64.92 -21.33
N GLU D 184 -38.22 -65.72 -20.53
CA GLU D 184 -38.78 -66.64 -19.51
C GLU D 184 -39.38 -65.83 -18.34
N ILE D 185 -38.73 -64.71 -17.96
CA ILE D 185 -39.21 -63.85 -16.84
C ILE D 185 -40.46 -63.06 -17.29
N GLU D 186 -40.50 -62.58 -18.55
CA GLU D 186 -41.63 -61.74 -19.05
C GLU D 186 -42.92 -62.58 -19.15
N GLN D 187 -42.81 -63.85 -19.53
CA GLN D 187 -43.96 -64.80 -19.51
C GLN D 187 -44.36 -65.07 -18.06
N GLU D 188 -43.39 -65.33 -17.18
CA GLU D 188 -43.60 -65.53 -15.72
C GLU D 188 -44.40 -64.37 -15.14
N LYS D 189 -44.11 -63.12 -15.56
CA LYS D 189 -44.69 -61.85 -15.02
C LYS D 189 -46.10 -61.64 -15.56
N GLN D 190 -46.28 -61.86 -16.88
CA GLN D 190 -47.60 -61.74 -17.54
C GLN D 190 -48.61 -62.58 -16.76
N ARG D 191 -48.24 -63.83 -16.50
CA ARG D 191 -48.99 -64.89 -15.78
C ARG D 191 -49.15 -64.53 -14.29
N ALA D 192 -48.09 -64.05 -13.62
CA ALA D 192 -48.15 -63.60 -12.20
C ALA D 192 -49.14 -62.42 -12.07
N GLY D 193 -49.04 -61.44 -12.96
CA GLY D 193 -49.85 -60.20 -12.98
C GLY D 193 -51.33 -60.52 -13.16
N ALA D 194 -51.64 -61.52 -14.01
CA ALA D 194 -53.01 -62.06 -14.22
C ALA D 194 -53.50 -62.79 -12.95
N GLU D 195 -52.67 -63.66 -12.36
CA GLU D 195 -53.07 -64.45 -11.17
C GLU D 195 -53.26 -63.49 -9.99
N TYR D 196 -52.41 -62.47 -9.90
CA TYR D 196 -52.46 -61.44 -8.81
C TYR D 196 -53.81 -60.73 -8.85
N PHE D 197 -54.23 -60.31 -10.05
CA PHE D 197 -55.52 -59.59 -10.21
C PHE D 197 -56.69 -60.51 -9.85
N GLN D 198 -56.70 -61.72 -10.39
CA GLN D 198 -57.78 -62.70 -10.15
C GLN D 198 -57.88 -63.01 -8.66
N TYR D 199 -56.75 -63.08 -7.94
CA TYR D 199 -56.74 -63.34 -6.49
C TYR D 199 -57.23 -62.09 -5.73
N LEU D 200 -56.66 -60.90 -6.03
CA LEU D 200 -56.90 -59.72 -5.15
C LEU D 200 -58.22 -59.01 -5.44
N TYR D 201 -58.73 -59.04 -6.65
CA TYR D 201 -59.98 -58.31 -7.02
C TYR D 201 -61.12 -58.76 -6.09
N PRO D 202 -61.42 -60.07 -5.90
CA PRO D 202 -62.52 -60.45 -5.00
C PRO D 202 -62.25 -60.14 -3.52
N ILE D 203 -60.98 -60.12 -3.12
CA ILE D 203 -60.63 -59.72 -1.72
C ILE D 203 -61.02 -58.26 -1.49
N VAL D 204 -60.77 -57.40 -2.47
CA VAL D 204 -61.16 -55.98 -2.37
C VAL D 204 -62.69 -55.89 -2.26
N ILE D 205 -63.41 -56.67 -3.07
CA ILE D 205 -64.90 -56.59 -3.02
C ILE D 205 -65.34 -57.05 -1.63
N GLU D 206 -64.78 -58.14 -1.11
CA GLU D 206 -65.20 -58.66 0.22
C GLU D 206 -64.91 -57.61 1.31
N LYS D 207 -63.76 -56.93 1.25
CA LYS D 207 -63.36 -56.00 2.34
C LYS D 207 -64.33 -54.82 2.37
N ARG D 208 -64.94 -54.45 1.25
CA ARG D 208 -65.96 -53.37 1.19
C ARG D 208 -67.08 -53.64 2.22
N SER D 209 -67.37 -54.91 2.50
CA SER D 209 -68.46 -55.39 3.42
C SER D 209 -67.92 -55.85 4.76
N ASN D 210 -66.61 -55.74 4.96
CA ASN D 210 -65.90 -56.29 6.13
C ASN D 210 -64.73 -55.36 6.42
N LEU D 211 -65.00 -54.05 6.52
CA LEU D 211 -63.90 -53.05 6.61
C LEU D 211 -63.13 -53.21 7.91
N SER D 212 -61.80 -53.09 7.79
CA SER D 212 -60.86 -53.22 8.91
C SER D 212 -59.85 -52.10 8.78
N ASP D 213 -58.61 -52.31 9.20
CA ASP D 213 -57.63 -51.18 9.26
C ASP D 213 -56.42 -51.52 8.41
N ASP D 214 -56.60 -52.36 7.42
CA ASP D 214 -55.53 -52.75 6.48
C ASP D 214 -55.45 -51.70 5.37
N ILE D 215 -54.44 -51.80 4.51
CA ILE D 215 -54.25 -50.82 3.40
C ILE D 215 -55.45 -50.87 2.45
N ILE D 216 -55.93 -52.06 2.10
CA ILE D 216 -57.13 -52.14 1.21
C ILE D 216 -58.31 -51.42 1.84
N SER D 217 -58.66 -51.67 3.11
CA SER D 217 -59.75 -50.94 3.79
C SER D 217 -59.54 -49.44 3.71
N ASP D 218 -58.31 -48.96 3.97
CA ASP D 218 -58.05 -47.49 3.92
C ASP D 218 -58.25 -46.94 2.51
N LEU D 219 -57.86 -47.69 1.48
CA LEU D 219 -57.99 -47.22 0.07
C LEU D 219 -59.48 -47.27 -0.32
N ILE D 220 -60.24 -48.26 0.19
CA ILE D 220 -61.72 -48.32 -0.02
C ILE D 220 -62.32 -47.02 0.52
N GLN D 221 -61.92 -46.58 1.70
CA GLN D 221 -62.65 -45.47 2.37
C GLN D 221 -62.07 -44.11 1.97
N ALA D 222 -60.99 -44.11 1.20
CA ALA D 222 -60.31 -42.85 0.84
C ALA D 222 -61.28 -42.00 0.02
N GLU D 223 -61.27 -40.68 0.24
CA GLU D 223 -62.16 -39.74 -0.49
C GLU D 223 -61.39 -38.43 -0.66
N PHE D 224 -61.44 -37.82 -1.84
CA PHE D 224 -60.90 -36.48 -2.13
C PHE D 224 -61.89 -35.77 -3.06
N ASP D 225 -62.52 -34.70 -2.56
CA ASP D 225 -63.84 -34.25 -3.10
C ASP D 225 -64.81 -35.41 -2.87
N GLY D 226 -65.56 -35.78 -3.91
CA GLY D 226 -66.30 -37.05 -3.96
C GLY D 226 -65.58 -38.05 -4.82
N GLU D 227 -64.26 -37.86 -5.03
CA GLU D 227 -63.45 -38.82 -5.83
C GLU D 227 -62.99 -39.95 -4.90
N THR D 228 -63.22 -41.15 -5.36
CA THR D 228 -62.99 -42.41 -4.61
C THR D 228 -62.46 -43.40 -5.63
N PHE D 229 -61.85 -44.47 -5.15
CA PHE D 229 -61.33 -45.57 -6.01
C PHE D 229 -62.40 -46.61 -6.26
N THR D 230 -62.40 -47.21 -7.46
CA THR D 230 -63.13 -48.48 -7.72
C THR D 230 -62.31 -49.70 -7.27
N ASP D 231 -62.96 -50.85 -7.25
CA ASP D 231 -62.29 -52.12 -6.89
C ASP D 231 -61.09 -52.35 -7.80
N GLU D 232 -61.26 -52.25 -9.11
CA GLU D 232 -60.16 -52.41 -10.09
C GLU D 232 -59.03 -51.39 -9.79
N GLU D 233 -59.36 -50.13 -9.55
CA GLU D 233 -58.38 -49.07 -9.25
C GLU D 233 -57.60 -49.46 -8.00
N ILE D 234 -58.24 -50.10 -7.02
CA ILE D 234 -57.56 -50.38 -5.71
C ILE D 234 -56.58 -51.51 -5.97
N VAL D 235 -56.94 -52.48 -6.81
CA VAL D 235 -55.97 -53.56 -7.15
C VAL D 235 -54.75 -52.91 -7.83
N HIS D 236 -54.96 -51.99 -8.76
CA HIS D 236 -53.86 -51.27 -9.45
C HIS D 236 -53.09 -50.41 -8.45
N ALA D 237 -53.76 -49.81 -7.47
CA ALA D 237 -53.08 -48.99 -6.44
C ALA D 237 -52.09 -49.90 -5.69
N THR D 238 -52.49 -51.14 -5.38
CA THR D 238 -51.60 -52.09 -4.66
C THR D 238 -50.36 -52.41 -5.51
N MET D 239 -50.53 -52.66 -6.79
CA MET D 239 -49.40 -52.90 -7.70
C MET D 239 -48.51 -51.67 -7.82
N LEU D 240 -49.05 -50.45 -7.81
CA LEU D 240 -48.20 -49.23 -7.85
C LEU D 240 -47.33 -49.23 -6.57
N LEU D 241 -47.92 -49.48 -5.40
CA LEU D 241 -47.19 -49.48 -4.11
C LEU D 241 -46.12 -50.58 -4.11
N LEU D 242 -46.41 -51.78 -4.63
CA LEU D 242 -45.40 -52.86 -4.73
C LEU D 242 -44.24 -52.39 -5.62
N GLY D 243 -44.58 -51.72 -6.73
CA GLY D 243 -43.59 -51.27 -7.72
C GLY D 243 -42.70 -50.17 -7.15
N ALA D 244 -43.24 -49.34 -6.25
CA ALA D 244 -42.49 -48.23 -5.61
C ALA D 244 -41.60 -48.76 -4.49
N GLY D 245 -42.04 -49.81 -3.80
CA GLY D 245 -41.58 -50.10 -2.43
C GLY D 245 -40.76 -51.36 -2.26
N VAL D 246 -40.99 -52.41 -3.05
CA VAL D 246 -40.44 -53.75 -2.69
C VAL D 246 -38.97 -53.82 -3.07
N GLU D 247 -38.63 -53.54 -4.31
CA GLU D 247 -37.22 -53.70 -4.77
C GLU D 247 -36.32 -52.61 -4.14
N THR D 248 -36.77 -51.37 -4.05
CA THR D 248 -36.01 -50.27 -3.42
C THR D 248 -35.71 -50.63 -1.98
N THR D 249 -36.72 -51.09 -1.21
CA THR D 249 -36.49 -51.37 0.23
C THR D 249 -35.56 -52.58 0.35
N SER D 250 -35.67 -53.55 -0.57
CA SER D 250 -34.79 -54.76 -0.58
C SER D 250 -33.36 -54.33 -0.85
N HIS D 251 -33.19 -53.39 -1.81
CA HIS D 251 -31.86 -52.83 -2.19
C HIS D 251 -31.26 -52.18 -0.94
N ALA D 252 -32.04 -51.33 -0.27
CA ALA D 252 -31.58 -50.58 0.93
C ALA D 252 -31.14 -51.54 2.05
N ILE D 253 -31.89 -52.60 2.31
CA ILE D 253 -31.56 -53.60 3.38
C ILE D 253 -30.30 -54.37 3.02
N ALA D 254 -30.21 -54.88 1.80
CA ALA D 254 -29.03 -55.64 1.35
C ALA D 254 -27.80 -54.75 1.52
N ASN D 255 -27.90 -53.47 1.12
CA ASN D 255 -26.72 -52.58 1.10
C ASN D 255 -26.33 -52.23 2.53
N MET D 256 -27.28 -52.14 3.43
CA MET D 256 -26.99 -51.91 4.88
C MET D 256 -26.13 -53.07 5.38
N PHE D 257 -26.57 -54.30 5.11
CA PHE D 257 -25.79 -55.50 5.56
C PHE D 257 -24.45 -55.55 4.86
N TYR D 258 -24.40 -55.19 3.57
CA TYR D 258 -23.10 -55.12 2.86
C TYR D 258 -22.14 -54.18 3.61
N SER D 259 -22.67 -53.00 3.99
CA SER D 259 -21.86 -51.98 4.68
C SER D 259 -21.24 -52.55 5.95
N PHE D 260 -22.01 -53.31 6.73
CA PHE D 260 -21.52 -53.85 8.02
C PHE D 260 -20.37 -54.82 7.78
N LEU D 261 -20.33 -55.49 6.63
CA LEU D 261 -19.20 -56.39 6.28
C LEU D 261 -18.01 -55.64 5.69
N TYR D 262 -18.20 -54.60 4.89
CA TYR D 262 -17.18 -54.06 3.97
C TYR D 262 -16.78 -52.61 4.22
N ASP D 263 -17.57 -51.81 4.95
CA ASP D 263 -17.26 -50.38 5.13
C ASP D 263 -16.60 -50.23 6.50
N ASP D 264 -17.31 -49.67 7.48
CA ASP D 264 -16.83 -49.65 8.89
C ASP D 264 -17.15 -50.98 9.56
N LYS D 265 -16.15 -51.85 9.70
CA LYS D 265 -16.33 -53.22 10.26
C LYS D 265 -16.60 -53.17 11.77
N SER D 266 -16.37 -52.02 12.42
CA SER D 266 -16.62 -51.78 13.86
C SER D 266 -18.09 -51.41 14.15
N LEU D 267 -18.87 -51.06 13.12
CA LEU D 267 -20.25 -50.54 13.34
C LEU D 267 -21.13 -51.63 13.94
N TYR D 268 -21.06 -52.86 13.43
CA TYR D 268 -22.00 -53.91 13.87
C TYR D 268 -21.94 -54.04 15.40
N SER D 269 -20.75 -54.15 16.00
CA SER D 269 -20.65 -54.38 17.45
C SER D 269 -21.10 -53.15 18.25
N GLU D 270 -20.89 -51.95 17.71
CA GLU D 270 -21.38 -50.70 18.34
C GLU D 270 -22.90 -50.79 18.45
N LEU D 271 -23.55 -51.25 17.38
CA LEU D 271 -25.03 -51.37 17.32
C LEU D 271 -25.48 -52.49 18.25
N ARG D 272 -24.78 -53.62 18.29
CA ARG D 272 -25.18 -54.78 19.13
C ARG D 272 -25.11 -54.33 20.60
N ASN D 273 -24.18 -53.43 20.94
CA ASN D 273 -23.99 -52.93 22.33
C ASN D 273 -24.86 -51.72 22.67
N ASN D 274 -25.51 -51.11 21.69
CA ASN D 274 -26.46 -50.01 21.97
C ASN D 274 -27.54 -50.06 20.88
N ARG D 275 -28.59 -50.85 21.12
CA ARG D 275 -29.68 -51.11 20.14
C ARG D 275 -30.38 -49.78 19.81
N GLU D 276 -30.32 -48.76 20.68
CA GLU D 276 -31.04 -47.48 20.46
C GLU D 276 -30.38 -46.72 19.29
N LEU D 277 -29.21 -47.15 18.86
CA LEU D 277 -28.51 -46.56 17.71
C LEU D 277 -29.11 -47.04 16.37
N ALA D 278 -30.01 -48.00 16.35
CA ALA D 278 -30.50 -48.57 15.07
C ALA D 278 -31.04 -47.48 14.13
N PRO D 279 -31.91 -46.54 14.56
CA PRO D 279 -32.46 -45.51 13.68
C PRO D 279 -31.35 -44.64 13.04
N LYS D 280 -30.34 -44.29 13.84
CA LYS D 280 -29.15 -43.54 13.35
C LYS D 280 -28.39 -44.34 12.28
N ALA D 281 -28.20 -45.64 12.49
CA ALA D 281 -27.55 -46.52 11.51
C ALA D 281 -28.37 -46.55 10.21
N VAL D 282 -29.68 -46.71 10.32
CA VAL D 282 -30.57 -46.69 9.11
C VAL D 282 -30.36 -45.41 8.31
N GLU D 283 -30.37 -44.22 8.93
CA GLU D 283 -30.25 -42.98 8.16
C GLU D 283 -28.88 -42.89 7.54
N GLU D 284 -27.82 -43.35 8.24
CA GLU D 284 -26.45 -43.28 7.65
C GLU D 284 -26.39 -44.29 6.50
N MET D 285 -27.08 -45.43 6.58
CA MET D 285 -27.03 -46.38 5.45
C MET D 285 -27.80 -45.81 4.24
N LEU D 286 -28.85 -45.02 4.46
CA LEU D 286 -29.58 -44.37 3.34
C LEU D 286 -28.77 -43.18 2.79
N ARG D 287 -27.93 -42.55 3.62
CA ARG D 287 -27.05 -41.49 3.11
C ARG D 287 -25.88 -42.13 2.35
N TYR D 288 -25.29 -43.19 2.89
CA TYR D 288 -23.93 -43.65 2.48
C TYR D 288 -24.02 -44.78 1.45
N ARG D 289 -25.05 -45.64 1.54
CA ARG D 289 -24.98 -46.94 0.81
C ARG D 289 -26.14 -47.14 -0.17
N PHE D 290 -27.06 -46.21 -0.31
CA PHE D 290 -28.11 -46.34 -1.34
C PHE D 290 -27.69 -45.65 -2.64
N HIS D 291 -27.33 -46.45 -3.63
CA HIS D 291 -26.83 -45.96 -4.95
C HIS D 291 -27.56 -46.70 -6.06
N ILE D 292 -27.82 -46.04 -7.17
CA ILE D 292 -27.70 -44.62 -7.40
C ILE D 292 -29.08 -44.02 -7.32
N SER D 293 -29.25 -42.94 -6.54
CA SER D 293 -30.53 -42.20 -6.49
CA SER D 293 -30.52 -42.18 -6.48
C SER D 293 -30.44 -41.01 -7.46
N ARG D 294 -31.33 -40.98 -8.45
CA ARG D 294 -31.42 -39.80 -9.34
C ARG D 294 -32.82 -39.73 -9.88
N ARG D 295 -33.28 -38.50 -9.99
CA ARG D 295 -34.62 -38.17 -10.54
C ARG D 295 -34.44 -37.02 -11.50
N ASP D 296 -35.23 -36.96 -12.56
CA ASP D 296 -35.13 -35.79 -13.44
C ASP D 296 -36.38 -34.94 -13.31
N ARG D 297 -36.23 -33.69 -13.72
CA ARG D 297 -37.32 -32.72 -13.87
C ARG D 297 -37.16 -32.07 -15.24
N THR D 298 -38.23 -31.45 -15.72
CA THR D 298 -38.26 -30.57 -16.89
C THR D 298 -38.43 -29.15 -16.43
N VAL D 299 -37.57 -28.26 -16.90
CA VAL D 299 -37.69 -26.83 -16.54
C VAL D 299 -39.01 -26.29 -17.06
N LYS D 300 -39.76 -25.67 -16.17
CA LYS D 300 -41.13 -25.17 -16.40
C LYS D 300 -41.05 -23.68 -16.74
N GLN D 301 -40.05 -22.98 -16.23
CA GLN D 301 -39.93 -21.51 -16.43
C GLN D 301 -38.45 -21.17 -16.49
N ASP D 302 -38.04 -20.32 -17.43
CA ASP D 302 -36.62 -19.92 -17.55
C ASP D 302 -36.14 -19.43 -16.18
N ASN D 303 -34.91 -19.75 -15.80
CA ASN D 303 -34.44 -19.32 -14.47
C ASN D 303 -32.93 -19.47 -14.42
N GLU D 304 -32.34 -18.80 -13.42
CA GLU D 304 -30.90 -18.84 -13.11
C GLU D 304 -30.70 -19.32 -11.67
N LEU D 305 -31.68 -20.00 -11.10
CA LEU D 305 -31.64 -20.38 -9.66
C LEU D 305 -30.35 -21.16 -9.32
N LEU D 306 -29.89 -22.03 -10.24
CA LEU D 306 -28.72 -22.92 -9.99
C LEU D 306 -27.41 -22.27 -10.46
N GLY D 307 -27.45 -20.98 -10.82
CA GLY D 307 -26.25 -20.23 -11.24
C GLY D 307 -25.94 -20.40 -12.71
N VAL D 308 -26.79 -21.12 -13.43
CA VAL D 308 -26.67 -21.30 -14.91
C VAL D 308 -28.05 -20.93 -15.46
N LYS D 309 -28.07 -20.36 -16.64
CA LYS D 309 -29.32 -20.04 -17.31
C LYS D 309 -29.92 -21.36 -17.76
N LEU D 310 -31.15 -21.61 -17.33
CA LEU D 310 -31.99 -22.73 -17.81
C LEU D 310 -33.23 -22.13 -18.46
N LYS D 311 -33.73 -22.83 -19.48
CA LYS D 311 -34.87 -22.46 -20.32
C LYS D 311 -35.95 -23.53 -20.19
N LYS D 312 -37.20 -23.11 -20.30
CA LYS D 312 -38.42 -23.97 -20.43
C LYS D 312 -38.10 -25.13 -21.38
N GLY D 313 -38.27 -26.36 -20.90
CA GLY D 313 -38.01 -27.61 -21.63
C GLY D 313 -36.67 -28.28 -21.38
N ASP D 314 -35.69 -27.62 -20.76
CA ASP D 314 -34.41 -28.28 -20.46
C ASP D 314 -34.68 -29.42 -19.48
N VAL D 315 -33.91 -30.48 -19.61
CA VAL D 315 -34.01 -31.63 -18.69
C VAL D 315 -32.88 -31.51 -17.68
N VAL D 316 -33.22 -31.56 -16.40
CA VAL D 316 -32.22 -31.52 -15.30
C VAL D 316 -32.29 -32.85 -14.57
N ILE D 317 -31.15 -33.53 -14.44
CA ILE D 317 -31.00 -34.75 -13.60
C ILE D 317 -30.41 -34.35 -12.25
N ALA D 318 -31.16 -34.61 -11.19
CA ALA D 318 -30.70 -34.38 -9.80
C ALA D 318 -30.08 -35.69 -9.28
N TRP D 319 -28.77 -35.74 -9.07
CA TRP D 319 -28.11 -37.00 -8.59
C TRP D 319 -28.10 -36.99 -7.05
N MET D 320 -29.19 -37.43 -6.45
CA MET D 320 -29.33 -37.34 -4.99
C MET D 320 -28.24 -38.15 -4.28
N SER D 321 -27.85 -39.32 -4.76
CA SER D 321 -26.84 -40.13 -4.04
C SER D 321 -25.48 -39.41 -4.04
N ALA D 322 -25.15 -38.63 -5.06
CA ALA D 322 -23.96 -37.75 -5.07
C ALA D 322 -24.12 -36.65 -4.03
N CYS D 323 -25.26 -35.96 -3.99
CA CYS D 323 -25.45 -34.75 -3.16
C CYS D 323 -25.39 -35.17 -1.68
N ASN D 324 -25.67 -36.45 -1.39
CA ASN D 324 -25.57 -37.00 -0.01
C ASN D 324 -24.09 -37.07 0.42
N MET D 325 -23.15 -36.87 -0.50
CA MET D 325 -21.73 -36.87 -0.17
C MET D 325 -21.08 -35.51 -0.47
N ASP D 326 -21.91 -34.47 -0.46
CA ASP D 326 -21.44 -33.07 -0.59
C ASP D 326 -20.88 -32.58 0.75
N GLU D 327 -19.57 -32.36 0.82
CA GLU D 327 -18.83 -32.00 2.06
C GLU D 327 -19.21 -30.61 2.55
N THR D 328 -19.84 -29.78 1.74
CA THR D 328 -20.33 -28.47 2.24
C THR D 328 -21.51 -28.67 3.20
N MET D 329 -22.19 -29.82 3.14
CA MET D 329 -23.40 -30.14 3.94
C MET D 329 -23.09 -31.25 4.93
N PHE D 330 -22.46 -32.33 4.48
CA PHE D 330 -22.18 -33.53 5.29
C PHE D 330 -20.69 -33.58 5.55
N GLU D 331 -20.29 -33.36 6.80
CA GLU D 331 -18.83 -33.32 7.13
C GLU D 331 -18.23 -34.70 6.92
N ASN D 332 -17.00 -34.79 6.39
CA ASN D 332 -16.32 -36.11 6.22
CA ASN D 332 -16.28 -36.07 6.13
C ASN D 332 -17.24 -37.02 5.42
N PRO D 333 -17.75 -36.61 4.24
CA PRO D 333 -18.90 -37.30 3.63
C PRO D 333 -18.62 -38.71 3.12
N PHE D 334 -17.35 -39.03 2.86
CA PHE D 334 -17.01 -40.32 2.23
C PHE D 334 -16.71 -41.34 3.31
N SER D 335 -16.99 -41.00 4.56
CA SER D 335 -16.83 -41.90 5.72
C SER D 335 -18.18 -42.24 6.34
N VAL D 336 -18.35 -43.45 6.84
CA VAL D 336 -19.51 -43.87 7.66
C VAL D 336 -19.38 -43.19 9.03
N ASP D 337 -20.38 -42.41 9.40
CA ASP D 337 -20.45 -41.81 10.73
C ASP D 337 -21.92 -41.72 11.12
N ILE D 338 -22.40 -42.67 11.91
CA ILE D 338 -23.82 -42.69 12.31
C ILE D 338 -24.11 -41.51 13.25
N HIS D 339 -23.05 -40.89 13.84
CA HIS D 339 -23.23 -39.79 14.81
C HIS D 339 -23.23 -38.41 14.14
N ARG D 340 -23.03 -38.34 12.84
CA ARG D 340 -23.04 -37.04 12.09
C ARG D 340 -24.42 -36.43 12.25
N PRO D 341 -24.54 -35.19 12.78
CA PRO D 341 -25.85 -34.65 13.14
C PRO D 341 -26.79 -34.28 11.98
N THR D 342 -26.28 -34.25 10.76
CA THR D 342 -27.02 -33.88 9.55
C THR D 342 -27.50 -35.12 8.77
N ASN D 343 -27.25 -36.36 9.22
CA ASN D 343 -27.55 -37.55 8.38
C ASN D 343 -29.02 -37.57 7.94
N LYS D 344 -29.95 -37.10 8.77
CA LYS D 344 -31.40 -37.24 8.44
C LYS D 344 -31.77 -36.24 7.33
N LYS D 345 -30.85 -35.35 6.91
CA LYS D 345 -31.10 -34.38 5.83
C LYS D 345 -30.73 -34.97 4.44
N HIS D 346 -30.35 -36.25 4.36
CA HIS D 346 -30.10 -36.90 3.05
C HIS D 346 -31.34 -36.78 2.19
N LEU D 347 -31.16 -36.90 0.88
CA LEU D 347 -32.25 -36.73 -0.09
C LEU D 347 -32.53 -38.03 -0.82
N THR D 348 -32.27 -39.19 -0.19
CA THR D 348 -32.57 -40.53 -0.77
C THR D 348 -34.07 -40.69 -1.07
N PHE D 349 -34.94 -40.03 -0.33
CA PHE D 349 -36.41 -40.09 -0.51
C PHE D 349 -36.95 -38.88 -1.23
N GLY D 350 -36.10 -38.02 -1.78
CA GLY D 350 -36.53 -36.79 -2.43
C GLY D 350 -36.79 -35.68 -1.43
N ASN D 351 -37.57 -34.70 -1.87
CA ASN D 351 -37.81 -33.46 -1.09
C ASN D 351 -38.94 -32.70 -1.78
N GLY D 352 -39.90 -32.17 -1.01
CA GLY D 352 -41.02 -31.40 -1.55
C GLY D 352 -42.23 -32.29 -1.79
N PRO D 353 -43.14 -31.87 -2.66
CA PRO D 353 -44.45 -32.51 -2.77
C PRO D 353 -44.40 -34.01 -3.11
N HIS D 354 -43.39 -34.45 -3.87
CA HIS D 354 -43.25 -35.88 -4.28
C HIS D 354 -42.47 -36.68 -3.24
N PHE D 355 -42.06 -36.08 -2.13
CA PHE D 355 -41.33 -36.77 -1.06
C PHE D 355 -41.94 -38.15 -0.84
N CYS D 356 -41.09 -39.18 -0.82
CA CYS D 356 -41.53 -40.59 -0.81
C CYS D 356 -42.64 -40.85 0.22
N LEU D 357 -43.80 -41.29 -0.28
CA LEU D 357 -44.97 -41.66 0.55
C LEU D 357 -44.61 -42.86 1.43
N GLY D 358 -43.72 -43.70 0.98
CA GLY D 358 -43.33 -44.89 1.75
C GLY D 358 -42.12 -44.65 2.64
N ALA D 359 -41.60 -43.42 2.80
CA ALA D 359 -40.34 -43.22 3.54
C ALA D 359 -40.47 -43.71 4.99
N PRO D 360 -41.56 -43.35 5.71
CA PRO D 360 -41.73 -43.83 7.07
C PRO D 360 -41.76 -45.36 7.13
N LEU D 361 -42.45 -46.01 6.19
CA LEU D 361 -42.50 -47.51 6.18
C LEU D 361 -41.12 -48.09 5.88
N ALA D 362 -40.43 -47.59 4.85
CA ALA D 362 -39.10 -48.11 4.51
C ALA D 362 -38.17 -47.90 5.69
N ARG D 363 -38.16 -46.72 6.34
CA ARG D 363 -37.30 -46.48 7.51
C ARG D 363 -37.66 -47.47 8.63
N LEU D 364 -38.95 -47.70 8.82
CA LEU D 364 -39.44 -48.61 9.90
C LEU D 364 -38.98 -50.04 9.59
N GLU D 365 -39.13 -50.49 8.35
CA GLU D 365 -38.72 -51.86 7.95
C GLU D 365 -37.22 -52.03 8.18
N MET D 366 -36.41 -51.07 7.73
CA MET D 366 -34.94 -51.16 7.90
C MET D 366 -34.61 -51.25 9.41
N LYS D 367 -35.21 -50.38 10.22
CA LYS D 367 -34.95 -50.33 11.68
C LYS D 367 -35.32 -51.68 12.27
N ILE D 368 -36.48 -52.20 11.92
CA ILE D 368 -37.02 -53.43 12.56
C ILE D 368 -36.20 -54.64 12.15
N ILE D 369 -35.83 -54.77 10.87
CA ILE D 369 -35.06 -55.96 10.46
C ILE D 369 -33.65 -55.86 11.09
N LEU D 370 -33.10 -54.65 11.17
CA LEU D 370 -31.77 -54.48 11.83
C LEU D 370 -31.92 -54.95 13.30
N GLU D 371 -32.94 -54.46 13.98
CA GLU D 371 -33.16 -54.77 15.41
C GLU D 371 -33.32 -56.28 15.60
N ALA D 372 -34.06 -56.98 14.75
CA ALA D 372 -34.27 -58.43 14.86
C ALA D 372 -32.97 -59.15 14.60
N PHE D 373 -32.18 -58.64 13.67
CA PHE D 373 -30.92 -59.29 13.22
C PHE D 373 -29.91 -59.16 14.37
N LEU D 374 -29.82 -57.98 14.97
CA LEU D 374 -28.91 -57.70 16.10
C LEU D 374 -29.32 -58.60 17.28
N GLU D 375 -30.61 -58.83 17.47
CA GLU D 375 -31.08 -59.64 18.63
C GLU D 375 -30.60 -61.09 18.43
N ALA D 376 -30.60 -61.62 17.19
CA ALA D 376 -30.23 -63.02 16.89
C ALA D 376 -28.70 -63.21 16.84
N PHE D 377 -27.97 -62.35 16.15
CA PHE D 377 -26.55 -62.58 15.74
C PHE D 377 -25.63 -61.59 16.46
N SER D 378 -24.66 -62.13 17.20
CA SER D 378 -23.75 -61.32 18.04
C SER D 378 -22.65 -60.74 17.15
N HIS D 379 -22.22 -61.49 16.13
CA HIS D 379 -21.10 -61.07 15.23
C HIS D 379 -21.36 -61.64 13.84
N ILE D 380 -20.67 -61.07 12.87
CA ILE D 380 -20.78 -61.44 11.43
C ILE D 380 -19.37 -61.39 10.84
N GLU D 381 -19.21 -62.03 9.72
CA GLU D 381 -17.92 -62.16 9.02
C GLU D 381 -18.23 -62.39 7.56
N PRO D 382 -17.53 -61.71 6.64
CA PRO D 382 -17.72 -61.94 5.22
C PRO D 382 -17.12 -63.31 4.80
N PHE D 383 -17.60 -63.86 3.69
CA PHE D 383 -16.97 -65.00 2.97
C PHE D 383 -15.65 -64.51 2.36
N GLU D 384 -14.58 -65.25 2.61
CA GLU D 384 -13.22 -64.92 2.12
C GLU D 384 -13.26 -64.79 0.60
N ASP D 385 -14.03 -65.65 -0.07
CA ASP D 385 -13.97 -65.83 -1.55
C ASP D 385 -14.97 -64.91 -2.26
N PHE D 386 -15.77 -64.12 -1.56
CA PHE D 386 -16.83 -63.30 -2.22
C PHE D 386 -16.20 -62.29 -3.20
N GLU D 387 -16.67 -62.32 -4.45
CA GLU D 387 -16.36 -61.29 -5.45
C GLU D 387 -17.67 -60.59 -5.77
N LEU D 388 -17.64 -59.27 -5.83
CA LEU D 388 -18.86 -58.46 -6.00
C LEU D 388 -19.37 -58.57 -7.46
N GLU D 389 -18.49 -58.53 -8.47
CA GLU D 389 -18.90 -58.42 -9.89
C GLU D 389 -19.88 -59.51 -10.31
N PRO D 390 -19.62 -60.81 -10.02
CA PRO D 390 -20.53 -61.86 -10.47
C PRO D 390 -21.91 -61.88 -9.77
N HIS D 391 -22.05 -61.10 -8.70
CA HIS D 391 -23.26 -61.14 -7.81
C HIS D 391 -23.99 -59.80 -7.83
N LEU D 392 -23.81 -59.06 -8.91
CA LEU D 392 -24.56 -57.83 -9.19
C LEU D 392 -25.41 -58.03 -10.45
N THR D 393 -26.61 -57.46 -10.46
CA THR D 393 -27.45 -57.41 -11.70
C THR D 393 -27.96 -55.99 -11.93
N ALA D 394 -28.27 -55.64 -13.17
CA ALA D 394 -28.88 -54.33 -13.51
C ALA D 394 -30.18 -54.17 -12.73
N SER D 395 -30.44 -52.94 -12.26
CA SER D 395 -31.70 -52.58 -11.59
C SER D 395 -32.02 -51.11 -11.91
N ALA D 396 -33.16 -50.63 -11.41
CA ALA D 396 -33.62 -49.23 -11.57
C ALA D 396 -32.56 -48.31 -10.95
N THR D 397 -31.82 -48.79 -9.94
CA THR D 397 -30.86 -47.96 -9.16
C THR D 397 -29.43 -48.17 -9.69
N GLY D 398 -29.28 -48.90 -10.80
CA GLY D 398 -27.97 -49.14 -11.43
C GLY D 398 -27.64 -50.61 -11.30
N GLN D 399 -27.04 -51.02 -10.18
CA GLN D 399 -26.75 -52.44 -9.93
C GLN D 399 -27.27 -52.83 -8.55
N SER D 400 -27.68 -54.08 -8.38
CA SER D 400 -28.21 -54.56 -7.09
C SER D 400 -27.57 -55.93 -6.81
N LEU D 401 -27.28 -56.22 -5.57
CA LEU D 401 -26.81 -57.56 -5.14
C LEU D 401 -27.84 -58.63 -5.47
N THR D 402 -27.37 -59.76 -6.02
CA THR D 402 -28.18 -60.97 -6.22
C THR D 402 -27.82 -62.04 -5.20
N TYR D 403 -26.73 -61.85 -4.47
CA TYR D 403 -26.16 -62.81 -3.51
C TYR D 403 -25.27 -62.02 -2.53
N LEU D 404 -25.42 -62.27 -1.24
CA LEU D 404 -24.56 -61.66 -0.22
C LEU D 404 -24.41 -62.64 0.91
N PRO D 405 -23.35 -63.48 0.86
CA PRO D 405 -23.13 -64.47 1.90
C PRO D 405 -22.50 -63.80 3.12
N MET D 406 -22.82 -64.28 4.28
CA MET D 406 -22.06 -63.95 5.52
C MET D 406 -22.09 -65.13 6.46
N THR D 407 -21.00 -65.28 7.21
CA THR D 407 -20.97 -66.18 8.36
C THR D 407 -21.54 -65.43 9.53
N VAL D 408 -22.43 -66.08 10.28
CA VAL D 408 -23.06 -65.44 11.45
C VAL D 408 -22.72 -66.24 12.70
N TYR D 409 -22.61 -65.52 13.79
CA TYR D 409 -22.13 -66.07 15.08
C TYR D 409 -23.18 -65.80 16.15
N ARG D 410 -23.61 -66.90 16.71
CA ARG D 410 -24.63 -66.94 17.75
C ARG D 410 -24.27 -68.11 18.65
N HIS D 411 -24.43 -67.95 19.95
CA HIS D 411 -24.45 -69.12 20.87
C HIS D 411 -25.84 -69.74 20.77
N HIS D 412 -25.92 -70.99 20.30
CA HIS D 412 -27.19 -71.72 20.05
C HIS D 412 -27.80 -72.13 21.40
N HIS D 413 -29.05 -71.71 21.67
CA HIS D 413 -29.71 -71.71 23.01
C HIS D 413 -30.83 -72.77 23.03
#